data_2L41
#
_entry.id   2L41
#
loop_
_entity.id
_entity.type
_entity.pdbx_description
1 polymer 'RRM domain from Nuclear polyadenylated RNA-binding protein 3'
2 polymer "RNA (5'-R(P*UP*CP*UP*U)-3')"
#
loop_
_entity_poly.entity_id
_entity_poly.type
_entity_poly.pdbx_seq_one_letter_code
_entity_poly.pdbx_strand_id
1 'polypeptide(L)' PKSRLFIGNLPLKNVSKEDLFRIFSPYGHIMQINIKNAFGFIQFDNPQSVRDAIECESQEMNFGKKLILEVSSSNAR A
2 'polyribonucleotide' UCUU B
#
loop_
_chem_comp.id
_chem_comp.type
_chem_comp.name
_chem_comp.formula
C RNA linking CYTIDINE-5'-MONOPHOSPHATE 'C9 H14 N3 O8 P'
U RNA linking URIDINE-5'-MONOPHOSPHATE 'C9 H13 N2 O9 P'
#
# COMPACT_ATOMS: atom_id res chain seq x y z
N PRO A 1 5.94 -15.60 -3.16
CA PRO A 1 6.76 -14.70 -2.32
C PRO A 1 5.90 -13.88 -1.34
N LYS A 2 6.53 -13.11 -0.44
CA LYS A 2 5.83 -12.22 0.51
C LYS A 2 6.38 -10.80 0.48
N SER A 3 5.53 -9.85 0.79
CA SER A 3 5.80 -8.41 0.86
C SER A 3 4.74 -7.75 1.75
N ARG A 4 5.07 -6.65 2.44
CA ARG A 4 4.07 -5.80 3.09
C ARG A 4 4.19 -4.34 2.66
N LEU A 5 3.08 -3.63 2.71
CA LEU A 5 2.93 -2.26 2.24
C LEU A 5 2.34 -1.41 3.37
N PHE A 6 3.05 -0.34 3.69
CA PHE A 6 2.74 0.61 4.74
C PHE A 6 2.17 1.91 4.14
N ILE A 7 1.11 2.45 4.76
CA ILE A 7 0.51 3.74 4.40
C ILE A 7 0.98 4.80 5.40
N GLY A 8 1.31 5.99 4.89
CA GLY A 8 1.55 7.17 5.74
C GLY A 8 0.30 7.62 6.51
N ASN A 9 0.40 8.73 7.21
CA ASN A 9 -0.65 9.29 8.07
C ASN A 9 -1.70 10.16 7.34
N LEU A 10 -1.72 10.11 6.01
CA LEU A 10 -2.72 10.75 5.15
C LEU A 10 -4.19 10.32 5.43
N PRO A 11 -4.53 9.01 5.61
CA PRO A 11 -5.91 8.57 5.73
C PRO A 11 -6.50 8.76 7.14
N LEU A 12 -5.94 9.65 7.96
CA LEU A 12 -6.44 10.04 9.29
C LEU A 12 -7.66 10.99 9.14
N LYS A 13 -8.69 10.48 8.47
CA LYS A 13 -9.93 11.14 8.05
C LYS A 13 -11.08 10.11 7.91
N ASN A 14 -11.01 9.07 8.74
CA ASN A 14 -11.63 7.75 8.59
C ASN A 14 -11.22 7.01 7.31
N VAL A 15 -11.15 5.68 7.44
CA VAL A 15 -10.56 4.78 6.43
C VAL A 15 -11.23 3.41 6.48
N SER A 16 -11.23 2.69 5.35
CA SER A 16 -11.84 1.37 5.16
C SER A 16 -10.87 0.46 4.39
N LYS A 17 -11.10 -0.87 4.35
CA LYS A 17 -10.34 -1.80 3.49
C LYS A 17 -10.32 -1.33 2.04
N GLU A 18 -11.41 -0.70 1.64
CA GLU A 18 -11.65 -0.14 0.31
C GLU A 18 -10.77 1.05 -0.06
N ASP A 19 -10.22 1.77 0.92
CA ASP A 19 -9.21 2.81 0.69
C ASP A 19 -7.89 2.17 0.24
N LEU A 20 -7.44 1.12 0.92
CA LEU A 20 -6.23 0.40 0.52
C LEU A 20 -6.47 -0.47 -0.74
N PHE A 21 -7.69 -0.96 -0.95
CA PHE A 21 -8.11 -1.62 -2.19
C PHE A 21 -8.01 -0.68 -3.40
N ARG A 22 -8.50 0.56 -3.30
CA ARG A 22 -8.42 1.53 -4.40
C ARG A 22 -6.97 1.84 -4.73
N ILE A 23 -6.11 1.94 -3.70
CA ILE A 23 -4.67 2.10 -3.84
C ILE A 23 -4.09 0.89 -4.58
N PHE A 24 -3.93 -0.27 -3.94
CA PHE A 24 -3.37 -1.48 -4.56
C PHE A 24 -4.35 -2.65 -4.55
N SER A 25 -4.63 -3.18 -5.74
CA SER A 25 -5.33 -4.45 -5.99
C SER A 25 -5.03 -5.05 -7.36
N PRO A 26 -4.96 -4.28 -8.49
CA PRO A 26 -4.60 -4.83 -9.80
C PRO A 26 -3.09 -5.00 -9.98
N TYR A 27 -2.39 -5.52 -8.96
CA TYR A 27 -0.95 -5.71 -8.94
C TYR A 27 -0.59 -7.08 -8.36
N GLY A 28 0.48 -7.69 -8.86
CA GLY A 28 1.09 -8.89 -8.27
C GLY A 28 0.20 -10.14 -8.22
N HIS A 29 0.59 -11.08 -7.35
CA HIS A 29 -0.16 -12.30 -7.06
C HIS A 29 -1.04 -12.17 -5.80
N ILE A 30 -1.00 -11.04 -5.09
CA ILE A 30 -1.85 -10.68 -3.93
C ILE A 30 -1.67 -11.61 -2.71
N MET A 31 -2.20 -11.22 -1.55
CA MET A 31 -2.44 -12.14 -0.41
C MET A 31 -3.60 -11.64 0.45
N GLN A 32 -3.44 -10.55 1.22
CA GLN A 32 -4.41 -10.08 2.22
C GLN A 32 -4.28 -8.58 2.54
N ILE A 33 -5.38 -8.00 3.00
CA ILE A 33 -5.49 -6.62 3.55
C ILE A 33 -5.53 -6.67 5.09
N ASN A 34 -4.77 -5.79 5.75
CA ASN A 34 -4.81 -5.58 7.21
C ASN A 34 -5.02 -4.10 7.53
N ILE A 35 -6.22 -3.61 7.22
CA ILE A 35 -6.58 -2.22 7.44
C ILE A 35 -6.71 -1.92 8.95
N LYS A 36 -6.19 -0.76 9.36
CA LYS A 36 -6.28 -0.24 10.74
C LYS A 36 -6.90 1.16 10.68
N ASN A 37 -7.69 1.52 11.68
CA ASN A 37 -8.56 2.69 11.66
C ASN A 37 -7.84 4.06 11.73
N ALA A 38 -6.53 4.11 11.96
CA ALA A 38 -5.70 5.30 11.76
C ALA A 38 -5.05 5.29 10.37
N PHE A 39 -4.25 4.27 10.08
CA PHE A 39 -3.60 4.01 8.78
C PHE A 39 -3.40 2.50 8.58
N GLY A 40 -3.78 1.97 7.41
CA GLY A 40 -3.75 0.53 7.16
C GLY A 40 -2.40 -0.04 6.76
N PHE A 41 -2.35 -1.38 6.71
CA PHE A 41 -1.30 -2.17 6.08
C PHE A 41 -1.88 -3.13 5.03
N ILE A 42 -1.07 -3.49 4.04
CA ILE A 42 -1.32 -4.57 3.08
C ILE A 42 -0.22 -5.63 3.23
N GLN A 43 -0.51 -6.89 2.91
CA GLN A 43 0.50 -7.95 2.81
C GLN A 43 0.21 -8.79 1.55
N PHE A 44 1.04 -8.67 0.51
CA PHE A 44 0.80 -9.21 -0.84
C PHE A 44 1.98 -10.07 -1.35
N ASP A 45 1.69 -10.92 -2.33
CA ASP A 45 2.68 -11.68 -3.09
C ASP A 45 3.14 -10.89 -4.34
N ASN A 46 4.40 -11.07 -4.74
CA ASN A 46 5.23 -10.24 -5.64
C ASN A 46 5.59 -8.83 -5.10
N PRO A 47 6.68 -8.66 -4.32
CA PRO A 47 7.18 -7.35 -3.87
C PRO A 47 7.55 -6.38 -5.00
N GLN A 48 8.01 -6.87 -6.16
CA GLN A 48 8.39 -5.99 -7.28
C GLN A 48 7.15 -5.30 -7.88
N SER A 49 6.02 -6.00 -7.92
CA SER A 49 4.73 -5.40 -8.29
C SER A 49 4.23 -4.38 -7.26
N VAL A 50 4.43 -4.64 -5.96
CA VAL A 50 4.10 -3.70 -4.87
C VAL A 50 4.96 -2.43 -5.00
N ARG A 51 6.24 -2.57 -5.34
CA ARG A 51 7.14 -1.43 -5.58
C ARG A 51 6.83 -0.69 -6.88
N ASP A 52 6.42 -1.38 -7.94
CA ASP A 52 5.93 -0.79 -9.19
C ASP A 52 4.59 -0.05 -9.00
N ALA A 53 3.77 -0.53 -8.07
CA ALA A 53 2.53 0.12 -7.66
C ALA A 53 2.79 1.39 -6.83
N ILE A 54 3.86 1.46 -6.02
CA ILE A 54 4.25 2.70 -5.30
C ILE A 54 4.57 3.82 -6.31
N GLU A 55 5.40 3.54 -7.32
CA GLU A 55 5.75 4.54 -8.34
C GLU A 55 4.61 4.85 -9.33
N CYS A 56 3.59 3.98 -9.40
CA CYS A 56 2.35 4.21 -10.12
C CYS A 56 1.41 5.15 -9.35
N GLU A 57 1.05 4.78 -8.13
CA GLU A 57 -0.02 5.42 -7.36
C GLU A 57 0.51 6.58 -6.51
N SER A 58 1.63 6.39 -5.80
CA SER A 58 2.31 7.42 -4.99
C SER A 58 3.14 8.40 -5.84
N GLN A 59 2.91 8.44 -7.16
CA GLN A 59 3.60 9.35 -8.07
C GLN A 59 3.38 10.81 -7.65
N GLU A 60 4.42 11.63 -7.74
CA GLU A 60 4.50 12.93 -7.07
C GLU A 60 4.99 14.07 -7.98
N MET A 61 4.24 15.16 -7.97
CA MET A 61 4.56 16.44 -8.61
C MET A 61 5.16 17.41 -7.59
N ASN A 62 5.77 18.52 -8.03
CA ASN A 62 6.41 19.50 -7.16
C ASN A 62 5.41 20.43 -6.40
N PHE A 63 4.42 19.82 -5.75
CA PHE A 63 3.39 20.45 -4.90
C PHE A 63 3.33 19.76 -3.51
N GLY A 64 4.47 19.27 -3.01
CA GLY A 64 4.62 18.70 -1.66
C GLY A 64 4.13 17.26 -1.48
N LYS A 65 4.05 16.81 -0.23
CA LYS A 65 3.60 15.47 0.17
C LYS A 65 2.08 15.33 0.04
N LYS A 66 1.62 14.73 -1.06
CA LYS A 66 0.21 14.41 -1.33
C LYS A 66 -0.12 12.92 -1.20
N LEU A 67 0.85 12.02 -1.33
CA LEU A 67 0.71 10.57 -1.12
C LEU A 67 1.97 9.98 -0.49
N ILE A 68 1.78 9.02 0.41
CA ILE A 68 2.84 8.29 1.12
C ILE A 68 2.49 6.80 1.17
N LEU A 69 3.24 5.99 0.40
CA LEU A 69 3.21 4.53 0.36
C LEU A 69 4.66 4.01 0.48
N GLU A 70 4.89 2.94 1.24
CA GLU A 70 6.22 2.37 1.48
C GLU A 70 6.19 0.83 1.51
N VAL A 71 7.10 0.17 0.78
CA VAL A 71 7.21 -1.30 0.78
C VAL A 71 8.22 -1.77 1.82
N SER A 72 7.84 -2.79 2.59
CA SER A 72 8.72 -3.66 3.37
C SER A 72 8.74 -5.04 2.73
N SER A 73 9.77 -5.33 1.94
CA SER A 73 9.88 -6.50 1.07
C SER A 73 10.24 -7.80 1.81
N SER A 74 9.76 -7.95 3.05
CA SER A 74 9.95 -9.11 3.91
C SER A 74 9.33 -10.36 3.27
N ASN A 75 10.17 -11.21 2.70
CA ASN A 75 9.82 -12.47 2.06
C ASN A 75 9.55 -13.59 3.10
N ALA A 76 8.96 -13.21 4.23
CA ALA A 76 8.72 -14.03 5.41
C ALA A 76 7.30 -13.78 5.96
N ARG A 77 6.67 -14.82 6.51
CA ARG A 77 5.28 -14.81 6.98
C ARG A 77 5.14 -15.36 8.39
N PRO A 1 5.82 -15.90 -3.00
CA PRO A 1 6.72 -14.97 -2.28
C PRO A 1 5.96 -14.12 -1.24
N LYS A 2 6.61 -13.11 -0.65
CA LYS A 2 6.03 -12.25 0.40
C LYS A 2 6.58 -10.82 0.46
N SER A 3 5.71 -9.90 0.81
CA SER A 3 5.97 -8.46 0.96
C SER A 3 4.85 -7.80 1.75
N ARG A 4 5.07 -6.56 2.17
CA ARG A 4 4.04 -5.72 2.77
C ARG A 4 4.16 -4.28 2.30
N LEU A 5 3.04 -3.58 2.31
CA LEU A 5 2.89 -2.20 1.87
C LEU A 5 2.21 -1.40 2.99
N PHE A 6 2.89 -0.37 3.46
CA PHE A 6 2.44 0.48 4.55
C PHE A 6 1.84 1.79 4.04
N ILE A 7 0.68 2.19 4.56
CA ILE A 7 0.11 3.53 4.38
C ILE A 7 0.61 4.45 5.51
N GLY A 8 1.63 5.25 5.23
CA GLY A 8 2.16 6.22 6.18
C GLY A 8 1.15 7.32 6.52
N ASN A 9 1.32 7.95 7.70
CA ASN A 9 0.43 8.96 8.28
C ASN A 9 0.11 10.12 7.30
N LEU A 10 -1.05 10.02 6.65
CA LEU A 10 -1.55 10.96 5.65
C LEU A 10 -3.09 11.04 5.63
N PRO A 11 -3.86 9.94 5.42
CA PRO A 11 -5.31 10.06 5.16
C PRO A 11 -6.12 10.45 6.40
N LEU A 12 -5.91 9.79 7.55
CA LEU A 12 -6.49 10.08 8.88
C LEU A 12 -8.03 10.11 9.01
N LYS A 13 -8.78 10.19 7.91
CA LYS A 13 -10.24 10.40 7.87
C LYS A 13 -10.94 9.37 6.98
N ASN A 14 -12.13 8.96 7.40
CA ASN A 14 -13.04 8.02 6.74
C ASN A 14 -12.37 6.73 6.19
N VAL A 15 -11.26 6.28 6.80
CA VAL A 15 -10.45 5.20 6.22
C VAL A 15 -11.20 3.87 6.25
N SER A 16 -11.09 3.12 5.15
CA SER A 16 -11.81 1.87 4.93
C SER A 16 -10.94 0.86 4.18
N LYS A 17 -11.24 -0.43 4.29
CA LYS A 17 -10.51 -1.50 3.55
C LYS A 17 -10.59 -1.30 2.04
N GLU A 18 -11.65 -0.61 1.57
CA GLU A 18 -11.78 -0.14 0.20
C GLU A 18 -10.74 0.93 -0.20
N ASP A 19 -10.21 1.74 0.71
CA ASP A 19 -9.07 2.63 0.40
C ASP A 19 -7.80 1.83 0.14
N LEU A 20 -7.51 0.81 0.95
CA LEU A 20 -6.37 -0.08 0.74
C LEU A 20 -6.53 -0.82 -0.61
N PHE A 21 -7.73 -1.34 -0.89
CA PHE A 21 -8.05 -2.06 -2.12
C PHE A 21 -8.08 -1.17 -3.38
N ARG A 22 -8.58 0.09 -3.30
CA ARG A 22 -8.57 1.04 -4.44
C ARG A 22 -7.16 1.54 -4.74
N ILE A 23 -6.31 1.65 -3.71
CA ILE A 23 -4.87 1.91 -3.84
C ILE A 23 -4.22 0.72 -4.56
N PHE A 24 -4.03 -0.43 -3.90
CA PHE A 24 -3.28 -1.57 -4.47
C PHE A 24 -4.15 -2.83 -4.45
N SER A 25 -4.55 -3.32 -5.62
CA SER A 25 -5.25 -4.61 -5.78
C SER A 25 -5.11 -5.26 -7.17
N PRO A 26 -5.33 -4.59 -8.32
CA PRO A 26 -5.35 -5.22 -9.64
C PRO A 26 -3.96 -5.39 -10.31
N TYR A 27 -2.87 -5.11 -9.59
CA TYR A 27 -1.50 -5.09 -10.13
C TYR A 27 -0.83 -6.49 -10.17
N GLY A 28 -1.58 -7.58 -10.04
CA GLY A 28 -1.03 -8.93 -9.97
C GLY A 28 -0.42 -9.33 -8.62
N HIS A 29 -0.16 -8.39 -7.71
CA HIS A 29 0.19 -8.64 -6.31
C HIS A 29 -1.06 -8.84 -5.45
N ILE A 30 -1.08 -9.87 -4.60
CA ILE A 30 -2.16 -10.11 -3.63
C ILE A 30 -1.74 -11.07 -2.51
N MET A 31 -2.36 -10.94 -1.33
CA MET A 31 -2.60 -12.00 -0.34
C MET A 31 -3.70 -11.54 0.64
N GLN A 32 -3.40 -10.52 1.46
CA GLN A 32 -4.25 -10.07 2.56
C GLN A 32 -4.13 -8.55 2.81
N ILE A 33 -5.17 -7.94 3.42
CA ILE A 33 -5.18 -6.53 3.86
C ILE A 33 -5.65 -6.42 5.31
N ASN A 34 -5.10 -5.46 6.07
CA ASN A 34 -5.58 -5.05 7.39
C ASN A 34 -5.56 -3.52 7.54
N ILE A 35 -6.38 -2.98 8.46
CA ILE A 35 -6.57 -1.52 8.60
C ILE A 35 -6.69 -1.08 10.07
N LYS A 36 -6.42 0.20 10.33
CA LYS A 36 -6.58 0.91 11.60
C LYS A 36 -7.30 2.25 11.40
N ASN A 37 -7.74 2.92 12.47
CA ASN A 37 -8.60 4.12 12.41
C ASN A 37 -8.00 5.35 11.67
N ALA A 38 -6.68 5.42 11.43
CA ALA A 38 -6.03 6.51 10.69
C ALA A 38 -5.11 6.07 9.52
N PHE A 39 -4.81 4.77 9.39
CA PHE A 39 -3.82 4.21 8.44
C PHE A 39 -4.07 2.70 8.21
N GLY A 40 -3.24 2.01 7.42
CA GLY A 40 -3.40 0.57 7.18
C GLY A 40 -2.16 -0.15 6.65
N PHE A 41 -2.24 -1.48 6.63
CA PHE A 41 -1.18 -2.38 6.14
C PHE A 41 -1.73 -3.41 5.15
N ILE A 42 -1.08 -3.49 3.99
CA ILE A 42 -1.25 -4.53 2.98
C ILE A 42 -0.15 -5.57 3.16
N GLN A 43 -0.48 -6.86 3.02
CA GLN A 43 0.42 -8.00 3.21
C GLN A 43 0.28 -8.91 1.98
N PHE A 44 1.13 -8.74 0.96
CA PHE A 44 0.94 -9.26 -0.41
C PHE A 44 2.12 -10.09 -0.94
N ASP A 45 1.85 -10.99 -1.88
CA ASP A 45 2.88 -11.60 -2.72
C ASP A 45 3.36 -10.62 -3.82
N ASN A 46 4.53 -10.88 -4.43
CA ASN A 46 5.21 -10.10 -5.47
C ASN A 46 5.62 -8.65 -5.05
N PRO A 47 6.73 -8.47 -4.29
CA PRO A 47 7.26 -7.15 -3.94
C PRO A 47 7.58 -6.24 -5.15
N GLN A 48 7.83 -6.80 -6.33
CA GLN A 48 8.25 -6.02 -7.51
C GLN A 48 7.08 -5.28 -8.17
N SER A 49 5.89 -5.90 -8.21
CA SER A 49 4.65 -5.21 -8.57
C SER A 49 4.23 -4.23 -7.48
N VAL A 50 4.49 -4.54 -6.19
CA VAL A 50 4.22 -3.61 -5.08
C VAL A 50 5.10 -2.37 -5.19
N ARG A 51 6.40 -2.51 -5.48
CA ARG A 51 7.29 -1.39 -5.86
C ARG A 51 6.77 -0.65 -7.09
N ASP A 52 6.40 -1.38 -8.16
CA ASP A 52 5.89 -0.80 -9.41
C ASP A 52 4.67 0.10 -9.20
N ALA A 53 3.82 -0.24 -8.23
CA ALA A 53 2.64 0.54 -7.89
C ALA A 53 2.95 1.76 -6.99
N ILE A 54 4.01 1.76 -6.17
CA ILE A 54 4.40 2.96 -5.37
C ILE A 54 4.78 4.11 -6.30
N GLU A 55 5.64 3.84 -7.28
CA GLU A 55 6.05 4.78 -8.33
C GLU A 55 4.91 5.09 -9.34
N CYS A 56 3.75 4.45 -9.24
CA CYS A 56 2.53 4.73 -10.01
C CYS A 56 1.42 5.41 -9.19
N GLU A 57 1.55 5.52 -7.86
CA GLU A 57 0.48 5.97 -6.97
C GLU A 57 0.98 6.95 -5.90
N SER A 58 2.00 6.60 -5.11
CA SER A 58 2.61 7.51 -4.12
C SER A 58 3.31 8.69 -4.78
N GLN A 59 3.67 8.55 -6.06
CA GLN A 59 4.26 9.59 -6.90
C GLN A 59 3.32 10.04 -8.05
N GLU A 60 2.03 9.71 -7.99
CA GLU A 60 1.00 10.20 -8.95
C GLU A 60 0.53 11.62 -8.62
N MET A 61 1.46 12.47 -8.17
CA MET A 61 1.27 13.87 -7.84
C MET A 61 2.61 14.59 -8.01
N ASN A 62 2.60 15.82 -8.52
CA ASN A 62 3.80 16.59 -8.84
C ASN A 62 3.88 17.88 -7.98
N PHE A 63 5.08 18.20 -7.49
CA PHE A 63 5.34 19.36 -6.62
C PHE A 63 4.45 19.40 -5.36
N GLY A 64 4.12 18.23 -4.79
CA GLY A 64 3.16 18.09 -3.70
C GLY A 64 3.04 16.65 -3.22
N LYS A 65 1.83 16.24 -2.83
CA LYS A 65 1.54 14.90 -2.29
C LYS A 65 0.09 14.46 -2.51
N LYS A 66 -0.13 13.15 -2.45
CA LYS A 66 -1.44 12.49 -2.39
C LYS A 66 -1.48 11.34 -1.37
N LEU A 67 -0.39 10.56 -1.26
CA LEU A 67 -0.27 9.41 -0.37
C LEU A 67 1.17 9.28 0.18
N ILE A 68 1.37 8.36 1.14
CA ILE A 68 2.69 7.93 1.61
C ILE A 68 2.70 6.41 1.61
N LEU A 69 3.40 5.79 0.64
CA LEU A 69 3.45 4.34 0.49
C LEU A 69 4.90 3.82 0.62
N GLU A 70 5.11 2.76 1.40
CA GLU A 70 6.42 2.10 1.57
C GLU A 70 6.28 0.57 1.46
N VAL A 71 7.13 -0.07 0.65
CA VAL A 71 7.21 -1.54 0.55
C VAL A 71 8.36 -2.11 1.40
N SER A 72 8.12 -3.28 2.01
CA SER A 72 9.11 -4.08 2.74
C SER A 72 8.92 -5.58 2.44
N SER A 73 9.99 -6.36 2.58
CA SER A 73 9.97 -7.83 2.63
C SER A 73 10.76 -8.35 3.85
N SER A 74 10.82 -7.55 4.92
CA SER A 74 11.38 -7.94 6.22
C SER A 74 10.44 -8.90 6.96
N ASN A 75 11.02 -9.84 7.71
CA ASN A 75 10.32 -10.96 8.34
C ASN A 75 10.79 -11.26 9.79
N ALA A 76 11.73 -10.47 10.32
CA ALA A 76 12.23 -10.51 11.70
C ALA A 76 12.44 -9.07 12.22
N ARG A 77 12.49 -8.85 13.54
CA ARG A 77 12.50 -7.49 14.13
C ARG A 77 13.32 -7.33 15.40
N PRO A 1 6.25 -15.37 -3.05
CA PRO A 1 6.98 -14.30 -2.35
C PRO A 1 6.15 -13.63 -1.24
N LYS A 2 6.79 -12.78 -0.44
CA LYS A 2 6.16 -11.99 0.61
C LYS A 2 6.56 -10.51 0.52
N SER A 3 5.63 -9.64 0.88
CA SER A 3 5.79 -8.19 0.90
C SER A 3 4.71 -7.56 1.77
N ARG A 4 5.03 -6.45 2.44
CA ARG A 4 4.05 -5.62 3.13
C ARG A 4 4.16 -4.17 2.68
N LEU A 5 3.05 -3.46 2.70
CA LEU A 5 2.92 -2.09 2.20
C LEU A 5 2.21 -1.25 3.25
N PHE A 6 2.86 -0.15 3.62
CA PHE A 6 2.46 0.76 4.69
C PHE A 6 1.86 2.06 4.12
N ILE A 7 0.76 2.53 4.72
CA ILE A 7 0.06 3.76 4.33
C ILE A 7 0.52 4.93 5.22
N GLY A 8 1.48 5.70 4.71
CA GLY A 8 2.06 6.87 5.38
C GLY A 8 1.16 8.10 5.44
N ASN A 9 0.01 8.14 4.77
CA ASN A 9 -0.94 9.28 4.85
C ASN A 9 -1.79 9.29 6.14
N LEU A 10 -1.26 8.77 7.25
CA LEU A 10 -1.83 8.76 8.60
C LEU A 10 -3.38 8.67 8.65
N PRO A 11 -3.99 7.54 8.22
CA PRO A 11 -5.44 7.33 8.22
C PRO A 11 -6.05 7.16 9.63
N LEU A 12 -5.82 8.17 10.48
CA LEU A 12 -6.42 8.41 11.79
C LEU A 12 -7.90 8.82 11.71
N LYS A 13 -8.47 8.95 10.50
CA LYS A 13 -9.85 9.36 10.23
C LYS A 13 -10.54 8.41 9.26
N ASN A 14 -11.86 8.30 9.41
CA ASN A 14 -12.81 7.42 8.72
C ASN A 14 -12.26 6.70 7.47
N VAL A 15 -11.82 5.46 7.65
CA VAL A 15 -11.22 4.61 6.61
C VAL A 15 -11.78 3.18 6.68
N SER A 16 -11.79 2.50 5.53
CA SER A 16 -12.24 1.12 5.33
C SER A 16 -11.27 0.37 4.41
N LYS A 17 -11.40 -0.96 4.35
CA LYS A 17 -10.58 -1.80 3.45
C LYS A 17 -10.70 -1.37 1.98
N GLU A 18 -11.81 -0.72 1.62
CA GLU A 18 -12.08 -0.20 0.28
C GLU A 18 -11.10 0.89 -0.17
N ASP A 19 -10.51 1.64 0.78
CA ASP A 19 -9.47 2.63 0.47
C ASP A 19 -8.14 1.95 0.16
N LEU A 20 -7.69 1.01 0.98
CA LEU A 20 -6.47 0.24 0.69
C LEU A 20 -6.64 -0.60 -0.60
N PHE A 21 -7.84 -1.12 -0.84
CA PHE A 21 -8.20 -1.85 -2.07
C PHE A 21 -8.25 -0.94 -3.31
N ARG A 22 -8.71 0.33 -3.19
CA ARG A 22 -8.63 1.30 -4.32
C ARG A 22 -7.18 1.68 -4.58
N ILE A 23 -6.35 1.82 -3.55
CA ILE A 23 -4.90 2.06 -3.67
C ILE A 23 -4.26 0.87 -4.40
N PHE A 24 -4.01 -0.26 -3.73
CA PHE A 24 -3.43 -1.45 -4.34
C PHE A 24 -4.36 -2.66 -4.20
N SER A 25 -4.97 -3.07 -5.32
CA SER A 25 -5.56 -4.39 -5.52
C SER A 25 -5.21 -5.05 -6.88
N PRO A 26 -4.98 -4.33 -8.01
CA PRO A 26 -4.73 -4.98 -9.30
C PRO A 26 -3.24 -5.28 -9.56
N TYR A 27 -2.39 -5.14 -8.54
CA TYR A 27 -0.94 -5.29 -8.65
C TYR A 27 -0.46 -6.61 -8.03
N GLY A 28 0.53 -7.24 -8.66
CA GLY A 28 1.25 -8.38 -8.10
C GLY A 28 0.42 -9.64 -7.94
N HIS A 29 0.89 -10.57 -7.10
CA HIS A 29 0.30 -11.90 -6.92
C HIS A 29 -0.61 -12.00 -5.68
N ILE A 30 -0.73 -10.91 -4.92
CA ILE A 30 -1.70 -10.70 -3.83
C ILE A 30 -1.57 -11.66 -2.62
N MET A 31 -2.10 -11.25 -1.47
CA MET A 31 -2.39 -12.14 -0.33
C MET A 31 -3.58 -11.53 0.46
N GLN A 32 -3.34 -10.52 1.32
CA GLN A 32 -4.35 -9.89 2.17
C GLN A 32 -4.20 -8.36 2.34
N ILE A 33 -5.32 -7.70 2.68
CA ILE A 33 -5.38 -6.30 3.13
C ILE A 33 -5.83 -6.27 4.59
N ASN A 34 -5.13 -5.52 5.45
CA ASN A 34 -5.40 -5.41 6.88
C ASN A 34 -5.53 -3.94 7.31
N ILE A 35 -6.76 -3.42 7.26
CA ILE A 35 -7.05 -2.02 7.55
C ILE A 35 -7.03 -1.76 9.06
N LYS A 36 -6.46 -0.64 9.49
CA LYS A 36 -6.42 -0.16 10.88
C LYS A 36 -6.78 1.32 10.89
N ASN A 37 -7.45 1.77 11.95
CA ASN A 37 -8.08 3.10 12.04
C ASN A 37 -7.09 4.21 12.47
N ALA A 38 -5.80 4.00 12.20
CA ALA A 38 -4.69 4.91 12.45
C ALA A 38 -3.64 4.80 11.34
N PHE A 39 -3.10 3.60 11.11
CA PHE A 39 -2.19 3.28 10.02
C PHE A 39 -2.48 1.87 9.48
N GLY A 40 -3.19 1.79 8.34
CA GLY A 40 -3.50 0.53 7.68
C GLY A 40 -2.33 -0.10 6.93
N PHE A 41 -2.39 -1.41 6.73
CA PHE A 41 -1.35 -2.21 6.06
C PHE A 41 -1.92 -3.12 4.97
N ILE A 42 -1.09 -3.40 3.98
CA ILE A 42 -1.29 -4.42 2.94
C ILE A 42 -0.20 -5.49 3.11
N GLN A 43 -0.53 -6.75 2.83
CA GLN A 43 0.31 -7.94 3.01
C GLN A 43 0.19 -8.80 1.75
N PHE A 44 1.04 -8.60 0.74
CA PHE A 44 0.88 -9.16 -0.63
C PHE A 44 2.06 -10.05 -1.07
N ASP A 45 1.81 -10.88 -2.07
CA ASP A 45 2.82 -11.58 -2.87
C ASP A 45 3.19 -10.76 -4.12
N ASN A 46 4.39 -10.99 -4.68
CA ASN A 46 5.10 -10.22 -5.71
C ASN A 46 5.54 -8.80 -5.25
N PRO A 47 6.63 -8.69 -4.45
CA PRO A 47 7.17 -7.41 -3.98
C PRO A 47 7.59 -6.46 -5.12
N GLN A 48 8.07 -6.98 -6.26
CA GLN A 48 8.40 -6.15 -7.41
C GLN A 48 7.18 -5.35 -7.88
N SER A 49 6.01 -6.00 -7.99
CA SER A 49 4.77 -5.30 -8.36
C SER A 49 4.22 -4.40 -7.25
N VAL A 50 4.47 -4.70 -5.97
CA VAL A 50 4.14 -3.78 -4.86
C VAL A 50 4.98 -2.50 -4.94
N ARG A 51 6.28 -2.62 -5.25
CA ARG A 51 7.17 -1.48 -5.48
C ARG A 51 6.82 -0.72 -6.77
N ASP A 52 6.54 -1.42 -7.86
CA ASP A 52 6.07 -0.84 -9.12
C ASP A 52 4.76 -0.06 -8.95
N ALA A 53 3.89 -0.50 -8.03
CA ALA A 53 2.66 0.21 -7.68
C ALA A 53 2.94 1.51 -6.88
N ILE A 54 4.02 1.61 -6.11
CA ILE A 54 4.45 2.87 -5.47
C ILE A 54 4.87 3.89 -6.54
N GLU A 55 5.73 3.51 -7.48
CA GLU A 55 6.09 4.36 -8.62
C GLU A 55 4.95 4.54 -9.65
N CYS A 56 3.83 3.83 -9.50
CA CYS A 56 2.58 4.08 -10.20
C CYS A 56 1.72 5.16 -9.50
N GLU A 57 1.50 5.01 -8.19
CA GLU A 57 0.44 5.71 -7.45
C GLU A 57 0.98 6.80 -6.49
N SER A 58 2.01 6.47 -5.69
CA SER A 58 2.67 7.42 -4.78
C SER A 58 3.45 8.50 -5.54
N GLN A 59 3.78 8.21 -6.80
CA GLN A 59 4.52 9.05 -7.73
C GLN A 59 3.69 9.39 -8.98
N GLU A 60 2.37 9.34 -8.90
CA GLU A 60 1.46 9.76 -10.00
C GLU A 60 1.59 11.26 -10.30
N MET A 61 1.44 11.66 -11.56
CA MET A 61 1.59 13.04 -12.05
C MET A 61 0.44 14.01 -11.66
N ASN A 62 -0.41 13.66 -10.71
CA ASN A 62 -1.62 14.42 -10.38
C ASN A 62 -1.33 15.70 -9.56
N PHE A 63 -2.31 16.60 -9.53
CA PHE A 63 -2.28 17.84 -8.75
C PHE A 63 -2.58 17.58 -7.26
N GLY A 64 -2.09 18.49 -6.41
CA GLY A 64 -2.28 18.47 -4.96
C GLY A 64 -1.32 17.52 -4.26
N LYS A 65 -1.70 17.03 -3.08
CA LYS A 65 -0.91 16.04 -2.34
C LYS A 65 -0.92 14.68 -3.05
N LYS A 66 0.09 13.86 -2.75
CA LYS A 66 0.27 12.50 -3.28
C LYS A 66 0.33 11.48 -2.15
N LEU A 67 -0.09 10.24 -2.43
CA LEU A 67 -0.08 9.19 -1.42
C LEU A 67 1.35 8.83 -1.02
N ILE A 68 1.58 8.63 0.27
CA ILE A 68 2.88 8.25 0.86
C ILE A 68 2.77 6.76 1.15
N LEU A 69 3.45 5.95 0.33
CA LEU A 69 3.35 4.49 0.35
C LEU A 69 4.76 3.90 0.47
N GLU A 70 4.97 2.91 1.33
CA GLU A 70 6.29 2.29 1.51
C GLU A 70 6.23 0.76 1.53
N VAL A 71 7.14 0.14 0.78
CA VAL A 71 7.26 -1.32 0.61
C VAL A 71 8.31 -1.90 1.56
N SER A 72 7.97 -3.05 2.14
CA SER A 72 8.74 -3.79 3.12
C SER A 72 8.57 -5.29 2.92
N SER A 73 9.41 -6.09 3.59
CA SER A 73 9.36 -7.56 3.56
C SER A 73 9.78 -8.11 4.92
N SER A 74 9.08 -9.12 5.44
CA SER A 74 9.53 -9.81 6.66
C SER A 74 10.86 -10.51 6.37
N ASN A 75 11.93 -10.02 6.99
CA ASN A 75 13.30 -10.48 6.75
C ASN A 75 14.09 -10.50 8.05
N ALA A 76 14.84 -11.58 8.28
CA ALA A 76 15.74 -11.69 9.42
C ALA A 76 16.85 -10.63 9.40
N ARG A 77 17.18 -10.10 10.58
CA ARG A 77 18.22 -9.07 10.77
C ARG A 77 18.93 -9.26 12.10
N PRO A 1 6.42 -14.98 -1.90
CA PRO A 1 6.91 -13.88 -1.05
C PRO A 1 5.87 -13.34 -0.06
N LYS A 2 6.35 -12.58 0.93
CA LYS A 2 5.60 -11.86 1.97
C LYS A 2 5.97 -10.37 1.88
N SER A 3 5.12 -9.60 1.20
CA SER A 3 5.41 -8.24 0.72
C SER A 3 4.39 -7.27 1.31
N ARG A 4 4.75 -6.61 2.42
CA ARG A 4 3.86 -5.66 3.09
C ARG A 4 3.98 -4.25 2.50
N LEU A 5 2.88 -3.51 2.59
CA LEU A 5 2.73 -2.14 2.10
C LEU A 5 2.17 -1.28 3.22
N PHE A 6 2.85 -0.18 3.52
CA PHE A 6 2.46 0.83 4.50
C PHE A 6 1.90 2.09 3.82
N ILE A 7 0.81 2.64 4.36
CA ILE A 7 0.29 3.97 3.99
C ILE A 7 0.99 5.06 4.80
N GLY A 8 1.99 5.72 4.22
CA GLY A 8 2.66 6.89 4.81
C GLY A 8 1.87 8.20 4.71
N ASN A 9 0.76 8.21 3.99
CA ASN A 9 -0.13 9.37 3.80
C ASN A 9 -1.03 9.64 5.02
N LEU A 10 -0.43 9.69 6.22
CA LEU A 10 -1.05 9.95 7.53
C LEU A 10 -2.44 9.27 7.70
N PRO A 11 -2.52 7.93 7.75
CA PRO A 11 -3.78 7.16 7.74
C PRO A 11 -4.59 7.21 9.05
N LEU A 12 -4.31 8.15 9.95
CA LEU A 12 -4.94 8.27 11.27
C LEU A 12 -6.32 8.98 11.18
N LYS A 13 -7.05 8.78 10.07
CA LYS A 13 -8.21 9.57 9.63
C LYS A 13 -9.44 8.70 9.33
N ASN A 14 -9.83 7.85 10.28
CA ASN A 14 -10.87 6.82 10.13
C ASN A 14 -10.78 6.03 8.81
N VAL A 15 -9.61 5.43 8.56
CA VAL A 15 -9.32 4.68 7.33
C VAL A 15 -10.19 3.43 7.21
N SER A 16 -10.30 2.89 6.00
CA SER A 16 -11.12 1.72 5.67
C SER A 16 -10.51 0.86 4.57
N LYS A 17 -10.85 -0.43 4.54
CA LYS A 17 -10.24 -1.42 3.64
C LYS A 17 -10.45 -1.13 2.16
N GLU A 18 -11.55 -0.49 1.78
CA GLU A 18 -11.81 -0.05 0.41
C GLU A 18 -10.84 1.06 -0.07
N ASP A 19 -10.22 1.81 0.84
CA ASP A 19 -9.19 2.82 0.53
C ASP A 19 -7.85 2.13 0.24
N LEU A 20 -7.51 1.08 0.99
CA LEU A 20 -6.35 0.22 0.74
C LEU A 20 -6.52 -0.58 -0.56
N PHE A 21 -7.72 -1.14 -0.78
CA PHE A 21 -8.08 -1.89 -1.98
C PHE A 21 -8.01 -1.02 -3.24
N ARG A 22 -8.52 0.22 -3.20
CA ARG A 22 -8.48 1.12 -4.36
C ARG A 22 -7.06 1.63 -4.65
N ILE A 23 -6.21 1.75 -3.63
CA ILE A 23 -4.78 1.97 -3.79
C ILE A 23 -4.17 0.77 -4.53
N PHE A 24 -4.02 -0.39 -3.86
CA PHE A 24 -3.41 -1.60 -4.46
C PHE A 24 -4.38 -2.78 -4.45
N SER A 25 -4.73 -3.28 -5.64
CA SER A 25 -5.34 -4.60 -5.87
C SER A 25 -5.26 -5.13 -7.32
N PRO A 26 -5.27 -4.31 -8.41
CA PRO A 26 -5.39 -4.85 -9.78
C PRO A 26 -4.06 -5.09 -10.50
N TYR A 27 -2.94 -4.83 -9.83
CA TYR A 27 -1.56 -5.03 -10.31
C TYR A 27 -1.14 -6.51 -10.22
N GLY A 28 0.09 -6.83 -10.65
CA GLY A 28 0.70 -8.17 -10.57
C GLY A 28 1.01 -8.71 -9.16
N HIS A 29 0.40 -8.16 -8.11
CA HIS A 29 0.55 -8.58 -6.71
C HIS A 29 -0.76 -8.53 -5.93
N ILE A 30 -0.99 -9.53 -5.07
CA ILE A 30 -2.16 -9.71 -4.20
C ILE A 30 -1.82 -10.75 -3.12
N MET A 31 -2.45 -10.72 -1.95
CA MET A 31 -2.62 -11.90 -1.07
C MET A 31 -3.67 -11.63 0.02
N GLN A 32 -3.45 -10.60 0.84
CA GLN A 32 -4.41 -10.15 1.87
C GLN A 32 -4.26 -8.68 2.28
N ILE A 33 -5.38 -8.02 2.61
CA ILE A 33 -5.42 -6.69 3.26
C ILE A 33 -5.43 -6.89 4.78
N ASN A 34 -4.77 -6.02 5.54
CA ASN A 34 -4.81 -6.06 7.01
C ASN A 34 -4.83 -4.64 7.59
N ILE A 35 -6.02 -4.07 7.73
CA ILE A 35 -6.23 -2.67 8.12
C ILE A 35 -6.66 -2.49 9.58
N LYS A 36 -6.22 -1.40 10.20
CA LYS A 36 -6.58 -0.95 11.55
C LYS A 36 -6.96 0.53 11.52
N ASN A 37 -7.85 0.97 12.40
CA ASN A 37 -8.37 2.34 12.49
C ASN A 37 -7.37 3.37 13.06
N ALA A 38 -6.09 3.26 12.66
CA ALA A 38 -4.98 4.14 13.01
C ALA A 38 -3.89 4.09 11.92
N PHE A 39 -3.56 2.89 11.43
CA PHE A 39 -2.56 2.70 10.38
C PHE A 39 -3.06 1.73 9.29
N GLY A 40 -2.95 2.16 8.04
CA GLY A 40 -3.33 1.37 6.87
C GLY A 40 -2.19 0.45 6.39
N PHE A 41 -2.48 -0.85 6.26
CA PHE A 41 -1.51 -1.84 5.79
C PHE A 41 -2.12 -2.89 4.82
N ILE A 42 -1.26 -3.39 3.94
CA ILE A 42 -1.49 -4.50 3.00
C ILE A 42 -0.37 -5.53 3.16
N GLN A 43 -0.64 -6.80 2.86
CA GLN A 43 0.33 -7.90 2.92
C GLN A 43 0.10 -8.82 1.71
N PHE A 44 0.80 -8.55 0.61
CA PHE A 44 0.59 -9.18 -0.71
C PHE A 44 1.77 -10.09 -1.11
N ASP A 45 1.57 -10.94 -2.11
CA ASP A 45 2.59 -11.77 -2.73
C ASP A 45 3.00 -11.18 -4.09
N ASN A 46 4.27 -11.37 -4.47
CA ASN A 46 5.08 -10.58 -5.42
C ASN A 46 5.46 -9.16 -4.91
N PRO A 47 6.73 -8.92 -4.49
CA PRO A 47 7.19 -7.60 -4.05
C PRO A 47 7.48 -6.63 -5.20
N GLN A 48 7.83 -7.14 -6.39
CA GLN A 48 8.24 -6.31 -7.54
C GLN A 48 7.08 -5.42 -8.03
N SER A 49 5.85 -5.93 -7.97
CA SER A 49 4.66 -5.14 -8.29
C SER A 49 4.18 -4.26 -7.13
N VAL A 50 4.55 -4.55 -5.86
CA VAL A 50 4.41 -3.55 -4.77
C VAL A 50 5.25 -2.31 -5.13
N ARG A 51 6.54 -2.50 -5.46
CA ARG A 51 7.43 -1.37 -5.77
C ARG A 51 7.11 -0.68 -7.10
N ASP A 52 6.54 -1.38 -8.08
CA ASP A 52 5.96 -0.76 -9.29
C ASP A 52 4.73 0.08 -8.96
N ALA A 53 3.79 -0.47 -8.18
CA ALA A 53 2.58 0.26 -7.81
C ALA A 53 2.86 1.45 -6.89
N ILE A 54 3.97 1.44 -6.12
CA ILE A 54 4.48 2.63 -5.41
C ILE A 54 4.83 3.73 -6.42
N GLU A 55 5.64 3.48 -7.45
CA GLU A 55 5.93 4.53 -8.44
C GLU A 55 4.74 4.86 -9.36
N CYS A 56 3.73 3.99 -9.46
CA CYS A 56 2.48 4.30 -10.15
C CYS A 56 1.52 5.18 -9.32
N GLU A 57 1.45 5.00 -8.00
CA GLU A 57 0.43 5.61 -7.13
C GLU A 57 1.01 6.60 -6.12
N SER A 58 2.14 6.30 -5.48
CA SER A 58 2.88 7.15 -4.51
C SER A 58 3.61 8.34 -5.16
N GLN A 59 3.15 8.78 -6.33
CA GLN A 59 3.63 9.95 -7.06
C GLN A 59 2.46 10.76 -7.65
N GLU A 60 1.22 10.43 -7.26
CA GLU A 60 -0.01 11.10 -7.68
C GLU A 60 -0.40 12.19 -6.66
N MET A 61 -0.40 13.45 -7.09
CA MET A 61 -0.53 14.62 -6.24
C MET A 61 -1.71 15.49 -6.64
N ASN A 62 -2.41 16.05 -5.65
CA ASN A 62 -3.56 16.92 -5.80
C ASN A 62 -3.42 18.16 -4.91
N PHE A 63 -4.30 19.13 -5.05
CA PHE A 63 -4.28 20.32 -4.20
C PHE A 63 -4.46 19.95 -2.70
N GLY A 64 -3.44 20.27 -1.88
CA GLY A 64 -3.43 20.03 -0.43
C GLY A 64 -3.18 18.58 0.00
N LYS A 65 -2.92 17.64 -0.92
CA LYS A 65 -2.64 16.21 -0.60
C LYS A 65 -1.80 15.48 -1.64
N LYS A 66 -1.05 14.46 -1.22
CA LYS A 66 -0.28 13.56 -2.10
C LYS A 66 -0.23 12.16 -1.51
N LEU A 67 -0.17 11.14 -2.35
CA LEU A 67 -0.07 9.75 -1.89
C LEU A 67 1.38 9.41 -1.53
N ILE A 68 1.56 8.76 -0.37
CA ILE A 68 2.84 8.31 0.19
C ILE A 68 2.66 6.85 0.64
N LEU A 69 3.42 5.95 0.04
CA LEU A 69 3.34 4.50 0.22
C LEU A 69 4.74 3.92 0.39
N GLU A 70 4.93 2.89 1.23
CA GLU A 70 6.23 2.21 1.40
C GLU A 70 6.14 0.68 1.37
N VAL A 71 7.10 0.05 0.70
CA VAL A 71 7.26 -1.42 0.65
C VAL A 71 8.19 -1.89 1.76
N SER A 72 7.86 -3.04 2.36
CA SER A 72 8.76 -3.78 3.24
C SER A 72 8.60 -5.28 2.99
N SER A 73 9.70 -6.02 3.08
CA SER A 73 9.75 -7.44 2.73
C SER A 73 10.77 -8.21 3.56
N SER A 74 10.42 -9.43 3.93
CA SER A 74 11.29 -10.35 4.68
C SER A 74 10.90 -11.79 4.40
N ASN A 75 11.75 -12.74 4.82
CA ASN A 75 11.43 -14.17 4.78
C ASN A 75 12.12 -14.93 5.92
N ALA A 76 11.40 -15.90 6.49
CA ALA A 76 11.86 -16.82 7.52
C ALA A 76 11.64 -18.30 7.16
N ARG A 77 11.29 -18.61 5.91
CA ARG A 77 11.27 -19.98 5.34
C ARG A 77 11.70 -19.93 3.87
N PRO A 1 6.57 -15.31 -2.12
CA PRO A 1 7.22 -14.46 -1.10
C PRO A 1 6.19 -13.72 -0.23
N LYS A 2 6.63 -12.86 0.69
CA LYS A 2 5.75 -12.00 1.51
C LYS A 2 6.26 -10.57 1.57
N SER A 3 5.38 -9.63 1.21
CA SER A 3 5.73 -8.24 0.89
C SER A 3 4.69 -7.30 1.50
N ARG A 4 4.97 -6.78 2.69
CA ARG A 4 4.09 -5.81 3.37
C ARG A 4 4.17 -4.44 2.68
N LEU A 5 3.05 -3.72 2.73
CA LEU A 5 2.90 -2.38 2.18
C LEU A 5 2.31 -1.48 3.24
N PHE A 6 3.05 -0.41 3.54
CA PHE A 6 2.73 0.62 4.51
C PHE A 6 2.06 1.83 3.83
N ILE A 7 0.92 2.28 4.37
CA ILE A 7 0.27 3.53 3.99
C ILE A 7 0.83 4.68 4.83
N GLY A 8 1.87 5.34 4.34
CA GLY A 8 2.51 6.50 4.96
C GLY A 8 1.78 7.83 4.80
N ASN A 9 0.58 7.83 4.19
CA ASN A 9 -0.33 8.97 4.03
C ASN A 9 -0.85 9.48 5.40
N LEU A 10 -1.93 10.27 5.38
CA LEU A 10 -2.57 10.83 6.59
C LEU A 10 -4.06 10.43 6.81
N PRO A 11 -4.48 9.15 6.61
CA PRO A 11 -5.87 8.71 6.79
C PRO A 11 -6.25 8.54 8.27
N LEU A 12 -6.06 9.59 9.07
CA LEU A 12 -6.40 9.71 10.48
C LEU A 12 -7.90 10.04 10.61
N LYS A 13 -8.75 9.25 9.93
CA LYS A 13 -10.19 9.42 9.73
C LYS A 13 -10.86 8.04 9.76
N ASN A 14 -12.20 7.98 9.82
CA ASN A 14 -12.94 6.73 9.63
C ASN A 14 -12.71 6.18 8.23
N VAL A 15 -11.99 5.06 8.12
CA VAL A 15 -11.64 4.42 6.84
C VAL A 15 -12.03 2.95 6.82
N SER A 16 -12.25 2.42 5.61
CA SER A 16 -12.66 1.03 5.33
C SER A 16 -11.82 0.43 4.20
N LYS A 17 -11.70 -0.91 4.17
CA LYS A 17 -10.74 -1.65 3.34
C LYS A 17 -10.78 -1.31 1.85
N GLU A 18 -11.93 -0.85 1.37
CA GLU A 18 -12.15 -0.33 0.02
C GLU A 18 -11.16 0.77 -0.39
N ASP A 19 -10.61 1.55 0.56
CA ASP A 19 -9.58 2.54 0.26
C ASP A 19 -8.20 1.90 0.01
N LEU A 20 -7.73 1.01 0.88
CA LEU A 20 -6.48 0.28 0.63
C LEU A 20 -6.59 -0.60 -0.64
N PHE A 21 -7.80 -1.07 -0.95
CA PHE A 21 -8.14 -1.75 -2.20
C PHE A 21 -8.16 -0.81 -3.42
N ARG A 22 -8.57 0.47 -3.28
CA ARG A 22 -8.43 1.50 -4.35
C ARG A 22 -6.97 1.81 -4.62
N ILE A 23 -6.14 1.78 -3.57
CA ILE A 23 -4.69 1.94 -3.65
C ILE A 23 -4.12 0.75 -4.42
N PHE A 24 -4.00 -0.44 -3.82
CA PHE A 24 -3.47 -1.64 -4.50
C PHE A 24 -4.50 -2.77 -4.51
N SER A 25 -4.96 -3.17 -5.70
CA SER A 25 -5.65 -4.46 -5.93
C SER A 25 -5.65 -4.99 -7.38
N PRO A 26 -5.63 -4.18 -8.48
CA PRO A 26 -5.74 -4.69 -9.85
C PRO A 26 -4.39 -5.12 -10.46
N TYR A 27 -3.30 -4.98 -9.71
CA TYR A 27 -1.95 -5.38 -10.08
C TYR A 27 -1.73 -6.88 -9.90
N GLY A 28 -0.60 -7.43 -10.35
CA GLY A 28 -0.28 -8.86 -10.21
C GLY A 28 0.12 -9.32 -8.80
N HIS A 29 0.48 -8.39 -7.90
CA HIS A 29 0.84 -8.69 -6.51
C HIS A 29 -0.39 -8.74 -5.60
N ILE A 30 -0.62 -9.87 -4.93
CA ILE A 30 -1.79 -10.07 -4.04
C ILE A 30 -1.50 -11.14 -2.97
N MET A 31 -2.08 -10.98 -1.77
CA MET A 31 -2.27 -12.03 -0.75
C MET A 31 -3.38 -11.61 0.24
N GLN A 32 -3.14 -10.65 1.14
CA GLN A 32 -4.07 -10.18 2.18
C GLN A 32 -4.01 -8.66 2.45
N ILE A 33 -5.07 -8.14 3.06
CA ILE A 33 -5.29 -6.71 3.33
C ILE A 33 -5.73 -6.50 4.78
N ASN A 34 -5.03 -5.66 5.54
CA ASN A 34 -5.25 -5.42 6.97
C ASN A 34 -5.36 -3.91 7.29
N ILE A 35 -6.49 -3.29 6.94
CA ILE A 35 -6.72 -1.86 7.21
C ILE A 35 -6.81 -1.60 8.72
N LYS A 36 -6.33 -0.43 9.13
CA LYS A 36 -6.28 0.07 10.50
C LYS A 36 -6.52 1.58 10.49
N ASN A 37 -7.15 2.13 11.52
CA ASN A 37 -7.31 3.57 11.68
C ASN A 37 -5.92 4.25 11.77
N ALA A 38 -5.79 5.46 11.20
CA ALA A 38 -4.54 6.19 10.98
C ALA A 38 -3.53 5.54 10.02
N PHE A 39 -3.14 4.28 10.23
CA PHE A 39 -2.05 3.62 9.51
C PHE A 39 -2.35 2.14 9.19
N GLY A 40 -3.25 1.94 8.22
CA GLY A 40 -3.55 0.63 7.67
C GLY A 40 -2.40 0.03 6.86
N PHE A 41 -2.45 -1.30 6.66
CA PHE A 41 -1.43 -2.07 5.97
C PHE A 41 -2.00 -3.06 4.97
N ILE A 42 -1.14 -3.49 4.05
CA ILE A 42 -1.37 -4.60 3.11
C ILE A 42 -0.23 -5.63 3.28
N GLN A 43 -0.51 -6.88 2.91
CA GLN A 43 0.47 -7.97 2.87
C GLN A 43 0.29 -8.77 1.58
N PHE A 44 0.97 -8.36 0.51
CA PHE A 44 0.87 -9.00 -0.81
C PHE A 44 2.12 -9.84 -1.12
N ASP A 45 2.10 -10.54 -2.25
CA ASP A 45 3.20 -11.38 -2.76
C ASP A 45 3.69 -10.82 -4.10
N ASN A 46 4.96 -11.01 -4.47
CA ASN A 46 5.74 -10.26 -5.47
C ASN A 46 6.01 -8.78 -5.08
N PRO A 47 7.15 -8.48 -4.42
CA PRO A 47 7.50 -7.12 -4.04
C PRO A 47 7.80 -6.19 -5.23
N GLN A 48 8.14 -6.75 -6.40
CA GLN A 48 8.53 -5.97 -7.58
C GLN A 48 7.34 -5.21 -8.19
N SER A 49 6.13 -5.76 -8.08
CA SER A 49 4.89 -5.02 -8.41
C SER A 49 4.30 -4.25 -7.23
N VAL A 50 4.57 -4.64 -5.96
CA VAL A 50 4.29 -3.76 -4.80
C VAL A 50 5.01 -2.42 -5.00
N ARG A 51 6.29 -2.46 -5.36
CA ARG A 51 7.07 -1.27 -5.70
C ARG A 51 6.56 -0.57 -6.97
N ASP A 52 6.20 -1.29 -8.02
CA ASP A 52 5.64 -0.66 -9.23
C ASP A 52 4.37 0.14 -8.93
N ALA A 53 3.52 -0.38 -8.04
CA ALA A 53 2.31 0.31 -7.61
C ALA A 53 2.61 1.49 -6.67
N ILE A 54 3.72 1.47 -5.90
CA ILE A 54 4.20 2.65 -5.17
C ILE A 54 4.55 3.76 -6.17
N GLU A 55 5.46 3.51 -7.10
CA GLU A 55 5.87 4.54 -8.05
C GLU A 55 4.73 5.02 -8.99
N CYS A 56 3.67 4.21 -9.11
CA CYS A 56 2.44 4.51 -9.85
C CYS A 56 1.41 5.34 -9.05
N GLU A 57 1.13 5.00 -7.78
CA GLU A 57 0.02 5.55 -6.98
C GLU A 57 0.47 6.56 -5.91
N SER A 58 1.73 6.48 -5.45
CA SER A 58 2.38 7.34 -4.43
C SER A 58 2.70 8.75 -4.99
N GLN A 59 1.82 9.26 -5.85
CA GLN A 59 1.92 10.52 -6.58
C GLN A 59 0.50 11.01 -6.91
N GLU A 60 0.34 12.32 -6.97
CA GLU A 60 -0.81 13.00 -7.59
C GLU A 60 -0.37 14.18 -8.47
N MET A 61 0.87 14.65 -8.28
CA MET A 61 1.54 15.75 -9.00
C MET A 61 2.90 15.31 -9.56
N ASN A 62 3.43 16.08 -10.51
CA ASN A 62 4.80 15.96 -11.00
C ASN A 62 5.78 16.87 -10.22
N PHE A 63 5.37 17.41 -9.08
CA PHE A 63 6.21 18.18 -8.16
C PHE A 63 5.87 17.87 -6.69
N GLY A 64 6.90 17.82 -5.85
CA GLY A 64 6.77 17.58 -4.42
C GLY A 64 6.26 16.17 -4.08
N LYS A 65 5.73 16.03 -2.86
CA LYS A 65 5.18 14.77 -2.32
C LYS A 65 3.81 15.03 -1.66
N LYS A 66 2.81 14.21 -1.98
CA LYS A 66 1.46 14.25 -1.40
C LYS A 66 0.99 12.90 -0.87
N LEU A 67 1.41 11.81 -1.51
CA LEU A 67 1.06 10.43 -1.15
C LEU A 67 2.35 9.63 -0.96
N ILE A 68 2.55 9.03 0.20
CA ILE A 68 3.74 8.25 0.56
C ILE A 68 3.30 6.82 0.88
N LEU A 69 3.64 5.89 -0.01
CA LEU A 69 3.45 4.44 0.15
C LEU A 69 4.83 3.77 0.21
N GLU A 70 5.04 2.75 1.03
CA GLU A 70 6.35 2.09 1.18
C GLU A 70 6.25 0.56 1.27
N VAL A 71 7.13 -0.15 0.54
CA VAL A 71 7.25 -1.61 0.55
C VAL A 71 8.25 -2.05 1.60
N SER A 72 8.02 -3.20 2.22
CA SER A 72 8.99 -3.92 3.01
C SER A 72 8.84 -5.43 2.81
N SER A 73 9.91 -6.18 3.05
CA SER A 73 9.86 -7.64 3.19
C SER A 73 9.98 -8.02 4.67
N SER A 74 9.52 -9.22 5.02
CA SER A 74 9.72 -9.78 6.36
C SER A 74 11.16 -10.22 6.60
N ASN A 75 11.48 -10.62 7.83
CA ASN A 75 12.79 -11.17 8.21
C ASN A 75 12.78 -12.72 8.25
N ALA A 76 11.75 -13.33 7.67
CA ALA A 76 11.57 -14.77 7.52
C ALA A 76 12.05 -15.26 6.14
N ARG A 77 12.09 -16.59 5.93
CA ARG A 77 12.60 -17.24 4.71
C ARG A 77 11.67 -18.32 4.16
N PRO A 1 6.38 -15.59 -2.40
CA PRO A 1 7.11 -14.63 -1.53
C PRO A 1 6.14 -13.78 -0.69
N LYS A 2 6.69 -12.85 0.11
CA LYS A 2 5.94 -11.91 0.94
C LYS A 2 6.44 -10.47 0.79
N SER A 3 5.52 -9.53 0.82
CA SER A 3 5.77 -8.09 0.88
C SER A 3 4.71 -7.44 1.76
N ARG A 4 5.09 -6.47 2.58
CA ARG A 4 4.15 -5.61 3.32
C ARG A 4 4.25 -4.17 2.82
N LEU A 5 3.11 -3.49 2.82
CA LEU A 5 2.91 -2.18 2.22
C LEU A 5 2.20 -1.27 3.23
N PHE A 6 2.80 -0.12 3.49
CA PHE A 6 2.39 0.83 4.52
C PHE A 6 1.81 2.11 3.91
N ILE A 7 0.65 2.55 4.41
CA ILE A 7 -0.04 3.77 3.95
C ILE A 7 0.30 4.98 4.83
N GLY A 8 1.30 5.75 4.42
CA GLY A 8 1.66 7.05 5.01
C GLY A 8 0.77 8.20 4.50
N ASN A 9 -0.55 7.97 4.39
CA ASN A 9 -1.55 8.96 3.93
C ASN A 9 -2.55 9.37 5.02
N LEU A 10 -2.06 9.40 6.27
CA LEU A 10 -2.74 9.70 7.52
C LEU A 10 -4.13 9.03 7.64
N PRO A 11 -4.20 7.69 7.85
CA PRO A 11 -5.45 6.97 8.13
C PRO A 11 -5.99 7.23 9.55
N LEU A 12 -5.30 8.07 10.34
CA LEU A 12 -5.49 8.36 11.77
C LEU A 12 -6.67 9.33 12.07
N LYS A 13 -7.74 9.30 11.26
CA LYS A 13 -8.99 10.02 11.53
C LYS A 13 -10.20 9.24 11.01
N ASN A 14 -10.22 8.92 9.72
CA ASN A 14 -11.19 8.02 9.08
C ASN A 14 -10.53 7.20 7.96
N VAL A 15 -10.80 5.90 7.93
CA VAL A 15 -10.46 5.00 6.83
C VAL A 15 -11.37 3.76 6.81
N SER A 16 -11.61 3.21 5.62
CA SER A 16 -12.36 1.95 5.39
C SER A 16 -11.63 1.10 4.36
N LYS A 17 -11.84 -0.23 4.36
CA LYS A 17 -11.09 -1.21 3.52
C LYS A 17 -11.02 -0.84 2.03
N GLU A 18 -12.06 -0.21 1.50
CA GLU A 18 -12.11 0.30 0.13
C GLU A 18 -11.01 1.31 -0.22
N ASP A 19 -10.40 2.00 0.75
CA ASP A 19 -9.29 2.92 0.53
C ASP A 19 -8.00 2.18 0.12
N LEU A 20 -7.64 1.13 0.85
CA LEU A 20 -6.45 0.33 0.52
C LEU A 20 -6.70 -0.52 -0.73
N PHE A 21 -7.94 -0.99 -0.92
CA PHE A 21 -8.35 -1.65 -2.16
C PHE A 21 -8.23 -0.74 -3.40
N ARG A 22 -8.65 0.54 -3.32
CA ARG A 22 -8.50 1.46 -4.45
C ARG A 22 -7.05 1.87 -4.67
N ILE A 23 -6.21 1.87 -3.63
CA ILE A 23 -4.75 2.05 -3.75
C ILE A 23 -4.15 0.86 -4.49
N PHE A 24 -3.98 -0.30 -3.87
CA PHE A 24 -3.37 -1.49 -4.49
C PHE A 24 -4.34 -2.68 -4.44
N SER A 25 -4.79 -3.14 -5.62
CA SER A 25 -5.55 -4.38 -5.75
C SER A 25 -5.39 -5.09 -7.12
N PRO A 26 -5.37 -4.40 -8.29
CA PRO A 26 -5.38 -5.05 -9.60
C PRO A 26 -3.99 -5.24 -10.23
N TYR A 27 -2.91 -5.13 -9.46
CA TYR A 27 -1.51 -5.17 -9.97
C TYR A 27 -0.98 -6.59 -10.27
N GLY A 28 -1.88 -7.55 -10.52
CA GLY A 28 -1.58 -8.92 -10.96
C GLY A 28 -1.12 -9.91 -9.87
N HIS A 29 -0.73 -9.41 -8.70
CA HIS A 29 -0.30 -10.22 -7.55
C HIS A 29 -0.94 -9.69 -6.25
N ILE A 30 -1.05 -10.55 -5.24
CA ILE A 30 -1.96 -10.36 -4.09
C ILE A 30 -1.61 -11.32 -2.94
N MET A 31 -2.12 -11.10 -1.73
CA MET A 31 -2.27 -12.15 -0.70
C MET A 31 -3.39 -11.80 0.30
N GLN A 32 -3.19 -10.78 1.16
CA GLN A 32 -4.18 -10.31 2.16
C GLN A 32 -4.18 -8.78 2.35
N ILE A 33 -5.23 -8.29 2.99
CA ILE A 33 -5.45 -6.89 3.40
C ILE A 33 -5.45 -6.78 4.93
N ASN A 34 -4.73 -5.81 5.49
CA ASN A 34 -4.58 -5.59 6.94
C ASN A 34 -4.89 -4.11 7.29
N ILE A 35 -6.06 -3.60 6.91
CA ILE A 35 -6.43 -2.22 7.25
C ILE A 35 -6.70 -2.07 8.75
N LYS A 36 -6.39 -0.88 9.30
CA LYS A 36 -6.44 -0.56 10.73
C LYS A 36 -7.11 0.80 10.94
N ASN A 37 -7.67 1.04 12.13
CA ASN A 37 -8.33 2.30 12.51
C ASN A 37 -7.33 3.47 12.74
N ALA A 38 -6.05 3.31 12.39
CA ALA A 38 -4.97 4.26 12.68
C ALA A 38 -3.96 4.37 11.53
N PHE A 39 -3.31 3.26 11.18
CA PHE A 39 -2.38 3.14 10.06
C PHE A 39 -2.55 1.77 9.40
N GLY A 40 -3.26 1.75 8.27
CA GLY A 40 -3.57 0.52 7.53
C GLY A 40 -2.37 -0.02 6.73
N PHE A 41 -2.37 -1.33 6.51
CA PHE A 41 -1.37 -2.05 5.73
C PHE A 41 -1.99 -3.01 4.70
N ILE A 42 -1.21 -3.33 3.68
CA ILE A 42 -1.44 -4.43 2.74
C ILE A 42 -0.30 -5.45 2.90
N GLN A 43 -0.55 -6.73 2.65
CA GLN A 43 0.48 -7.76 2.67
C GLN A 43 0.28 -8.76 1.52
N PHE A 44 1.06 -8.63 0.45
CA PHE A 44 0.88 -9.34 -0.82
C PHE A 44 2.07 -10.24 -1.19
N ASP A 45 1.84 -11.20 -2.09
CA ASP A 45 2.91 -11.92 -2.79
C ASP A 45 3.50 -11.04 -3.92
N ASN A 46 4.68 -11.38 -4.42
CA ASN A 46 5.49 -10.61 -5.38
C ASN A 46 5.75 -9.14 -4.95
N PRO A 47 6.85 -8.86 -4.22
CA PRO A 47 7.21 -7.51 -3.81
C PRO A 47 7.46 -6.53 -4.97
N GLN A 48 7.85 -7.02 -6.14
CA GLN A 48 8.11 -6.18 -7.32
C GLN A 48 6.81 -5.64 -7.92
N SER A 49 5.67 -6.33 -7.72
CA SER A 49 4.35 -5.75 -8.01
C SER A 49 4.01 -4.59 -7.06
N VAL A 50 4.32 -4.76 -5.77
CA VAL A 50 4.06 -3.76 -4.72
C VAL A 50 4.96 -2.53 -4.90
N ARG A 51 6.26 -2.73 -5.23
CA ARG A 51 7.20 -1.64 -5.49
C ARG A 51 6.84 -0.88 -6.77
N ASP A 52 6.51 -1.59 -7.85
CA ASP A 52 6.07 -0.99 -9.11
C ASP A 52 4.77 -0.18 -8.94
N ALA A 53 3.88 -0.62 -8.06
CA ALA A 53 2.66 0.11 -7.72
C ALA A 53 2.93 1.37 -6.88
N ILE A 54 4.00 1.45 -6.07
CA ILE A 54 4.37 2.70 -5.36
C ILE A 54 4.73 3.80 -6.35
N GLU A 55 5.58 3.50 -7.33
CA GLU A 55 5.91 4.45 -8.42
C GLU A 55 4.77 4.63 -9.45
N CYS A 56 3.62 3.97 -9.23
CA CYS A 56 2.37 4.17 -9.96
C CYS A 56 1.38 5.07 -9.18
N GLU A 57 1.36 5.01 -7.85
CA GLU A 57 0.29 5.59 -7.02
C GLU A 57 0.77 6.64 -6.00
N SER A 58 2.02 6.53 -5.53
CA SER A 58 2.70 7.54 -4.70
C SER A 58 3.42 8.60 -5.56
N GLN A 59 3.14 8.64 -6.87
CA GLN A 59 3.67 9.59 -7.84
C GLN A 59 2.61 9.88 -8.92
N GLU A 60 2.51 11.15 -9.36
CA GLU A 60 1.63 11.58 -10.46
C GLU A 60 2.23 12.76 -11.23
N MET A 61 1.65 13.12 -12.38
CA MET A 61 2.12 14.24 -13.23
C MET A 61 1.01 15.15 -13.77
N ASN A 62 -0.27 14.82 -13.53
CA ASN A 62 -1.45 15.61 -13.91
C ASN A 62 -2.29 16.07 -12.70
N PHE A 63 -2.12 15.46 -11.52
CA PHE A 63 -2.81 15.81 -10.27
C PHE A 63 -1.82 15.89 -9.10
N GLY A 64 -1.91 16.94 -8.28
CA GLY A 64 -1.04 17.14 -7.13
C GLY A 64 -1.38 16.17 -5.99
N LYS A 65 -0.39 15.41 -5.50
CA LYS A 65 -0.58 14.41 -4.44
C LYS A 65 0.47 14.54 -3.33
N LYS A 66 0.04 14.30 -2.08
CA LYS A 66 0.85 14.32 -0.85
C LYS A 66 0.71 13.04 -0.01
N LEU A 67 0.13 11.99 -0.58
CA LEU A 67 0.15 10.65 0.01
C LEU A 67 1.56 10.03 -0.06
N ILE A 68 1.84 9.10 0.85
CA ILE A 68 3.04 8.25 0.82
C ILE A 68 2.63 6.79 0.87
N LEU A 69 3.35 5.96 0.12
CA LEU A 69 3.34 4.50 0.21
C LEU A 69 4.78 4.01 0.42
N GLU A 70 4.98 3.03 1.31
CA GLU A 70 6.31 2.44 1.61
C GLU A 70 6.23 0.91 1.59
N VAL A 71 7.17 0.24 0.89
CA VAL A 71 7.23 -1.22 0.76
C VAL A 71 8.34 -1.81 1.62
N SER A 72 8.07 -2.96 2.25
CA SER A 72 9.04 -3.69 3.05
C SER A 72 8.96 -5.19 2.71
N SER A 73 10.06 -5.75 2.19
CA SER A 73 10.15 -7.18 1.84
C SER A 73 11.58 -7.70 1.93
N SER A 74 11.74 -9.02 2.00
CA SER A 74 13.04 -9.70 1.92
C SER A 74 13.04 -10.84 0.90
N ASN A 75 14.16 -10.96 0.18
CA ASN A 75 14.42 -11.95 -0.85
C ASN A 75 15.89 -12.40 -0.83
N ALA A 76 16.23 -13.40 -1.64
CA ALA A 76 17.59 -13.90 -1.82
C ALA A 76 18.03 -13.90 -3.30
N ARG A 77 19.32 -13.69 -3.55
CA ARG A 77 19.92 -13.58 -4.89
C ARG A 77 21.33 -14.16 -4.91
N PRO A 1 6.59 -15.01 -2.97
CA PRO A 1 7.16 -13.88 -2.21
C PRO A 1 6.18 -13.31 -1.17
N LYS A 2 6.69 -12.56 -0.19
CA LYS A 2 5.90 -12.02 0.93
C LYS A 2 6.31 -10.58 1.23
N SER A 3 5.49 -9.61 0.85
CA SER A 3 5.80 -8.19 0.95
C SER A 3 4.66 -7.43 1.65
N ARG A 4 5.00 -6.47 2.50
CA ARG A 4 4.04 -5.57 3.15
C ARG A 4 4.17 -4.13 2.66
N LEU A 5 3.05 -3.42 2.69
CA LEU A 5 2.88 -2.07 2.20
C LEU A 5 2.26 -1.22 3.30
N PHE A 6 2.92 -0.14 3.68
CA PHE A 6 2.49 0.83 4.69
C PHE A 6 1.96 2.12 4.04
N ILE A 7 0.99 2.78 4.67
CA ILE A 7 0.36 4.03 4.22
C ILE A 7 0.79 5.20 5.12
N GLY A 8 1.14 6.34 4.52
CA GLY A 8 1.39 7.61 5.22
C GLY A 8 0.21 8.09 6.07
N ASN A 9 0.40 9.15 6.87
CA ASN A 9 -0.43 9.55 8.01
C ASN A 9 -1.87 10.10 7.73
N LEU A 10 -2.52 9.60 6.70
CA LEU A 10 -3.91 9.90 6.32
C LEU A 10 -4.99 8.98 6.96
N PRO A 11 -4.78 7.67 7.25
CA PRO A 11 -5.84 6.83 7.84
C PRO A 11 -6.14 7.14 9.32
N LEU A 12 -5.36 8.01 9.96
CA LEU A 12 -5.56 8.45 11.34
C LEU A 12 -6.84 9.28 11.53
N LYS A 13 -7.58 9.60 10.45
CA LYS A 13 -8.84 10.36 10.42
C LYS A 13 -10.01 9.61 9.77
N ASN A 14 -9.76 8.86 8.71
CA ASN A 14 -10.75 8.06 7.97
C ASN A 14 -10.08 6.79 7.43
N VAL A 15 -10.64 5.61 7.71
CA VAL A 15 -10.04 4.33 7.36
C VAL A 15 -11.10 3.29 6.98
N SER A 16 -10.93 2.66 5.83
CA SER A 16 -11.81 1.60 5.30
C SER A 16 -11.03 0.67 4.38
N LYS A 17 -11.31 -0.64 4.37
CA LYS A 17 -10.56 -1.61 3.55
C LYS A 17 -10.59 -1.25 2.05
N GLU A 18 -11.68 -0.62 1.63
CA GLU A 18 -11.89 -0.11 0.27
C GLU A 18 -10.85 0.94 -0.15
N ASP A 19 -10.28 1.70 0.80
CA ASP A 19 -9.22 2.68 0.54
C ASP A 19 -7.88 1.98 0.23
N LEU A 20 -7.51 0.98 1.03
CA LEU A 20 -6.34 0.14 0.77
C LEU A 20 -6.52 -0.64 -0.54
N PHE A 21 -7.73 -1.15 -0.78
CA PHE A 21 -8.11 -1.84 -2.01
C PHE A 21 -8.03 -0.93 -3.25
N ARG A 22 -8.55 0.31 -3.18
CA ARG A 22 -8.52 1.28 -4.30
C ARG A 22 -7.10 1.71 -4.62
N ILE A 23 -6.25 1.85 -3.59
CA ILE A 23 -4.82 2.10 -3.72
C ILE A 23 -4.18 0.94 -4.47
N PHE A 24 -4.01 -0.24 -3.84
CA PHE A 24 -3.42 -1.43 -4.48
C PHE A 24 -4.36 -2.64 -4.39
N SER A 25 -4.70 -3.23 -5.54
CA SER A 25 -5.15 -4.64 -5.65
C SER A 25 -4.98 -5.26 -7.05
N PRO A 26 -5.12 -4.55 -8.19
CA PRO A 26 -5.01 -5.20 -9.51
C PRO A 26 -3.56 -5.32 -10.02
N TYR A 27 -2.55 -4.95 -9.23
CA TYR A 27 -1.16 -4.78 -9.68
C TYR A 27 -0.32 -6.07 -9.72
N GLY A 28 -0.69 -7.12 -8.98
CA GLY A 28 0.17 -8.32 -8.84
C GLY A 28 -0.47 -9.53 -8.17
N HIS A 29 0.37 -10.41 -7.62
CA HIS A 29 -0.05 -11.72 -7.10
C HIS A 29 -0.90 -11.66 -5.82
N ILE A 30 -0.78 -10.60 -5.01
CA ILE A 30 -1.67 -10.28 -3.87
C ILE A 30 -1.63 -11.35 -2.73
N MET A 31 -2.19 -11.04 -1.56
CA MET A 31 -2.45 -12.01 -0.47
C MET A 31 -3.64 -11.52 0.39
N GLN A 32 -3.46 -10.48 1.21
CA GLN A 32 -4.52 -9.90 2.06
C GLN A 32 -4.35 -8.39 2.29
N ILE A 33 -5.47 -7.67 2.48
CA ILE A 33 -5.49 -6.34 3.09
C ILE A 33 -5.49 -6.50 4.61
N ASN A 34 -4.73 -5.66 5.31
CA ASN A 34 -4.60 -5.69 6.77
C ASN A 34 -4.70 -4.27 7.37
N ILE A 35 -5.87 -3.67 7.24
CA ILE A 35 -6.15 -2.30 7.69
C ILE A 35 -6.49 -2.25 9.20
N LYS A 36 -6.19 -1.14 9.87
CA LYS A 36 -6.41 -0.89 11.31
C LYS A 36 -7.45 0.22 11.53
N ASN A 37 -7.70 0.61 12.79
CA ASN A 37 -8.60 1.72 13.15
C ASN A 37 -7.98 3.12 13.00
N ALA A 38 -6.64 3.23 12.87
CA ALA A 38 -5.94 4.47 12.54
C ALA A 38 -4.83 4.32 11.48
N PHE A 39 -4.45 3.09 11.12
CA PHE A 39 -3.32 2.82 10.22
C PHE A 39 -3.70 1.91 9.04
N GLY A 40 -2.91 1.96 7.98
CA GLY A 40 -3.11 1.13 6.78
C GLY A 40 -1.92 0.22 6.53
N PHE A 41 -2.20 -1.09 6.43
CA PHE A 41 -1.28 -2.08 5.89
C PHE A 41 -1.95 -2.94 4.80
N ILE A 42 -1.12 -3.37 3.85
CA ILE A 42 -1.40 -4.43 2.87
C ILE A 42 -0.28 -5.45 2.97
N GLN A 43 -0.58 -6.73 2.68
CA GLN A 43 0.39 -7.83 2.72
C GLN A 43 0.17 -8.70 1.50
N PHE A 44 1.01 -8.55 0.48
CA PHE A 44 0.83 -9.10 -0.88
C PHE A 44 2.03 -9.96 -1.33
N ASP A 45 1.76 -10.90 -2.24
CA ASP A 45 2.80 -11.61 -2.99
C ASP A 45 3.28 -10.76 -4.18
N ASN A 46 4.52 -11.02 -4.62
CA ASN A 46 5.37 -10.27 -5.55
C ASN A 46 5.75 -8.83 -5.13
N PRO A 47 6.92 -8.60 -4.48
CA PRO A 47 7.38 -7.26 -4.09
C PRO A 47 7.74 -6.37 -5.28
N GLN A 48 7.94 -6.91 -6.48
CA GLN A 48 8.14 -6.12 -7.69
C GLN A 48 6.81 -5.51 -8.19
N SER A 49 5.67 -6.16 -7.91
CA SER A 49 4.34 -5.58 -8.14
C SER A 49 3.98 -4.53 -7.09
N VAL A 50 4.33 -4.76 -5.82
CA VAL A 50 4.15 -3.77 -4.75
C VAL A 50 5.02 -2.52 -5.00
N ARG A 51 6.27 -2.71 -5.44
CA ARG A 51 7.15 -1.61 -5.89
C ARG A 51 6.59 -0.86 -7.09
N ASP A 52 6.16 -1.57 -8.14
CA ASP A 52 5.55 -0.94 -9.33
C ASP A 52 4.34 -0.09 -8.95
N ALA A 53 3.52 -0.58 -8.03
CA ALA A 53 2.37 0.14 -7.54
C ALA A 53 2.76 1.41 -6.73
N ILE A 54 3.87 1.40 -5.97
CA ILE A 54 4.41 2.63 -5.35
C ILE A 54 4.84 3.65 -6.40
N GLU A 55 5.64 3.27 -7.39
CA GLU A 55 6.08 4.21 -8.44
C GLU A 55 4.96 4.60 -9.43
N CYS A 56 3.83 3.90 -9.42
CA CYS A 56 2.64 4.20 -10.20
C CYS A 56 1.56 4.99 -9.41
N GLU A 57 1.57 4.97 -8.07
CA GLU A 57 0.51 5.56 -7.23
C GLU A 57 1.00 6.57 -6.18
N SER A 58 2.23 6.44 -5.67
CA SER A 58 2.85 7.39 -4.72
C SER A 58 3.66 8.48 -5.43
N GLN A 59 3.74 8.42 -6.76
CA GLN A 59 4.57 9.26 -7.63
C GLN A 59 3.76 9.66 -8.87
N GLU A 60 4.09 10.81 -9.46
CA GLU A 60 3.30 11.48 -10.50
C GLU A 60 1.84 11.78 -10.06
N MET A 61 1.61 12.94 -9.47
CA MET A 61 0.33 13.35 -8.86
C MET A 61 -0.76 13.76 -9.89
N ASN A 62 -0.62 13.25 -11.12
CA ASN A 62 -1.59 13.29 -12.22
C ASN A 62 -1.81 11.89 -12.86
N PHE A 63 -1.33 10.83 -12.20
CA PHE A 63 -1.48 9.42 -12.61
C PHE A 63 -1.50 8.45 -11.40
N GLY A 64 -0.86 8.84 -10.30
CA GLY A 64 -1.11 8.43 -8.92
C GLY A 64 -1.69 9.58 -8.08
N LYS A 65 -1.44 9.55 -6.77
CA LYS A 65 -1.79 10.58 -5.76
C LYS A 65 -0.54 11.08 -5.03
N LYS A 66 -0.65 12.20 -4.31
CA LYS A 66 0.36 12.70 -3.35
C LYS A 66 0.52 11.85 -2.08
N LEU A 67 -0.09 10.66 -2.03
CA LEU A 67 -0.09 9.79 -0.87
C LEU A 67 1.28 9.13 -0.67
N ILE A 68 1.81 9.17 0.54
CA ILE A 68 3.01 8.41 0.92
C ILE A 68 2.65 6.93 1.04
N LEU A 69 3.42 6.07 0.37
CA LEU A 69 3.32 4.61 0.38
C LEU A 69 4.72 4.02 0.54
N GLU A 70 4.88 2.95 1.31
CA GLU A 70 6.21 2.35 1.58
C GLU A 70 6.18 0.82 1.60
N VAL A 71 7.19 0.18 0.99
CA VAL A 71 7.29 -1.28 0.87
C VAL A 71 8.38 -1.88 1.77
N SER A 72 8.09 -3.04 2.33
CA SER A 72 9.00 -3.91 3.08
C SER A 72 8.69 -5.38 2.78
N SER A 73 9.53 -6.30 3.25
CA SER A 73 9.35 -7.76 3.12
C SER A 73 9.83 -8.49 4.38
N SER A 74 9.63 -7.92 5.58
CA SER A 74 10.03 -8.52 6.86
C SER A 74 9.06 -8.20 8.00
N ASN A 75 8.76 -9.20 8.83
CA ASN A 75 7.90 -9.10 10.02
C ASN A 75 8.68 -8.94 11.34
N ALA A 76 9.99 -8.67 11.27
CA ALA A 76 10.80 -8.32 12.44
C ALA A 76 10.59 -6.86 12.88
N ARG A 77 10.91 -6.55 14.13
CA ARG A 77 10.70 -5.24 14.78
C ARG A 77 11.89 -4.83 15.64
N PRO A 1 6.00 -15.29 -2.76
CA PRO A 1 6.60 -14.26 -1.91
C PRO A 1 5.59 -13.59 -0.97
N LYS A 2 6.08 -12.85 0.03
CA LYS A 2 5.33 -12.07 1.01
C LYS A 2 5.97 -10.70 1.14
N SER A 3 5.28 -9.65 0.74
CA SER A 3 5.76 -8.27 0.81
C SER A 3 4.66 -7.37 1.35
N ARG A 4 4.96 -6.64 2.44
CA ARG A 4 4.00 -5.69 3.01
C ARG A 4 4.13 -4.31 2.39
N LEU A 5 2.99 -3.61 2.40
CA LEU A 5 2.86 -2.23 1.99
C LEU A 5 2.30 -1.45 3.19
N PHE A 6 2.95 -0.34 3.54
CA PHE A 6 2.52 0.58 4.58
C PHE A 6 2.03 1.90 3.97
N ILE A 7 0.89 2.42 4.45
CA ILE A 7 0.36 3.75 4.09
C ILE A 7 0.82 4.76 5.15
N GLY A 8 1.62 5.75 4.77
CA GLY A 8 2.01 6.85 5.67
C GLY A 8 0.81 7.59 6.26
N ASN A 9 0.97 8.12 7.49
CA ASN A 9 -0.03 8.77 8.35
C ASN A 9 -0.79 9.96 7.70
N LEU A 10 -1.69 9.65 6.76
CA LEU A 10 -2.67 10.54 6.13
C LEU A 10 -4.12 10.02 6.20
N PRO A 11 -4.43 8.70 6.08
CA PRO A 11 -5.81 8.20 6.11
C PRO A 11 -6.32 7.99 7.55
N LEU A 12 -6.33 9.08 8.33
CA LEU A 12 -6.81 9.12 9.71
C LEU A 12 -8.33 9.30 9.83
N LYS A 13 -9.04 9.54 8.71
CA LYS A 13 -10.48 9.83 8.66
C LYS A 13 -11.21 9.09 7.54
N ASN A 14 -12.48 8.74 7.80
CA ASN A 14 -13.40 8.06 6.89
C ASN A 14 -12.74 7.03 5.94
N VAL A 15 -12.11 6.02 6.51
CA VAL A 15 -11.30 5.04 5.77
C VAL A 15 -11.83 3.61 5.95
N SER A 16 -11.85 2.86 4.86
CA SER A 16 -12.24 1.45 4.80
C SER A 16 -11.08 0.61 4.26
N LYS A 17 -11.09 -0.71 4.52
CA LYS A 17 -10.27 -1.67 3.75
C LYS A 17 -10.48 -1.56 2.24
N GLU A 18 -11.56 -0.93 1.79
CA GLU A 18 -11.81 -0.62 0.38
C GLU A 18 -10.95 0.54 -0.14
N ASP A 19 -10.46 1.44 0.72
CA ASP A 19 -9.46 2.44 0.34
C ASP A 19 -8.06 1.80 0.17
N LEU A 20 -7.73 0.79 0.98
CA LEU A 20 -6.53 -0.03 0.75
C LEU A 20 -6.65 -0.79 -0.59
N PHE A 21 -7.83 -1.35 -0.86
CA PHE A 21 -8.13 -2.04 -2.11
C PHE A 21 -8.06 -1.11 -3.33
N ARG A 22 -8.62 0.11 -3.26
CA ARG A 22 -8.56 1.11 -4.35
C ARG A 22 -7.12 1.55 -4.61
N ILE A 23 -6.30 1.68 -3.57
CA ILE A 23 -4.87 1.98 -3.68
C ILE A 23 -4.16 0.84 -4.43
N PHE A 24 -4.00 -0.35 -3.83
CA PHE A 24 -3.38 -1.50 -4.49
C PHE A 24 -4.33 -2.71 -4.54
N SER A 25 -4.56 -3.25 -5.74
CA SER A 25 -5.15 -4.57 -6.00
C SER A 25 -4.83 -5.13 -7.40
N PRO A 26 -4.78 -4.33 -8.49
CA PRO A 26 -4.32 -4.81 -9.80
C PRO A 26 -2.79 -4.78 -9.96
N TYR A 27 -2.06 -5.05 -8.87
CA TYR A 27 -0.61 -4.92 -8.75
C TYR A 27 -0.02 -6.08 -7.94
N GLY A 28 0.92 -6.81 -8.53
CA GLY A 28 1.49 -8.01 -7.93
C GLY A 28 0.54 -9.21 -7.92
N HIS A 29 0.82 -10.18 -7.05
CA HIS A 29 0.16 -11.49 -7.01
C HIS A 29 -0.79 -11.67 -5.83
N ILE A 30 -0.87 -10.68 -4.91
CA ILE A 30 -1.83 -10.57 -3.81
C ILE A 30 -1.68 -11.64 -2.71
N MET A 31 -2.13 -11.31 -1.49
CA MET A 31 -2.40 -12.24 -0.39
C MET A 31 -3.50 -11.67 0.54
N GLN A 32 -3.35 -10.47 1.10
CA GLN A 32 -4.23 -9.92 2.15
C GLN A 32 -4.16 -8.38 2.26
N ILE A 33 -5.27 -7.72 2.64
CA ILE A 33 -5.29 -6.32 3.12
C ILE A 33 -5.52 -6.25 4.66
N ASN A 34 -4.96 -5.27 5.37
CA ASN A 34 -5.10 -5.13 6.82
C ASN A 34 -5.09 -3.65 7.26
N ILE A 35 -6.25 -3.06 7.56
CA ILE A 35 -6.37 -1.62 7.89
C ILE A 35 -6.31 -1.35 9.40
N LYS A 36 -5.78 -0.18 9.79
CA LYS A 36 -5.88 0.38 11.13
C LYS A 36 -6.50 1.78 11.11
N ASN A 37 -7.09 2.20 12.24
CA ASN A 37 -7.78 3.49 12.46
C ASN A 37 -6.90 4.77 12.39
N ALA A 38 -5.77 4.74 11.72
CA ALA A 38 -4.88 5.89 11.47
C ALA A 38 -4.04 5.74 10.19
N PHE A 39 -3.67 4.51 9.86
CA PHE A 39 -2.84 4.15 8.70
C PHE A 39 -3.16 2.71 8.26
N GLY A 40 -2.89 2.41 7.00
CA GLY A 40 -3.17 1.11 6.39
C GLY A 40 -1.96 0.22 6.26
N PHE A 41 -2.19 -1.09 6.27
CA PHE A 41 -1.26 -2.11 5.77
C PHE A 41 -1.89 -2.98 4.68
N ILE A 42 -1.03 -3.55 3.85
CA ILE A 42 -1.30 -4.63 2.90
C ILE A 42 -0.17 -5.65 3.04
N GLN A 43 -0.42 -6.92 2.73
CA GLN A 43 0.57 -7.99 2.67
C GLN A 43 0.28 -8.80 1.40
N PHE A 44 1.04 -8.59 0.33
CA PHE A 44 0.81 -9.17 -0.99
C PHE A 44 2.01 -10.00 -1.48
N ASP A 45 1.75 -10.96 -2.36
CA ASP A 45 2.77 -11.61 -3.16
C ASP A 45 3.25 -10.69 -4.30
N ASN A 46 4.48 -10.94 -4.81
CA ASN A 46 5.23 -10.16 -5.79
C ASN A 46 5.73 -8.76 -5.31
N PRO A 47 6.87 -8.69 -4.57
CA PRO A 47 7.43 -7.43 -4.07
C PRO A 47 7.74 -6.40 -5.16
N GLN A 48 8.23 -6.84 -6.33
CA GLN A 48 8.63 -5.91 -7.40
C GLN A 48 7.44 -5.15 -8.00
N SER A 49 6.26 -5.79 -8.08
CA SER A 49 5.03 -5.12 -8.53
C SER A 49 4.25 -4.42 -7.41
N VAL A 50 4.47 -4.78 -6.14
CA VAL A 50 4.08 -3.93 -5.00
C VAL A 50 4.91 -2.64 -5.01
N ARG A 51 6.22 -2.71 -5.26
CA ARG A 51 7.08 -1.54 -5.48
C ARG A 51 6.68 -0.74 -6.73
N ASP A 52 6.32 -1.42 -7.83
CA ASP A 52 5.83 -0.77 -9.05
C ASP A 52 4.58 0.08 -8.81
N ALA A 53 3.71 -0.39 -7.93
CA ALA A 53 2.51 0.33 -7.53
C ALA A 53 2.81 1.54 -6.63
N ILE A 54 3.92 1.55 -5.87
CA ILE A 54 4.36 2.74 -5.12
C ILE A 54 4.71 3.86 -6.08
N GLU A 55 5.58 3.61 -7.06
CA GLU A 55 5.92 4.62 -8.06
C GLU A 55 4.75 4.99 -9.00
N CYS A 56 3.63 4.23 -8.95
CA CYS A 56 2.38 4.49 -9.67
C CYS A 56 1.33 5.26 -8.85
N GLU A 57 1.26 5.09 -7.52
CA GLU A 57 0.16 5.59 -6.69
C GLU A 57 0.61 6.42 -5.46
N SER A 58 1.89 6.36 -5.08
CA SER A 58 2.55 7.23 -4.08
C SER A 58 2.84 8.63 -4.67
N GLN A 59 1.95 9.09 -5.55
CA GLN A 59 2.01 10.30 -6.34
C GLN A 59 0.58 10.80 -6.55
N GLU A 60 0.38 12.12 -6.54
CA GLU A 60 -0.90 12.78 -6.84
C GLU A 60 -0.65 13.98 -7.76
N MET A 61 -1.69 14.49 -8.42
CA MET A 61 -1.62 15.71 -9.24
C MET A 61 -1.14 16.90 -8.38
N ASN A 62 -0.30 17.77 -8.93
CA ASN A 62 0.36 18.84 -8.17
C ASN A 62 -0.64 19.89 -7.66
N PHE A 63 -0.96 19.81 -6.37
CA PHE A 63 -2.03 20.57 -5.70
C PHE A 63 -1.75 20.77 -4.19
N GLY A 64 -0.46 20.78 -3.80
CA GLY A 64 -0.03 20.88 -2.39
C GLY A 64 -0.19 19.60 -1.55
N LYS A 65 -0.47 18.45 -2.20
CA LYS A 65 -0.71 17.14 -1.56
C LYS A 65 -0.12 15.94 -2.32
N LYS A 66 0.25 14.89 -1.59
CA LYS A 66 0.82 13.63 -2.09
C LYS A 66 0.57 12.48 -1.12
N LEU A 67 0.17 11.29 -1.59
CA LEU A 67 0.11 10.08 -0.75
C LEU A 67 1.50 9.45 -0.59
N ILE A 68 1.79 8.92 0.61
CA ILE A 68 3.04 8.22 0.94
C ILE A 68 2.75 6.74 1.15
N LEU A 69 3.45 5.90 0.39
CA LEU A 69 3.38 4.43 0.43
C LEU A 69 4.81 3.88 0.55
N GLU A 70 5.02 2.79 1.29
CA GLU A 70 6.33 2.13 1.44
C GLU A 70 6.23 0.59 1.44
N VAL A 71 7.12 -0.08 0.70
CA VAL A 71 7.21 -1.55 0.67
C VAL A 71 8.21 -2.06 1.70
N SER A 72 7.92 -3.21 2.30
CA SER A 72 8.78 -3.90 3.25
C SER A 72 8.74 -5.42 3.02
N SER A 73 9.90 -6.06 2.91
CA SER A 73 10.02 -7.51 2.67
C SER A 73 10.89 -8.22 3.73
N SER A 74 11.10 -7.56 4.87
CA SER A 74 11.72 -8.14 6.06
C SER A 74 11.19 -7.48 7.33
N ASN A 75 11.17 -8.19 8.43
CA ASN A 75 10.60 -7.74 9.71
C ASN A 75 11.39 -6.58 10.33
N ALA A 76 10.66 -5.65 10.95
CA ALA A 76 11.16 -4.35 11.41
C ALA A 76 10.44 -3.80 12.65
N ARG A 77 9.78 -4.68 13.43
CA ARG A 77 8.96 -4.32 14.61
C ARG A 77 9.02 -5.39 15.69
N PRO A 1 6.78 -15.35 -2.76
CA PRO A 1 7.85 -14.38 -2.44
C PRO A 1 7.60 -13.49 -1.19
N LYS A 2 6.38 -12.97 -1.00
CA LYS A 2 5.88 -12.20 0.19
C LYS A 2 6.54 -10.83 0.43
N SER A 3 5.73 -9.78 0.50
CA SER A 3 6.10 -8.41 0.88
C SER A 3 4.96 -7.69 1.61
N ARG A 4 5.21 -6.49 2.15
CA ARG A 4 4.22 -5.64 2.82
C ARG A 4 4.30 -4.17 2.40
N LEU A 5 3.21 -3.45 2.68
CA LEU A 5 2.98 -2.08 2.23
C LEU A 5 2.41 -1.24 3.39
N PHE A 6 3.02 -0.07 3.61
CA PHE A 6 2.61 0.93 4.60
C PHE A 6 2.07 2.20 3.93
N ILE A 7 1.02 2.79 4.53
CA ILE A 7 0.41 4.07 4.12
C ILE A 7 0.88 5.20 5.06
N GLY A 8 1.90 5.94 4.62
CA GLY A 8 2.49 7.08 5.34
C GLY A 8 1.80 8.43 5.09
N ASN A 9 0.79 8.52 4.22
CA ASN A 9 0.04 9.78 3.97
C ASN A 9 -1.02 10.08 5.04
N LEU A 10 -0.65 9.96 6.32
CA LEU A 10 -1.49 10.23 7.49
C LEU A 10 -2.95 9.72 7.35
N PRO A 11 -3.15 8.40 7.14
CA PRO A 11 -4.47 7.78 6.94
C PRO A 11 -5.35 7.70 8.20
N LEU A 12 -5.16 8.60 9.17
CA LEU A 12 -5.85 8.62 10.47
C LEU A 12 -7.38 8.87 10.34
N LYS A 13 -7.87 9.28 9.17
CA LYS A 13 -9.23 9.80 8.95
C LYS A 13 -9.94 9.10 7.79
N ASN A 14 -11.21 8.77 7.98
CA ASN A 14 -12.12 8.30 6.92
C ASN A 14 -11.57 7.13 6.07
N VAL A 15 -11.04 6.09 6.72
CA VAL A 15 -10.43 4.93 6.04
C VAL A 15 -11.22 3.64 6.22
N SER A 16 -11.18 2.82 5.18
CA SER A 16 -11.91 1.57 5.01
C SER A 16 -11.07 0.59 4.20
N LYS A 17 -11.44 -0.70 4.16
CA LYS A 17 -10.80 -1.70 3.28
C LYS A 17 -10.72 -1.24 1.82
N GLU A 18 -11.70 -0.44 1.38
CA GLU A 18 -11.77 0.12 0.02
C GLU A 18 -10.69 1.18 -0.25
N ASP A 19 -10.10 1.80 0.77
CA ASP A 19 -8.97 2.72 0.61
C ASP A 19 -7.68 1.94 0.29
N LEU A 20 -7.38 0.89 1.05
CA LEU A 20 -6.21 0.04 0.79
C LEU A 20 -6.39 -0.73 -0.53
N PHE A 21 -7.61 -1.17 -0.85
CA PHE A 21 -7.93 -1.89 -2.09
C PHE A 21 -7.89 -0.97 -3.34
N ARG A 22 -8.39 0.28 -3.26
CA ARG A 22 -8.26 1.25 -4.36
C ARG A 22 -6.85 1.79 -4.51
N ILE A 23 -6.05 1.80 -3.45
CA ILE A 23 -4.61 2.01 -3.53
C ILE A 23 -4.01 0.84 -4.30
N PHE A 24 -3.89 -0.38 -3.74
CA PHE A 24 -3.35 -1.56 -4.44
C PHE A 24 -4.32 -2.75 -4.42
N SER A 25 -4.65 -3.29 -5.59
CA SER A 25 -5.24 -4.64 -5.71
C SER A 25 -4.88 -5.37 -7.03
N PRO A 26 -5.10 -4.82 -8.24
CA PRO A 26 -4.94 -5.56 -9.50
C PRO A 26 -3.49 -5.61 -10.01
N TYR A 27 -2.49 -5.43 -9.15
CA TYR A 27 -1.08 -5.30 -9.56
C TYR A 27 -0.30 -6.63 -9.63
N GLY A 28 -0.61 -7.61 -8.75
CA GLY A 28 0.20 -8.82 -8.57
C GLY A 28 -0.52 -9.95 -7.87
N HIS A 29 0.24 -10.92 -7.33
CA HIS A 29 -0.30 -12.18 -6.82
C HIS A 29 -1.12 -12.06 -5.53
N ILE A 30 -0.90 -11.02 -4.71
CA ILE A 30 -1.70 -10.71 -3.49
C ILE A 30 -1.55 -11.76 -2.37
N MET A 31 -1.90 -11.42 -1.13
CA MET A 31 -2.19 -12.40 -0.05
C MET A 31 -3.26 -11.86 0.90
N GLN A 32 -3.02 -10.72 1.55
CA GLN A 32 -3.83 -10.21 2.66
C GLN A 32 -3.92 -8.67 2.65
N ILE A 33 -5.10 -8.13 2.93
CA ILE A 33 -5.38 -6.70 3.11
C ILE A 33 -6.02 -6.46 4.49
N ASN A 34 -5.46 -5.54 5.29
CA ASN A 34 -5.98 -5.16 6.61
C ASN A 34 -6.12 -3.63 6.74
N ILE A 35 -7.04 -3.18 7.58
CA ILE A 35 -7.30 -1.75 7.77
C ILE A 35 -7.59 -1.41 9.23
N LYS A 36 -7.32 -0.14 9.57
CA LYS A 36 -7.36 0.37 10.94
C LYS A 36 -7.73 1.85 10.94
N ASN A 37 -8.43 2.27 11.99
CA ASN A 37 -8.74 3.66 12.38
C ASN A 37 -7.53 4.60 12.63
N ALA A 38 -6.33 4.21 12.20
CA ALA A 38 -5.08 4.94 12.34
C ALA A 38 -4.18 4.73 11.12
N PHE A 39 -3.73 3.49 10.88
CA PHE A 39 -2.83 3.14 9.78
C PHE A 39 -3.21 1.79 9.17
N GLY A 40 -3.69 1.80 7.93
CA GLY A 40 -3.96 0.58 7.15
C GLY A 40 -2.70 0.00 6.53
N PHE A 41 -2.67 -1.33 6.33
CA PHE A 41 -1.52 -2.06 5.81
C PHE A 41 -1.95 -3.16 4.83
N ILE A 42 -1.02 -3.53 3.95
CA ILE A 42 -1.19 -4.63 3.00
C ILE A 42 -0.02 -5.60 3.14
N GLN A 43 -0.28 -6.90 2.99
CA GLN A 43 0.74 -7.95 2.91
C GLN A 43 0.46 -8.78 1.66
N PHE A 44 1.18 -8.50 0.57
CA PHE A 44 0.92 -9.07 -0.76
C PHE A 44 2.13 -9.84 -1.28
N ASP A 45 1.88 -10.84 -2.11
CA ASP A 45 2.91 -11.52 -2.88
C ASP A 45 3.20 -10.79 -4.21
N ASN A 46 4.38 -11.06 -4.77
CA ASN A 46 5.09 -10.28 -5.79
C ASN A 46 5.53 -8.89 -5.27
N PRO A 47 6.67 -8.80 -4.55
CA PRO A 47 7.25 -7.53 -4.08
C PRO A 47 7.41 -6.48 -5.17
N GLN A 48 7.69 -6.89 -6.41
CA GLN A 48 7.87 -5.99 -7.54
C GLN A 48 6.55 -5.45 -8.10
N SER A 49 5.43 -6.13 -7.88
CA SER A 49 4.10 -5.54 -8.06
C SER A 49 3.81 -4.50 -6.99
N VAL A 50 4.17 -4.78 -5.73
CA VAL A 50 4.01 -3.82 -4.61
C VAL A 50 4.87 -2.57 -4.85
N ARG A 51 6.12 -2.71 -5.30
CA ARG A 51 6.99 -1.57 -5.61
C ARG A 51 6.55 -0.81 -6.87
N ASP A 52 6.20 -1.49 -7.95
CA ASP A 52 5.71 -0.80 -9.16
C ASP A 52 4.41 -0.03 -8.88
N ALA A 53 3.55 -0.55 -8.00
CA ALA A 53 2.37 0.16 -7.55
C ALA A 53 2.69 1.42 -6.72
N ILE A 54 3.82 1.47 -5.98
CA ILE A 54 4.29 2.71 -5.32
C ILE A 54 4.63 3.77 -6.36
N GLU A 55 5.46 3.46 -7.35
CA GLU A 55 5.84 4.44 -8.39
C GLU A 55 4.67 4.84 -9.31
N CYS A 56 3.58 4.06 -9.33
CA CYS A 56 2.31 4.42 -9.96
C CYS A 56 1.40 5.29 -9.08
N GLU A 57 1.21 4.95 -7.80
CA GLU A 57 0.16 5.53 -6.95
C GLU A 57 0.68 6.57 -5.93
N SER A 58 1.93 6.46 -5.48
CA SER A 58 2.65 7.53 -4.78
C SER A 58 3.11 8.63 -5.75
N GLN A 59 2.80 8.51 -7.05
CA GLN A 59 3.08 9.53 -8.05
C GLN A 59 2.24 10.80 -7.79
N GLU A 60 2.89 11.96 -7.76
CA GLU A 60 2.23 13.26 -7.60
C GLU A 60 1.52 13.68 -8.90
N MET A 61 0.31 14.22 -8.75
CA MET A 61 -0.54 14.73 -9.85
C MET A 61 -1.25 16.04 -9.45
N ASN A 62 -1.63 16.85 -10.45
CA ASN A 62 -2.38 18.08 -10.24
C ASN A 62 -3.80 17.82 -9.70
N PHE A 63 -4.38 18.83 -9.06
CA PHE A 63 -5.72 18.82 -8.43
C PHE A 63 -5.89 17.73 -7.35
N GLY A 64 -4.85 17.48 -6.56
CA GLY A 64 -4.79 16.35 -5.64
C GLY A 64 -3.71 16.41 -4.56
N LYS A 65 -3.47 15.24 -3.96
CA LYS A 65 -2.46 14.99 -2.92
C LYS A 65 -1.50 13.87 -3.33
N LYS A 66 -0.21 14.03 -3.06
CA LYS A 66 0.77 12.95 -3.22
C LYS A 66 0.58 11.94 -2.08
N LEU A 67 0.19 10.73 -2.42
CA LEU A 67 0.13 9.61 -1.49
C LEU A 67 1.55 9.14 -1.17
N ILE A 68 1.78 8.68 0.05
CA ILE A 68 3.11 8.38 0.59
C ILE A 68 3.09 6.92 1.02
N LEU A 69 3.77 6.08 0.26
CA LEU A 69 3.67 4.62 0.32
C LEU A 69 5.06 4.02 0.49
N GLU A 70 5.22 2.99 1.31
CA GLU A 70 6.49 2.28 1.50
C GLU A 70 6.34 0.77 1.40
N VAL A 71 7.30 0.12 0.72
CA VAL A 71 7.37 -1.35 0.60
C VAL A 71 8.45 -1.90 1.52
N SER A 72 8.08 -2.92 2.28
CA SER A 72 8.95 -3.59 3.24
C SER A 72 8.81 -5.10 3.09
N SER A 73 9.88 -5.85 3.36
CA SER A 73 9.83 -7.31 3.41
C SER A 73 10.53 -7.80 4.67
N SER A 74 9.91 -8.77 5.34
CA SER A 74 10.35 -9.37 6.61
C SER A 74 11.01 -10.75 6.42
N ASN A 75 11.36 -11.07 5.17
CA ASN A 75 12.00 -12.32 4.77
C ASN A 75 13.45 -12.39 5.29
N ALA A 76 13.95 -13.57 5.59
CA ALA A 76 15.34 -13.75 6.00
C ALA A 76 16.32 -13.45 4.86
N ARG A 77 17.47 -12.85 5.20
CA ARG A 77 18.53 -12.46 4.25
C ARG A 77 19.91 -12.42 4.93
N PRO A 1 6.00 -15.68 -3.13
CA PRO A 1 6.80 -14.67 -2.40
C PRO A 1 5.93 -13.81 -1.48
N LYS A 2 6.52 -13.09 -0.53
CA LYS A 2 5.80 -12.27 0.45
C LYS A 2 6.42 -10.89 0.60
N SER A 3 5.58 -9.86 0.63
CA SER A 3 5.94 -8.46 0.86
C SER A 3 4.80 -7.77 1.59
N ARG A 4 5.11 -6.69 2.32
CA ARG A 4 4.10 -5.79 2.88
C ARG A 4 4.26 -4.36 2.40
N LEU A 5 3.17 -3.63 2.58
CA LEU A 5 2.97 -2.27 2.11
C LEU A 5 2.30 -1.47 3.23
N PHE A 6 2.97 -0.41 3.64
CA PHE A 6 2.52 0.51 4.67
C PHE A 6 2.01 1.81 4.03
N ILE A 7 0.86 2.30 4.48
CA ILE A 7 0.29 3.57 4.05
C ILE A 7 0.78 4.68 5.00
N GLY A 8 1.26 5.81 4.47
CA GLY A 8 1.56 7.02 5.24
C GLY A 8 0.30 7.81 5.64
N ASN A 9 0.45 9.11 5.88
CA ASN A 9 -0.67 10.00 6.19
C ASN A 9 -1.59 10.22 4.97
N LEU A 10 -2.52 9.28 4.76
CA LEU A 10 -3.51 9.29 3.68
C LEU A 10 -4.93 8.80 4.11
N PRO A 11 -5.12 7.74 4.92
CA PRO A 11 -6.41 7.06 5.03
C PRO A 11 -7.31 7.58 6.17
N LEU A 12 -7.06 8.76 6.73
CA LEU A 12 -7.83 9.31 7.88
C LEU A 12 -9.27 9.76 7.55
N LYS A 13 -9.87 9.22 6.49
CA LYS A 13 -11.20 9.54 5.96
C LYS A 13 -11.91 8.27 5.52
N ASN A 14 -13.16 8.10 5.93
CA ASN A 14 -14.01 6.94 5.60
C ASN A 14 -13.27 5.59 5.63
N VAL A 15 -12.49 5.35 6.69
CA VAL A 15 -11.42 4.35 6.71
C VAL A 15 -11.99 2.94 6.57
N SER A 16 -11.50 2.19 5.58
CA SER A 16 -12.06 0.92 5.10
C SER A 16 -11.01 0.11 4.35
N LYS A 17 -11.11 -1.22 4.35
CA LYS A 17 -10.31 -2.10 3.48
C LYS A 17 -10.56 -1.85 1.99
N GLU A 18 -11.64 -1.17 1.63
CA GLU A 18 -11.86 -0.67 0.26
C GLU A 18 -10.91 0.48 -0.09
N ASP A 19 -10.52 1.35 0.84
CA ASP A 19 -9.60 2.46 0.54
C ASP A 19 -8.18 1.97 0.26
N LEU A 20 -7.73 0.93 0.96
CA LEU A 20 -6.47 0.25 0.65
C LEU A 20 -6.56 -0.57 -0.65
N PHE A 21 -7.69 -1.23 -0.90
CA PHE A 21 -7.97 -1.94 -2.16
C PHE A 21 -7.99 -0.99 -3.37
N ARG A 22 -8.53 0.22 -3.22
CA ARG A 22 -8.52 1.26 -4.27
C ARG A 22 -7.11 1.76 -4.53
N ILE A 23 -6.27 1.86 -3.50
CA ILE A 23 -4.84 2.16 -3.64
C ILE A 23 -4.17 0.99 -4.40
N PHE A 24 -3.98 -0.17 -3.78
CA PHE A 24 -3.41 -1.36 -4.44
C PHE A 24 -4.36 -2.57 -4.34
N SER A 25 -4.76 -3.10 -5.49
CA SER A 25 -5.29 -4.48 -5.64
C SER A 25 -5.04 -5.13 -7.02
N PRO A 26 -4.96 -4.42 -8.18
CA PRO A 26 -4.68 -5.06 -9.47
C PRO A 26 -3.18 -5.32 -9.71
N TYR A 27 -2.39 -5.48 -8.64
CA TYR A 27 -0.94 -5.60 -8.62
C TYR A 27 -0.52 -6.93 -7.97
N GLY A 28 0.45 -7.61 -8.56
CA GLY A 28 1.03 -8.82 -8.00
C GLY A 28 0.07 -10.01 -7.95
N HIS A 29 0.40 -10.97 -7.08
CA HIS A 29 -0.34 -12.24 -6.94
C HIS A 29 -1.30 -12.25 -5.74
N ILE A 30 -1.25 -11.22 -4.88
CA ILE A 30 -2.18 -10.96 -3.74
C ILE A 30 -2.07 -11.97 -2.57
N MET A 31 -2.21 -11.47 -1.34
CA MET A 31 -2.35 -12.28 -0.11
C MET A 31 -3.42 -11.68 0.84
N GLN A 32 -3.08 -10.65 1.64
CA GLN A 32 -3.88 -10.13 2.76
C GLN A 32 -3.93 -8.58 2.83
N ILE A 33 -4.90 -8.03 3.56
CA ILE A 33 -5.16 -6.57 3.66
C ILE A 33 -5.75 -6.22 5.04
N ASN A 34 -5.09 -5.33 5.80
CA ASN A 34 -5.39 -5.08 7.22
C ASN A 34 -5.59 -3.58 7.50
N ILE A 35 -6.85 -3.17 7.63
CA ILE A 35 -7.24 -1.77 7.90
C ILE A 35 -7.30 -1.47 9.40
N LYS A 36 -6.75 -0.33 9.80
CA LYS A 36 -6.77 0.22 11.17
C LYS A 36 -7.45 1.61 11.18
N ASN A 37 -7.81 2.10 12.36
CA ASN A 37 -8.65 3.31 12.46
C ASN A 37 -7.90 4.63 12.22
N ALA A 38 -6.57 4.63 12.34
CA ALA A 38 -5.69 5.79 12.11
C ALA A 38 -4.62 5.59 11.01
N PHE A 39 -4.51 4.38 10.44
CA PHE A 39 -3.56 4.01 9.38
C PHE A 39 -3.98 2.69 8.71
N GLY A 40 -3.23 2.20 7.72
CA GLY A 40 -3.48 0.88 7.12
C GLY A 40 -2.22 0.15 6.63
N PHE A 41 -2.34 -1.18 6.50
CA PHE A 41 -1.32 -2.07 5.95
C PHE A 41 -1.91 -3.07 4.92
N ILE A 42 -1.07 -3.45 3.97
CA ILE A 42 -1.31 -4.51 2.98
C ILE A 42 -0.17 -5.54 3.08
N GLN A 43 -0.44 -6.80 2.77
CA GLN A 43 0.59 -7.82 2.58
C GLN A 43 0.27 -8.59 1.30
N PHE A 44 1.10 -8.50 0.26
CA PHE A 44 0.85 -9.16 -1.04
C PHE A 44 2.02 -10.03 -1.48
N ASP A 45 1.72 -11.01 -2.32
CA ASP A 45 2.70 -11.75 -3.09
C ASP A 45 3.11 -10.93 -4.34
N ASN A 46 4.39 -11.03 -4.72
CA ASN A 46 5.13 -10.24 -5.73
C ASN A 46 5.62 -8.84 -5.24
N PRO A 47 6.77 -8.76 -4.52
CA PRO A 47 7.32 -7.51 -3.99
C PRO A 47 7.61 -6.44 -5.04
N GLN A 48 8.12 -6.82 -6.23
CA GLN A 48 8.45 -5.84 -7.28
C GLN A 48 7.20 -5.20 -7.87
N SER A 49 6.06 -5.90 -7.88
CA SER A 49 4.75 -5.32 -8.25
C SER A 49 4.24 -4.30 -7.22
N VAL A 50 4.51 -4.53 -5.93
CA VAL A 50 4.15 -3.60 -4.85
C VAL A 50 4.99 -2.33 -4.97
N ARG A 51 6.28 -2.44 -5.31
CA ARG A 51 7.11 -1.26 -5.66
C ARG A 51 6.64 -0.58 -6.95
N ASP A 52 6.25 -1.33 -7.98
CA ASP A 52 5.71 -0.75 -9.22
C ASP A 52 4.45 0.07 -8.95
N ALA A 53 3.61 -0.41 -8.03
CA ALA A 53 2.42 0.32 -7.58
C ALA A 53 2.77 1.57 -6.75
N ILE A 54 3.86 1.58 -5.95
CA ILE A 54 4.35 2.80 -5.29
C ILE A 54 4.77 3.84 -6.33
N GLU A 55 5.60 3.48 -7.31
CA GLU A 55 5.99 4.44 -8.36
C GLU A 55 4.83 4.82 -9.32
N CYS A 56 3.70 4.10 -9.28
CA CYS A 56 2.50 4.38 -10.05
C CYS A 56 1.41 5.18 -9.30
N GLU A 57 1.31 5.06 -7.97
CA GLU A 57 0.36 5.80 -7.12
C GLU A 57 1.06 6.86 -6.26
N SER A 58 2.05 6.44 -5.47
CA SER A 58 2.78 7.30 -4.52
C SER A 58 3.58 8.40 -5.20
N GLN A 59 3.79 8.31 -6.51
CA GLN A 59 4.54 9.26 -7.33
C GLN A 59 3.71 9.81 -8.51
N GLU A 60 2.39 9.56 -8.56
CA GLU A 60 1.50 10.19 -9.53
C GLU A 60 1.16 11.62 -9.11
N MET A 61 1.17 12.55 -10.08
CA MET A 61 0.95 13.98 -9.87
C MET A 61 1.94 14.58 -8.85
N ASN A 62 3.18 14.08 -8.84
CA ASN A 62 4.27 14.46 -7.94
C ASN A 62 4.69 15.94 -7.97
N PHE A 63 4.15 16.73 -8.90
CA PHE A 63 4.35 18.17 -9.02
C PHE A 63 3.12 18.99 -8.53
N GLY A 64 2.03 18.34 -8.14
CA GLY A 64 0.78 18.96 -7.64
C GLY A 64 0.31 18.44 -6.26
N LYS A 65 0.65 17.20 -5.91
CA LYS A 65 0.40 16.54 -4.61
C LYS A 65 1.50 15.53 -4.30
N LYS A 66 1.71 15.21 -3.02
CA LYS A 66 2.66 14.17 -2.59
C LYS A 66 2.02 13.10 -1.71
N LEU A 67 2.36 11.84 -1.98
CA LEU A 67 1.77 10.66 -1.35
C LEU A 67 2.87 9.75 -0.80
N ILE A 68 2.68 9.22 0.41
CA ILE A 68 3.62 8.33 1.10
C ILE A 68 3.02 6.92 1.17
N LEU A 69 3.65 5.99 0.46
CA LEU A 69 3.46 4.54 0.55
C LEU A 69 4.86 3.91 0.72
N GLU A 70 5.00 2.78 1.42
CA GLU A 70 6.30 2.14 1.64
C GLU A 70 6.27 0.60 1.61
N VAL A 71 7.17 0.00 0.84
CA VAL A 71 7.24 -1.46 0.60
C VAL A 71 8.37 -2.13 1.38
N SER A 72 8.10 -3.31 1.93
CA SER A 72 9.07 -4.10 2.71
C SER A 72 9.04 -5.58 2.34
N SER A 73 10.20 -6.23 2.44
CA SER A 73 10.36 -7.69 2.40
C SER A 73 11.27 -8.22 3.52
N SER A 74 11.50 -7.42 4.56
CA SER A 74 12.45 -7.69 5.66
C SER A 74 11.80 -8.35 6.89
N ASN A 75 10.60 -8.89 6.70
CA ASN A 75 9.73 -9.45 7.74
C ASN A 75 9.91 -10.97 7.89
N ALA A 76 10.98 -11.52 7.32
CA ALA A 76 11.33 -12.93 7.36
C ALA A 76 12.77 -13.16 7.89
N ARG A 77 13.38 -12.14 8.51
CA ARG A 77 14.76 -12.09 9.01
C ARG A 77 14.94 -11.27 10.29
N PRO A 1 5.91 -15.55 -2.70
CA PRO A 1 6.79 -14.74 -1.84
C PRO A 1 5.99 -13.88 -0.83
N LYS A 2 6.65 -12.92 -0.16
CA LYS A 2 6.00 -12.02 0.82
C LYS A 2 6.48 -10.56 0.70
N SER A 3 5.57 -9.62 0.84
CA SER A 3 5.82 -8.18 0.84
C SER A 3 4.69 -7.43 1.55
N ARG A 4 5.04 -6.38 2.31
CA ARG A 4 4.08 -5.53 3.02
C ARG A 4 4.11 -4.10 2.51
N LEU A 5 2.94 -3.47 2.51
CA LEU A 5 2.72 -2.10 2.07
C LEU A 5 2.14 -1.29 3.23
N PHE A 6 2.81 -0.19 3.59
CA PHE A 6 2.43 0.71 4.67
C PHE A 6 1.90 2.05 4.13
N ILE A 7 0.80 2.54 4.69
CA ILE A 7 0.14 3.79 4.32
C ILE A 7 0.70 4.98 5.15
N GLY A 8 1.86 5.48 4.74
CA GLY A 8 2.51 6.68 5.29
C GLY A 8 1.73 8.00 5.11
N ASN A 9 0.61 7.95 4.38
CA ASN A 9 -0.39 9.02 4.24
C ASN A 9 -1.13 9.38 5.55
N LEU A 10 -0.99 8.57 6.61
CA LEU A 10 -1.59 8.78 7.95
C LEU A 10 -3.10 9.11 7.91
N PRO A 11 -3.95 8.18 7.43
CA PRO A 11 -5.40 8.37 7.19
C PRO A 11 -6.25 8.31 8.48
N LEU A 12 -5.81 8.98 9.55
CA LEU A 12 -6.29 8.86 10.93
C LEU A 12 -7.83 8.96 11.12
N LYS A 13 -8.54 9.61 10.20
CA LYS A 13 -10.01 9.80 10.16
C LYS A 13 -10.66 9.38 8.83
N ASN A 14 -9.92 8.84 7.86
CA ASN A 14 -10.45 8.37 6.57
C ASN A 14 -9.83 7.00 6.20
N VAL A 15 -10.08 6.00 7.04
CA VAL A 15 -9.48 4.67 6.95
C VAL A 15 -10.56 3.58 6.89
N SER A 16 -10.57 2.84 5.77
CA SER A 16 -11.48 1.73 5.45
C SER A 16 -10.83 0.79 4.44
N LYS A 17 -11.19 -0.50 4.44
CA LYS A 17 -10.63 -1.53 3.53
C LYS A 17 -10.68 -1.10 2.05
N GLU A 18 -11.70 -0.35 1.64
CA GLU A 18 -11.81 0.15 0.26
C GLU A 18 -10.76 1.21 -0.09
N ASP A 19 -10.15 1.92 0.88
CA ASP A 19 -9.05 2.85 0.61
C ASP A 19 -7.75 2.10 0.31
N LEU A 20 -7.53 0.95 0.97
CA LEU A 20 -6.39 0.07 0.68
C LEU A 20 -6.59 -0.64 -0.67
N PHE A 21 -7.82 -1.09 -0.95
CA PHE A 21 -8.18 -1.75 -2.21
C PHE A 21 -8.16 -0.80 -3.42
N ARG A 22 -8.59 0.47 -3.28
CA ARG A 22 -8.51 1.46 -4.37
C ARG A 22 -7.07 1.88 -4.66
N ILE A 23 -6.19 1.82 -3.66
CA ILE A 23 -4.74 1.96 -3.81
C ILE A 23 -4.21 0.73 -4.56
N PHE A 24 -4.05 -0.43 -3.91
CA PHE A 24 -3.45 -1.63 -4.51
C PHE A 24 -4.45 -2.79 -4.56
N SER A 25 -4.84 -3.15 -5.79
CA SER A 25 -5.57 -4.37 -6.13
C SER A 25 -5.43 -4.74 -7.63
N PRO A 26 -5.54 -3.80 -8.60
CA PRO A 26 -5.58 -4.16 -10.03
C PRO A 26 -4.21 -4.27 -10.72
N TYR A 27 -3.13 -4.40 -9.96
CA TYR A 27 -1.76 -4.47 -10.46
C TYR A 27 -1.27 -5.90 -10.75
N GLY A 28 -2.09 -6.93 -10.56
CA GLY A 28 -1.68 -8.33 -10.76
C GLY A 28 -0.85 -8.90 -9.61
N HIS A 29 -0.89 -8.28 -8.44
CA HIS A 29 -0.30 -8.80 -7.21
C HIS A 29 -1.26 -8.59 -6.04
N ILE A 30 -1.37 -9.61 -5.19
CA ILE A 30 -2.37 -9.69 -4.11
C ILE A 30 -1.89 -10.67 -3.04
N MET A 31 -2.48 -10.63 -1.84
CA MET A 31 -2.62 -11.81 -0.96
C MET A 31 -3.65 -11.54 0.14
N GLN A 32 -3.35 -10.62 1.07
CA GLN A 32 -4.13 -10.34 2.27
C GLN A 32 -4.19 -8.83 2.58
N ILE A 33 -5.32 -8.36 3.09
CA ILE A 33 -5.51 -6.98 3.58
C ILE A 33 -5.58 -6.95 5.11
N ASN A 34 -4.98 -5.92 5.73
CA ASN A 34 -4.82 -5.80 7.19
C ASN A 34 -4.93 -4.33 7.63
N ILE A 35 -6.15 -3.77 7.59
CA ILE A 35 -6.38 -2.35 7.90
C ILE A 35 -6.69 -2.12 9.38
N LYS A 36 -6.10 -1.05 9.93
CA LYS A 36 -6.16 -0.65 11.35
C LYS A 36 -6.77 0.74 11.49
N ASN A 37 -7.31 1.06 12.66
CA ASN A 37 -8.15 2.24 12.93
C ASN A 37 -7.44 3.62 12.89
N ALA A 38 -6.18 3.67 12.45
CA ALA A 38 -5.35 4.89 12.37
C ALA A 38 -4.57 4.97 11.05
N PHE A 39 -3.83 3.90 10.70
CA PHE A 39 -3.15 3.75 9.41
C PHE A 39 -3.10 2.29 8.98
N GLY A 40 -3.34 2.03 7.70
CA GLY A 40 -3.51 0.68 7.16
C GLY A 40 -2.23 -0.02 6.72
N PHE A 41 -2.31 -1.35 6.63
CA PHE A 41 -1.32 -2.21 5.99
C PHE A 41 -1.95 -3.12 4.93
N ILE A 42 -1.15 -3.50 3.95
CA ILE A 42 -1.39 -4.59 3.00
C ILE A 42 -0.28 -5.62 3.14
N GLN A 43 -0.60 -6.90 2.97
CA GLN A 43 0.31 -8.04 3.10
C GLN A 43 0.13 -8.90 1.84
N PHE A 44 0.87 -8.60 0.77
CA PHE A 44 0.68 -9.13 -0.58
C PHE A 44 1.85 -10.01 -1.05
N ASP A 45 1.66 -10.70 -2.17
CA ASP A 45 2.71 -11.40 -2.92
C ASP A 45 3.34 -10.49 -4.01
N ASN A 46 4.35 -11.00 -4.73
CA ASN A 46 5.15 -10.31 -5.76
C ASN A 46 5.70 -8.93 -5.33
N PRO A 47 6.82 -8.90 -4.57
CA PRO A 47 7.37 -7.67 -3.98
C PRO A 47 7.75 -6.60 -5.02
N GLN A 48 8.15 -7.01 -6.23
CA GLN A 48 8.48 -6.08 -7.29
C GLN A 48 7.23 -5.41 -7.89
N SER A 49 6.10 -6.12 -7.96
CA SER A 49 4.82 -5.52 -8.35
C SER A 49 4.26 -4.58 -7.27
N VAL A 50 4.52 -4.85 -5.98
CA VAL A 50 4.26 -3.89 -4.89
C VAL A 50 5.08 -2.61 -5.09
N ARG A 51 6.38 -2.71 -5.37
CA ARG A 51 7.24 -1.55 -5.63
C ARG A 51 6.84 -0.78 -6.89
N ASP A 52 6.54 -1.48 -7.98
CA ASP A 52 6.04 -0.90 -9.23
C ASP A 52 4.74 -0.11 -9.02
N ALA A 53 3.85 -0.60 -8.15
CA ALA A 53 2.62 0.10 -7.82
C ALA A 53 2.86 1.35 -6.96
N ILE A 54 3.93 1.44 -6.16
CA ILE A 54 4.31 2.66 -5.43
C ILE A 54 4.75 3.75 -6.42
N GLU A 55 5.67 3.46 -7.33
CA GLU A 55 6.13 4.45 -8.32
C GLU A 55 5.03 4.87 -9.31
N CYS A 56 3.95 4.08 -9.43
CA CYS A 56 2.74 4.49 -10.13
C CYS A 56 1.83 5.36 -9.25
N GLU A 57 1.36 4.88 -8.10
CA GLU A 57 0.28 5.48 -7.29
C GLU A 57 0.74 6.55 -6.29
N SER A 58 1.93 6.38 -5.70
CA SER A 58 2.54 7.31 -4.73
C SER A 58 3.33 8.44 -5.40
N GLN A 59 3.43 8.40 -6.74
CA GLN A 59 3.82 9.53 -7.58
C GLN A 59 2.65 10.52 -7.69
N GLU A 60 2.39 11.21 -6.58
CA GLU A 60 1.31 12.16 -6.39
C GLU A 60 1.79 13.31 -5.49
N MET A 61 1.43 14.55 -5.83
CA MET A 61 1.80 15.76 -5.09
C MET A 61 0.64 16.75 -5.03
N ASN A 62 0.45 17.39 -3.89
CA ASN A 62 -0.53 18.45 -3.65
C ASN A 62 -0.02 19.44 -2.57
N PHE A 63 -0.59 20.65 -2.50
CA PHE A 63 -0.20 21.71 -1.54
C PHE A 63 -0.75 21.46 -0.13
N GLY A 64 -0.48 20.27 0.39
CA GLY A 64 -0.92 19.71 1.66
C GLY A 64 -0.26 18.35 1.88
N LYS A 65 -0.95 17.43 2.57
CA LYS A 65 -0.54 16.01 2.71
C LYS A 65 -0.25 15.32 1.37
N LYS A 66 0.53 14.24 1.42
CA LYS A 66 0.96 13.41 0.29
C LYS A 66 0.44 11.98 0.39
N LEU A 67 0.09 11.35 -0.73
CA LEU A 67 -0.20 9.90 -0.76
C LEU A 67 1.08 9.07 -0.67
N ILE A 68 1.71 9.05 0.51
CA ILE A 68 2.91 8.25 0.80
C ILE A 68 2.53 6.78 0.99
N LEU A 69 3.15 5.92 0.18
CA LEU A 69 3.09 4.47 0.28
C LEU A 69 4.52 3.93 0.43
N GLU A 70 4.74 2.93 1.29
CA GLU A 70 6.08 2.35 1.49
C GLU A 70 6.06 0.81 1.45
N VAL A 71 7.02 0.22 0.73
CA VAL A 71 7.18 -1.24 0.64
C VAL A 71 8.25 -1.75 1.62
N SER A 72 7.95 -2.87 2.28
CA SER A 72 8.85 -3.61 3.17
C SER A 72 8.70 -5.11 2.97
N SER A 73 9.62 -5.91 3.52
CA SER A 73 9.67 -7.36 3.31
C SER A 73 10.35 -8.06 4.48
N SER A 74 9.99 -9.33 4.70
CA SER A 74 10.60 -10.22 5.71
C SER A 74 12.05 -10.61 5.38
N ASN A 75 12.58 -10.13 4.25
CA ASN A 75 13.96 -10.29 3.80
C ASN A 75 14.95 -9.81 4.87
N ALA A 76 15.69 -10.75 5.43
CA ALA A 76 16.67 -10.55 6.51
C ALA A 76 17.99 -11.29 6.21
N ARG A 77 19.09 -10.82 6.79
CA ARG A 77 20.47 -11.28 6.54
C ARG A 77 21.37 -11.22 7.76
N PRO A 1 7.58 -14.93 -3.21
CA PRO A 1 8.08 -14.21 -2.02
C PRO A 1 7.07 -13.19 -1.47
N LYS A 2 7.04 -13.02 -0.16
CA LYS A 2 6.07 -12.20 0.60
C LYS A 2 6.55 -10.75 0.76
N SER A 3 5.62 -9.82 0.96
CA SER A 3 5.93 -8.42 1.27
C SER A 3 4.73 -7.73 1.94
N ARG A 4 4.96 -6.55 2.52
CA ARG A 4 3.89 -5.66 2.98
C ARG A 4 4.05 -4.23 2.48
N LEU A 5 2.97 -3.48 2.61
CA LEU A 5 2.79 -2.11 2.17
C LEU A 5 2.30 -1.27 3.35
N PHE A 6 3.01 -0.18 3.65
CA PHE A 6 2.65 0.84 4.64
C PHE A 6 2.16 2.14 3.97
N ILE A 7 1.17 2.78 4.58
CA ILE A 7 0.56 4.03 4.12
C ILE A 7 1.12 5.24 4.91
N GLY A 8 2.04 5.98 4.28
CA GLY A 8 2.65 7.20 4.83
C GLY A 8 1.95 8.52 4.41
N ASN A 9 0.79 8.45 3.75
CA ASN A 9 0.03 9.60 3.24
C ASN A 9 -0.73 10.42 4.31
N LEU A 10 -0.37 10.21 5.58
CA LEU A 10 -1.11 10.57 6.78
C LEU A 10 -2.60 10.16 6.71
N PRO A 11 -2.89 8.87 7.00
CA PRO A 11 -4.25 8.33 7.04
C PRO A 11 -5.03 8.82 8.28
N LEU A 12 -5.37 7.97 9.25
CA LEU A 12 -6.31 8.29 10.34
C LEU A 12 -7.68 8.84 9.87
N LYS A 13 -8.05 8.54 8.62
CA LYS A 13 -9.22 9.07 7.88
C LYS A 13 -9.70 8.04 6.86
N ASN A 14 -11.00 8.05 6.57
CA ASN A 14 -11.65 7.20 5.55
C ASN A 14 -11.19 5.72 5.61
N VAL A 15 -11.03 5.20 6.84
CA VAL A 15 -10.19 4.04 7.17
C VAL A 15 -10.93 2.70 7.07
N SER A 16 -11.85 2.59 6.10
CA SER A 16 -12.50 1.35 5.70
C SER A 16 -11.70 0.67 4.57
N LYS A 17 -11.71 -0.68 4.53
CA LYS A 17 -10.80 -1.51 3.71
C LYS A 17 -10.69 -1.11 2.24
N GLU A 18 -11.75 -0.58 1.64
CA GLU A 18 -11.78 -0.12 0.25
C GLU A 18 -10.82 1.05 -0.06
N ASP A 19 -10.26 1.71 0.96
CA ASP A 19 -9.15 2.67 0.81
C ASP A 19 -7.84 1.99 0.41
N LEU A 20 -7.52 0.86 1.06
CA LEU A 20 -6.36 0.05 0.69
C LEU A 20 -6.62 -0.72 -0.62
N PHE A 21 -7.85 -1.18 -0.83
CA PHE A 21 -8.24 -1.93 -2.05
C PHE A 21 -8.11 -1.06 -3.30
N ARG A 22 -8.59 0.20 -3.28
CA ARG A 22 -8.48 1.11 -4.43
C ARG A 22 -7.06 1.58 -4.69
N ILE A 23 -6.24 1.65 -3.64
CA ILE A 23 -4.80 1.89 -3.75
C ILE A 23 -4.17 0.68 -4.45
N PHE A 24 -4.00 -0.46 -3.77
CA PHE A 24 -3.44 -1.68 -4.37
C PHE A 24 -4.40 -2.87 -4.20
N SER A 25 -4.75 -3.53 -5.31
CA SER A 25 -5.29 -4.90 -5.31
C SER A 25 -5.13 -5.69 -6.62
N PRO A 26 -4.92 -5.12 -7.83
CA PRO A 26 -4.74 -5.90 -9.06
C PRO A 26 -3.27 -6.24 -9.35
N TYR A 27 -2.37 -6.08 -8.38
CA TYR A 27 -0.91 -6.14 -8.58
C TYR A 27 -0.28 -7.44 -8.05
N GLY A 28 0.88 -7.82 -8.61
CA GLY A 28 1.75 -8.87 -8.09
C GLY A 28 1.13 -10.26 -7.97
N HIS A 29 1.57 -11.00 -6.93
CA HIS A 29 1.11 -12.37 -6.62
C HIS A 29 0.14 -12.41 -5.42
N ILE A 30 -0.16 -11.24 -4.79
CA ILE A 30 -1.25 -10.98 -3.82
C ILE A 30 -1.18 -11.74 -2.48
N MET A 31 -2.04 -11.42 -1.50
CA MET A 31 -2.31 -12.23 -0.28
C MET A 31 -3.50 -11.64 0.51
N GLN A 32 -3.29 -10.57 1.29
CA GLN A 32 -4.21 -10.09 2.33
C GLN A 32 -4.26 -8.56 2.40
N ILE A 33 -5.47 -8.01 2.54
CA ILE A 33 -5.71 -6.62 2.97
C ILE A 33 -5.71 -6.55 4.50
N ASN A 34 -5.10 -5.52 5.10
CA ASN A 34 -4.99 -5.40 6.56
C ASN A 34 -5.13 -3.94 7.03
N ILE A 35 -6.36 -3.44 7.08
CA ILE A 35 -6.64 -2.08 7.56
C ILE A 35 -6.85 -2.06 9.08
N LYS A 36 -6.30 -1.04 9.74
CA LYS A 36 -6.45 -0.77 11.17
C LYS A 36 -6.82 0.71 11.34
N ASN A 37 -7.62 1.05 12.35
CA ASN A 37 -8.25 2.37 12.49
C ASN A 37 -7.30 3.50 12.95
N ALA A 38 -6.05 3.47 12.50
CA ALA A 38 -5.08 4.57 12.56
C ALA A 38 -4.22 4.57 11.29
N PHE A 39 -3.54 3.45 11.00
CA PHE A 39 -2.72 3.24 9.81
C PHE A 39 -3.16 1.97 9.08
N GLY A 40 -3.46 2.08 7.79
CA GLY A 40 -3.77 0.93 6.94
C GLY A 40 -2.52 0.25 6.39
N PHE A 41 -2.61 -1.07 6.18
CA PHE A 41 -1.57 -1.91 5.60
C PHE A 41 -2.14 -2.86 4.54
N ILE A 42 -1.24 -3.39 3.72
CA ILE A 42 -1.49 -4.50 2.79
C ILE A 42 -0.34 -5.50 2.91
N GLN A 43 -0.60 -6.79 2.70
CA GLN A 43 0.39 -7.88 2.80
C GLN A 43 0.25 -8.75 1.55
N PHE A 44 1.11 -8.55 0.54
CA PHE A 44 1.01 -9.17 -0.79
C PHE A 44 2.30 -9.90 -1.20
N ASP A 45 2.15 -11.01 -1.92
CA ASP A 45 3.26 -11.65 -2.61
C ASP A 45 3.70 -10.85 -3.87
N ASN A 46 4.98 -11.02 -4.25
CA ASN A 46 5.76 -10.21 -5.20
C ASN A 46 5.99 -8.74 -4.76
N PRO A 47 7.07 -8.45 -3.99
CA PRO A 47 7.44 -7.07 -3.62
C PRO A 47 7.72 -6.16 -4.83
N GLN A 48 8.08 -6.69 -5.98
CA GLN A 48 8.45 -5.90 -7.16
C GLN A 48 7.23 -5.18 -7.73
N SER A 49 6.09 -5.86 -7.83
CA SER A 49 4.81 -5.25 -8.24
C SER A 49 4.21 -4.35 -7.16
N VAL A 50 4.47 -4.63 -5.87
CA VAL A 50 4.11 -3.71 -4.77
C VAL A 50 4.91 -2.41 -4.91
N ARG A 51 6.23 -2.49 -5.15
CA ARG A 51 7.09 -1.33 -5.43
C ARG A 51 6.70 -0.60 -6.73
N ASP A 52 6.31 -1.33 -7.77
CA ASP A 52 5.80 -0.75 -9.01
C ASP A 52 4.52 0.05 -8.77
N ALA A 53 3.59 -0.49 -8.00
CA ALA A 53 2.37 0.21 -7.61
C ALA A 53 2.65 1.44 -6.72
N ILE A 54 3.71 1.43 -5.89
CA ILE A 54 4.15 2.62 -5.12
C ILE A 54 4.50 3.76 -6.08
N GLU A 55 5.40 3.54 -7.04
CA GLU A 55 5.82 4.58 -7.98
C GLU A 55 4.74 4.94 -9.01
N CYS A 56 3.70 4.11 -9.18
CA CYS A 56 2.56 4.41 -10.04
C CYS A 56 1.42 5.16 -9.33
N GLU A 57 1.12 4.87 -8.05
CA GLU A 57 -0.03 5.42 -7.30
C GLU A 57 0.34 6.54 -6.32
N SER A 58 1.58 6.63 -5.82
CA SER A 58 2.03 7.82 -5.05
C SER A 58 2.14 9.09 -5.91
N GLN A 59 1.96 8.97 -7.23
CA GLN A 59 2.20 10.01 -8.23
C GLN A 59 1.20 9.96 -9.40
N GLU A 60 -0.01 9.41 -9.22
CA GLU A 60 -1.01 9.34 -10.30
C GLU A 60 -1.79 10.67 -10.40
N MET A 61 -1.19 11.63 -11.12
CA MET A 61 -1.71 12.99 -11.31
C MET A 61 -1.91 13.77 -9.99
N ASN A 62 -1.26 13.35 -8.91
CA ASN A 62 -1.38 13.92 -7.56
C ASN A 62 -0.65 15.27 -7.43
N PHE A 63 -0.92 16.00 -6.33
CA PHE A 63 -0.22 17.25 -5.98
C PHE A 63 0.33 17.27 -4.54
N GLY A 64 1.29 18.15 -4.28
CA GLY A 64 1.99 18.24 -2.98
C GLY A 64 2.87 17.04 -2.68
N LYS A 65 3.38 16.94 -1.45
CA LYS A 65 4.33 15.90 -1.00
C LYS A 65 3.97 15.25 0.34
N LYS A 66 2.72 15.37 0.81
CA LYS A 66 2.20 14.65 2.00
C LYS A 66 1.54 13.31 1.64
N LEU A 67 1.91 12.74 0.49
CA LEU A 67 1.56 11.39 0.09
C LEU A 67 2.81 10.54 -0.17
N ILE A 68 2.85 9.35 0.44
CA ILE A 68 3.82 8.30 0.14
C ILE A 68 3.28 6.94 0.57
N LEU A 69 3.78 5.90 -0.11
CA LEU A 69 3.49 4.49 0.10
C LEU A 69 4.86 3.77 0.22
N GLU A 70 5.01 2.76 1.07
CA GLU A 70 6.31 2.11 1.34
C GLU A 70 6.22 0.58 1.37
N VAL A 71 7.13 -0.10 0.67
CA VAL A 71 7.23 -1.57 0.67
C VAL A 71 8.19 -2.04 1.77
N SER A 72 7.88 -3.16 2.40
CA SER A 72 8.72 -3.80 3.41
C SER A 72 8.70 -5.32 3.26
N SER A 73 9.81 -5.98 3.59
CA SER A 73 9.83 -7.44 3.68
C SER A 73 9.14 -7.94 4.94
N SER A 74 8.48 -9.09 4.84
CA SER A 74 7.99 -9.89 5.97
C SER A 74 8.81 -11.17 6.18
N ASN A 75 9.92 -11.32 5.42
CA ASN A 75 10.82 -12.46 5.45
C ASN A 75 12.29 -12.02 5.27
N ALA A 76 12.74 -11.08 6.10
CA ALA A 76 14.10 -10.55 6.13
C ALA A 76 14.76 -10.63 7.51
N ARG A 77 16.10 -10.62 7.52
CA ARG A 77 16.97 -10.77 8.68
C ARG A 77 17.68 -9.48 9.11
N PRO A 1 6.52 -15.51 -2.89
CA PRO A 1 7.17 -14.46 -2.09
C PRO A 1 6.26 -13.78 -1.06
N LYS A 2 6.83 -12.88 -0.27
CA LYS A 2 6.20 -12.10 0.80
C LYS A 2 6.54 -10.62 0.63
N SER A 3 5.61 -9.75 1.04
CA SER A 3 5.82 -8.31 1.21
C SER A 3 4.70 -7.73 2.07
N ARG A 4 4.93 -6.53 2.64
CA ARG A 4 3.87 -5.64 3.14
C ARG A 4 4.04 -4.23 2.60
N LEU A 5 2.93 -3.51 2.59
CA LEU A 5 2.78 -2.16 2.07
C LEU A 5 2.16 -1.30 3.17
N PHE A 6 2.89 -0.28 3.60
CA PHE A 6 2.47 0.67 4.61
C PHE A 6 1.98 1.99 3.99
N ILE A 7 1.00 2.62 4.63
CA ILE A 7 0.48 3.95 4.29
C ILE A 7 1.04 4.97 5.28
N GLY A 8 1.59 6.09 4.79
CA GLY A 8 2.01 7.21 5.64
C GLY A 8 0.84 7.89 6.38
N ASN A 9 1.13 8.96 7.12
CA ASN A 9 0.22 9.61 8.07
C ASN A 9 -0.88 10.49 7.43
N LEU A 10 -1.55 9.94 6.40
CA LEU A 10 -2.50 10.61 5.51
C LEU A 10 -3.94 10.03 5.53
N PRO A 11 -4.24 8.76 5.87
CA PRO A 11 -5.61 8.22 5.84
C PRO A 11 -6.43 8.58 7.09
N LEU A 12 -6.26 9.80 7.60
CA LEU A 12 -6.92 10.35 8.80
C LEU A 12 -8.35 10.83 8.45
N LYS A 13 -9.10 9.95 7.77
CA LYS A 13 -10.31 10.26 6.99
C LYS A 13 -11.40 9.20 7.11
N ASN A 14 -11.55 8.64 8.32
CA ASN A 14 -12.42 7.51 8.65
C ASN A 14 -12.20 6.31 7.71
N VAL A 15 -10.98 5.78 7.71
CA VAL A 15 -10.50 4.81 6.71
C VAL A 15 -11.04 3.39 6.94
N SER A 16 -11.19 2.64 5.84
CA SER A 16 -11.67 1.26 5.76
C SER A 16 -10.83 0.50 4.72
N LYS A 17 -10.89 -0.85 4.71
CA LYS A 17 -10.16 -1.70 3.73
C LYS A 17 -10.36 -1.26 2.27
N GLU A 18 -11.53 -0.71 1.96
CA GLU A 18 -11.88 -0.14 0.66
C GLU A 18 -10.84 0.86 0.12
N ASP A 19 -10.21 1.67 0.99
CA ASP A 19 -9.22 2.67 0.61
C ASP A 19 -7.85 2.04 0.29
N LEU A 20 -7.45 1.03 1.07
CA LEU A 20 -6.27 0.21 0.77
C LEU A 20 -6.47 -0.55 -0.54
N PHE A 21 -7.68 -1.06 -0.80
CA PHE A 21 -8.06 -1.79 -2.00
C PHE A 21 -8.14 -0.89 -3.25
N ARG A 22 -8.60 0.37 -3.11
CA ARG A 22 -8.61 1.34 -4.22
C ARG A 22 -7.19 1.76 -4.59
N ILE A 23 -6.31 1.89 -3.60
CA ILE A 23 -4.87 2.08 -3.79
C ILE A 23 -4.30 0.84 -4.50
N PHE A 24 -4.08 -0.30 -3.82
CA PHE A 24 -3.54 -1.53 -4.41
C PHE A 24 -4.49 -2.71 -4.27
N SER A 25 -4.88 -3.28 -5.42
CA SER A 25 -5.53 -4.59 -5.53
C SER A 25 -5.26 -5.28 -6.89
N PRO A 26 -5.21 -4.58 -8.04
CA PRO A 26 -4.87 -5.20 -9.33
C PRO A 26 -3.34 -5.30 -9.55
N TYR A 27 -2.60 -5.76 -8.55
CA TYR A 27 -1.14 -5.88 -8.59
C TYR A 27 -0.67 -7.23 -8.04
N GLY A 28 0.40 -7.76 -8.62
CA GLY A 28 1.14 -8.90 -8.10
C GLY A 28 0.35 -10.20 -7.96
N HIS A 29 0.81 -11.05 -7.05
CA HIS A 29 0.19 -12.34 -6.76
C HIS A 29 -0.74 -12.29 -5.54
N ILE A 30 -0.89 -11.12 -4.89
CA ILE A 30 -1.80 -10.83 -3.76
C ILE A 30 -1.51 -11.68 -2.50
N MET A 31 -2.20 -11.43 -1.39
CA MET A 31 -2.34 -12.37 -0.25
C MET A 31 -3.48 -11.87 0.67
N GLN A 32 -3.25 -10.80 1.43
CA GLN A 32 -4.17 -10.27 2.43
C GLN A 32 -4.13 -8.73 2.51
N ILE A 33 -5.25 -8.14 2.93
CA ILE A 33 -5.45 -6.69 3.11
C ILE A 33 -5.87 -6.42 4.57
N ASN A 34 -5.22 -5.46 5.23
CA ASN A 34 -5.50 -5.09 6.63
C ASN A 34 -5.58 -3.56 6.80
N ILE A 35 -6.44 -3.12 7.72
CA ILE A 35 -6.68 -1.72 8.04
C ILE A 35 -6.84 -1.53 9.55
N LYS A 36 -6.43 -0.36 10.07
CA LYS A 36 -6.62 0.07 11.45
C LYS A 36 -7.08 1.54 11.47
N ASN A 37 -7.22 2.10 12.67
CA ASN A 37 -7.53 3.52 12.87
C ASN A 37 -6.37 4.40 12.36
N ALA A 38 -6.62 5.32 11.43
CA ALA A 38 -5.63 6.27 10.88
C ALA A 38 -4.33 5.69 10.27
N PHE A 39 -4.23 4.37 10.06
CA PHE A 39 -3.15 3.70 9.33
C PHE A 39 -3.61 2.33 8.81
N GLY A 40 -2.95 1.80 7.78
CA GLY A 40 -3.28 0.50 7.19
C GLY A 40 -2.07 -0.22 6.60
N PHE A 41 -2.23 -1.53 6.40
CA PHE A 41 -1.17 -2.42 5.93
C PHE A 41 -1.74 -3.45 4.92
N ILE A 42 -1.26 -3.41 3.69
CA ILE A 42 -1.46 -4.51 2.73
C ILE A 42 -0.32 -5.53 2.89
N GLN A 43 -0.58 -6.81 2.65
CA GLN A 43 0.44 -7.87 2.74
C GLN A 43 0.28 -8.81 1.55
N PHE A 44 1.08 -8.64 0.50
CA PHE A 44 0.92 -9.31 -0.82
C PHE A 44 2.17 -10.10 -1.24
N ASP A 45 1.96 -11.13 -2.07
CA ASP A 45 3.02 -11.78 -2.83
C ASP A 45 3.36 -10.97 -4.11
N ASN A 46 4.59 -11.12 -4.60
CA ASN A 46 5.30 -10.27 -5.58
C ASN A 46 5.65 -8.85 -5.06
N PRO A 47 6.67 -8.69 -4.20
CA PRO A 47 7.17 -7.39 -3.74
C PRO A 47 7.51 -6.40 -4.86
N GLN A 48 8.03 -6.86 -6.00
CA GLN A 48 8.39 -5.99 -7.12
C GLN A 48 7.16 -5.30 -7.72
N SER A 49 6.03 -6.00 -7.85
CA SER A 49 4.77 -5.37 -8.28
C SER A 49 4.25 -4.33 -7.29
N VAL A 50 4.52 -4.50 -5.99
CA VAL A 50 4.15 -3.54 -4.94
C VAL A 50 5.05 -2.31 -5.02
N ARG A 51 6.37 -2.47 -5.22
CA ARG A 51 7.28 -1.36 -5.55
C ARG A 51 6.85 -0.62 -6.82
N ASP A 52 6.50 -1.35 -7.87
CA ASP A 52 6.03 -0.78 -9.14
C ASP A 52 4.73 0.02 -8.96
N ALA A 53 3.81 -0.48 -8.15
CA ALA A 53 2.57 0.22 -7.82
C ALA A 53 2.82 1.49 -6.99
N ILE A 54 3.86 1.53 -6.13
CA ILE A 54 4.25 2.75 -5.40
C ILE A 54 4.69 3.84 -6.38
N GLU A 55 5.60 3.55 -7.32
CA GLU A 55 6.05 4.55 -8.29
C GLU A 55 4.95 4.96 -9.31
N CYS A 56 3.87 4.19 -9.43
CA CYS A 56 2.67 4.53 -10.21
C CYS A 56 1.62 5.36 -9.43
N GLU A 57 1.39 5.07 -8.14
CA GLU A 57 0.24 5.57 -7.37
C GLU A 57 0.62 6.53 -6.24
N SER A 58 1.80 6.39 -5.64
CA SER A 58 2.26 7.24 -4.53
C SER A 58 2.57 8.70 -4.95
N GLN A 59 2.45 8.96 -6.26
CA GLN A 59 2.65 10.23 -6.94
C GLN A 59 1.35 10.76 -7.58
N GLU A 60 0.19 10.16 -7.25
CA GLU A 60 -1.13 10.65 -7.66
C GLU A 60 -1.39 12.10 -7.20
N MET A 61 -2.33 12.79 -7.85
CA MET A 61 -2.71 14.17 -7.52
C MET A 61 -4.15 14.30 -6.99
N ASN A 62 -4.74 13.23 -6.45
CA ASN A 62 -6.10 13.23 -5.94
C ASN A 62 -6.29 14.18 -4.75
N PHE A 63 -5.34 14.25 -3.81
CA PHE A 63 -5.36 15.20 -2.68
C PHE A 63 -3.95 15.45 -2.10
N GLY A 64 -3.49 16.70 -2.12
CA GLY A 64 -2.17 17.09 -1.60
C GLY A 64 -0.99 16.65 -2.48
N LYS A 65 -1.23 16.31 -3.76
CA LYS A 65 -0.23 15.93 -4.79
C LYS A 65 0.73 14.78 -4.45
N LYS A 66 0.44 14.02 -3.39
CA LYS A 66 1.22 12.89 -2.89
C LYS A 66 0.35 12.02 -1.99
N LEU A 67 0.50 10.69 -2.09
CA LEU A 67 0.01 9.76 -1.07
C LEU A 67 1.18 8.84 -0.70
N ILE A 68 1.73 8.97 0.52
CA ILE A 68 2.92 8.25 0.96
C ILE A 68 2.63 6.75 1.09
N LEU A 69 3.36 5.92 0.32
CA LEU A 69 3.29 4.46 0.32
C LEU A 69 4.72 3.89 0.45
N GLU A 70 4.90 2.80 1.20
CA GLU A 70 6.21 2.14 1.37
C GLU A 70 6.13 0.61 1.39
N VAL A 71 7.04 -0.08 0.68
CA VAL A 71 7.10 -1.55 0.61
C VAL A 71 8.23 -2.12 1.49
N SER A 72 7.93 -3.21 2.20
CA SER A 72 8.87 -3.88 3.10
C SER A 72 8.70 -5.40 3.09
N SER A 73 9.80 -6.14 3.16
CA SER A 73 9.81 -7.61 3.29
C SER A 73 10.75 -8.09 4.41
N SER A 74 11.05 -7.23 5.38
CA SER A 74 11.78 -7.56 6.61
C SER A 74 11.33 -6.65 7.75
N ASN A 75 10.43 -7.15 8.59
CA ASN A 75 9.81 -6.42 9.70
C ASN A 75 9.95 -7.15 11.05
N ALA A 76 10.78 -8.20 11.08
CA ALA A 76 11.12 -9.02 12.24
C ALA A 76 12.62 -9.28 12.31
N ARG A 77 13.15 -9.50 13.52
CA ARG A 77 14.54 -9.89 13.78
C ARG A 77 14.63 -10.62 15.10
N PRO A 1 6.19 -15.26 -2.10
CA PRO A 1 6.82 -14.17 -1.33
C PRO A 1 5.85 -13.46 -0.38
N LYS A 2 6.41 -12.61 0.48
CA LYS A 2 5.72 -11.80 1.50
C LYS A 2 6.21 -10.35 1.41
N SER A 3 5.29 -9.44 1.11
CA SER A 3 5.56 -8.02 0.92
C SER A 3 4.50 -7.19 1.62
N ARG A 4 4.87 -6.54 2.73
CA ARG A 4 3.98 -5.58 3.40
C ARG A 4 4.11 -4.20 2.77
N LEU A 5 3.02 -3.46 2.81
CA LEU A 5 2.90 -2.10 2.31
C LEU A 5 2.34 -1.22 3.43
N PHE A 6 3.12 -0.22 3.80
CA PHE A 6 2.77 0.79 4.79
C PHE A 6 2.27 2.07 4.12
N ILE A 7 1.19 2.64 4.65
CA ILE A 7 0.61 3.90 4.20
C ILE A 7 1.19 5.06 5.02
N GLY A 8 2.06 5.86 4.41
CA GLY A 8 2.61 7.11 4.98
C GLY A 8 1.62 8.27 5.00
N ASN A 9 0.34 7.96 5.24
CA ASN A 9 -0.72 8.91 5.59
C ASN A 9 -1.68 8.30 6.64
N LEU A 10 -2.24 9.17 7.48
CA LEU A 10 -3.07 8.83 8.64
C LEU A 10 -4.53 9.26 8.36
N PRO A 11 -5.38 8.39 7.79
CA PRO A 11 -6.78 8.70 7.49
C PRO A 11 -7.64 8.78 8.76
N LEU A 12 -7.20 8.13 9.85
CA LEU A 12 -7.75 8.09 11.21
C LEU A 12 -9.22 7.67 11.29
N LYS A 13 -10.17 8.56 10.98
CA LYS A 13 -11.61 8.23 10.93
C LYS A 13 -12.14 7.95 9.52
N ASN A 14 -11.29 8.07 8.49
CA ASN A 14 -11.60 7.70 7.11
C ASN A 14 -11.14 6.28 6.72
N VAL A 15 -10.87 5.42 7.72
CA VAL A 15 -10.35 4.05 7.56
C VAL A 15 -11.34 3.09 6.88
N SER A 16 -10.88 2.42 5.81
CA SER A 16 -11.65 1.38 5.11
C SER A 16 -10.74 0.40 4.36
N LYS A 17 -11.10 -0.89 4.35
CA LYS A 17 -10.41 -1.92 3.54
C LYS A 17 -10.53 -1.58 2.04
N GLU A 18 -11.63 -0.96 1.63
CA GLU A 18 -11.83 -0.44 0.27
C GLU A 18 -10.85 0.70 -0.08
N ASP A 19 -10.30 1.42 0.90
CA ASP A 19 -9.29 2.46 0.66
C ASP A 19 -7.91 1.86 0.37
N LEU A 20 -7.53 0.81 1.10
CA LEU A 20 -6.32 0.05 0.81
C LEU A 20 -6.44 -0.70 -0.52
N PHE A 21 -7.61 -1.27 -0.81
CA PHE A 21 -7.93 -1.91 -2.09
C PHE A 21 -7.90 -0.92 -3.26
N ARG A 22 -8.46 0.29 -3.12
CA ARG A 22 -8.43 1.29 -4.21
C ARG A 22 -7.02 1.80 -4.45
N ILE A 23 -6.23 1.94 -3.39
CA ILE A 23 -4.78 2.22 -3.47
C ILE A 23 -4.09 1.10 -4.27
N PHE A 24 -3.96 -0.12 -3.72
CA PHE A 24 -3.29 -1.26 -4.38
C PHE A 24 -4.24 -2.48 -4.45
N SER A 25 -4.62 -2.87 -5.66
CA SER A 25 -5.37 -4.13 -5.90
C SER A 25 -5.22 -4.72 -7.33
N PRO A 26 -5.28 -3.95 -8.44
CA PRO A 26 -5.29 -4.53 -9.80
C PRO A 26 -3.91 -4.89 -10.39
N TYR A 27 -2.85 -4.89 -9.57
CA TYR A 27 -1.44 -4.95 -10.02
C TYR A 27 -0.94 -6.38 -10.38
N GLY A 28 -1.83 -7.34 -10.59
CA GLY A 28 -1.52 -8.66 -11.17
C GLY A 28 -0.97 -9.69 -10.17
N HIS A 29 -0.56 -9.25 -8.99
CA HIS A 29 -0.04 -10.05 -7.89
C HIS A 29 -0.66 -9.56 -6.58
N ILE A 30 -0.99 -10.49 -5.68
CA ILE A 30 -1.91 -10.24 -4.56
C ILE A 30 -1.61 -11.18 -3.38
N MET A 31 -2.09 -10.84 -2.18
CA MET A 31 -2.41 -11.86 -1.15
C MET A 31 -3.52 -11.41 -0.20
N GLN A 32 -3.29 -10.37 0.63
CA GLN A 32 -4.22 -9.94 1.69
C GLN A 32 -4.10 -8.44 2.04
N ILE A 33 -5.18 -7.85 2.54
CA ILE A 33 -5.21 -6.47 3.08
C ILE A 33 -5.28 -6.54 4.61
N ASN A 34 -4.56 -5.66 5.31
CA ASN A 34 -4.48 -5.63 6.77
C ASN A 34 -4.75 -4.20 7.29
N ILE A 35 -5.98 -3.73 7.09
CA ILE A 35 -6.42 -2.39 7.52
C ILE A 35 -6.65 -2.38 9.04
N LYS A 36 -6.24 -1.31 9.72
CA LYS A 36 -6.37 -1.11 11.17
C LYS A 36 -7.09 0.21 11.45
N ASN A 37 -7.73 0.34 12.62
CA ASN A 37 -8.70 1.40 12.93
C ASN A 37 -8.15 2.85 13.11
N ALA A 38 -6.95 3.15 12.58
CA ALA A 38 -6.41 4.50 12.44
C ALA A 38 -5.61 4.70 11.14
N PHE A 39 -4.78 3.74 10.75
CA PHE A 39 -4.09 3.67 9.46
C PHE A 39 -3.88 2.22 9.04
N GLY A 40 -3.92 1.96 7.73
CA GLY A 40 -3.93 0.60 7.19
C GLY A 40 -2.59 0.11 6.63
N PHE A 41 -2.51 -1.20 6.44
CA PHE A 41 -1.42 -1.90 5.76
C PHE A 41 -1.98 -2.86 4.68
N ILE A 42 -1.11 -3.28 3.78
CA ILE A 42 -1.32 -4.39 2.85
C ILE A 42 -0.23 -5.44 3.04
N GLN A 43 -0.52 -6.71 2.69
CA GLN A 43 0.41 -7.84 2.77
C GLN A 43 0.20 -8.72 1.53
N PHE A 44 0.96 -8.47 0.46
CA PHE A 44 0.81 -9.12 -0.84
C PHE A 44 1.99 -10.04 -1.19
N ASP A 45 1.79 -10.89 -2.21
CA ASP A 45 2.85 -11.60 -2.91
C ASP A 45 3.49 -10.73 -4.02
N ASN A 46 4.67 -11.12 -4.51
CA ASN A 46 5.54 -10.39 -5.44
C ASN A 46 5.85 -8.94 -5.03
N PRO A 47 6.93 -8.68 -4.27
CA PRO A 47 7.27 -7.33 -3.82
C PRO A 47 7.56 -6.35 -4.97
N GLN A 48 7.97 -6.83 -6.14
CA GLN A 48 8.23 -5.98 -7.30
C GLN A 48 6.93 -5.34 -7.83
N SER A 49 5.80 -6.05 -7.79
CA SER A 49 4.48 -5.50 -8.13
C SER A 49 3.98 -4.53 -7.07
N VAL A 50 4.26 -4.78 -5.78
CA VAL A 50 3.99 -3.83 -4.70
C VAL A 50 4.80 -2.54 -4.89
N ARG A 51 6.08 -2.64 -5.28
CA ARG A 51 6.91 -1.48 -5.63
C ARG A 51 6.47 -0.78 -6.92
N ASP A 52 6.02 -1.52 -7.93
CA ASP A 52 5.47 -0.95 -9.18
C ASP A 52 4.21 -0.11 -8.91
N ALA A 53 3.39 -0.55 -7.95
CA ALA A 53 2.25 0.20 -7.47
C ALA A 53 2.65 1.46 -6.68
N ILE A 54 3.81 1.49 -6.00
CA ILE A 54 4.36 2.74 -5.40
C ILE A 54 4.70 3.75 -6.51
N GLU A 55 5.47 3.36 -7.52
CA GLU A 55 5.84 4.27 -8.64
C GLU A 55 4.67 4.57 -9.62
N CYS A 56 3.47 4.04 -9.35
CA CYS A 56 2.23 4.32 -10.07
C CYS A 56 1.24 5.17 -9.25
N GLU A 57 0.91 4.77 -8.00
CA GLU A 57 -0.06 5.45 -7.13
C GLU A 57 0.59 6.54 -6.27
N SER A 58 1.79 6.31 -5.73
CA SER A 58 2.52 7.33 -4.95
C SER A 58 3.07 8.45 -5.85
N GLN A 59 2.88 8.33 -7.16
CA GLN A 59 3.27 9.25 -8.23
C GLN A 59 2.10 9.55 -9.19
N GLU A 60 0.85 9.45 -8.73
CA GLU A 60 -0.33 9.86 -9.51
C GLU A 60 -0.31 11.38 -9.80
N MET A 61 -1.02 11.81 -10.85
CA MET A 61 -1.16 13.21 -11.29
C MET A 61 -2.08 14.04 -10.38
N ASN A 62 -1.67 14.17 -9.12
CA ASN A 62 -2.27 15.04 -8.12
C ASN A 62 -1.17 15.79 -7.34
N PHE A 63 -1.36 17.08 -7.11
CA PHE A 63 -0.36 17.89 -6.41
C PHE A 63 -0.39 17.65 -4.89
N GLY A 64 0.80 17.61 -4.28
CA GLY A 64 0.96 17.44 -2.84
C GLY A 64 2.28 16.77 -2.46
N LYS A 65 2.58 16.77 -1.16
CA LYS A 65 3.83 16.25 -0.55
C LYS A 65 3.58 15.36 0.67
N LYS A 66 2.34 14.89 0.86
CA LYS A 66 1.83 14.19 2.05
C LYS A 66 1.30 12.77 1.82
N LEU A 67 1.45 12.24 0.60
CA LEU A 67 1.10 10.87 0.22
C LEU A 67 2.37 10.12 -0.23
N ILE A 68 2.87 9.24 0.64
CA ILE A 68 3.97 8.33 0.35
C ILE A 68 3.59 6.91 0.79
N LEU A 69 3.97 5.93 -0.01
CA LEU A 69 3.68 4.52 0.19
C LEU A 69 5.01 3.76 0.30
N GLU A 70 5.14 2.86 1.27
CA GLU A 70 6.42 2.17 1.53
C GLU A 70 6.29 0.65 1.57
N VAL A 71 7.14 -0.03 0.80
CA VAL A 71 7.19 -1.50 0.70
C VAL A 71 8.26 -2.06 1.63
N SER A 72 7.98 -3.20 2.26
CA SER A 72 8.94 -3.96 3.06
C SER A 72 8.72 -5.45 2.84
N SER A 73 9.76 -6.14 2.36
CA SER A 73 9.70 -7.56 1.97
C SER A 73 10.68 -8.40 2.78
N SER A 74 10.30 -9.64 3.10
CA SER A 74 11.08 -10.56 3.94
C SER A 74 11.47 -9.98 5.32
N ASN A 75 10.63 -9.11 5.92
CA ASN A 75 10.77 -8.63 7.29
C ASN A 75 9.89 -9.44 8.26
N ALA A 76 10.26 -9.49 9.55
CA ALA A 76 9.67 -10.36 10.58
C ALA A 76 9.65 -11.86 10.16
N ARG A 77 10.66 -12.28 9.40
CA ARG A 77 10.86 -13.62 8.85
C ARG A 77 11.38 -14.60 9.89
N PRO A 1 7.09 -15.06 -1.89
CA PRO A 1 7.78 -13.77 -1.66
C PRO A 1 6.90 -12.77 -0.88
N LYS A 2 6.78 -12.94 0.45
CA LYS A 2 5.86 -12.18 1.32
C LYS A 2 6.31 -10.73 1.43
N SER A 3 5.44 -9.78 1.08
CA SER A 3 5.78 -8.36 0.96
C SER A 3 4.68 -7.49 1.55
N ARG A 4 4.96 -6.76 2.63
CA ARG A 4 4.00 -5.84 3.24
C ARG A 4 4.14 -4.42 2.71
N LEU A 5 2.99 -3.77 2.53
CA LEU A 5 2.83 -2.39 2.09
C LEU A 5 2.27 -1.58 3.25
N PHE A 6 2.86 -0.42 3.49
CA PHE A 6 2.54 0.53 4.53
C PHE A 6 2.09 1.87 3.91
N ILE A 7 1.04 2.47 4.49
CA ILE A 7 0.52 3.81 4.16
C ILE A 7 0.97 4.81 5.23
N GLY A 8 1.27 6.06 4.86
CA GLY A 8 1.55 7.13 5.81
C GLY A 8 0.35 7.57 6.66
N ASN A 9 0.43 8.75 7.28
CA ASN A 9 -0.59 9.24 8.23
C ASN A 9 -1.83 9.89 7.56
N LEU A 10 -2.08 9.62 6.28
CA LEU A 10 -3.29 10.05 5.56
C LEU A 10 -4.59 9.36 6.08
N PRO A 11 -4.61 8.06 6.47
CA PRO A 11 -5.82 7.36 6.96
C PRO A 11 -6.31 7.75 8.36
N LEU A 12 -5.90 8.89 8.92
CA LEU A 12 -6.44 9.49 10.15
C LEU A 12 -7.87 10.07 9.98
N LYS A 13 -8.60 9.65 8.94
CA LYS A 13 -9.99 9.98 8.57
C LYS A 13 -10.81 8.70 8.38
N ASN A 14 -12.09 8.82 8.03
CA ASN A 14 -12.92 7.67 7.65
C ASN A 14 -12.26 6.81 6.56
N VAL A 15 -12.04 5.52 6.85
CA VAL A 15 -11.29 4.61 5.96
C VAL A 15 -11.76 3.15 6.09
N SER A 16 -11.70 2.43 4.98
CA SER A 16 -12.16 1.04 4.83
C SER A 16 -11.12 0.19 4.08
N LYS A 17 -11.28 -1.13 4.08
CA LYS A 17 -10.45 -2.05 3.27
C LYS A 17 -10.53 -1.70 1.78
N GLU A 18 -11.68 -1.21 1.31
CA GLU A 18 -11.87 -0.72 -0.06
C GLU A 18 -11.01 0.51 -0.42
N ASP A 19 -10.58 1.32 0.54
CA ASP A 19 -9.59 2.38 0.30
C ASP A 19 -8.21 1.75 0.06
N LEU A 20 -7.78 0.82 0.92
CA LEU A 20 -6.51 0.09 0.72
C LEU A 20 -6.51 -0.71 -0.59
N PHE A 21 -7.66 -1.31 -0.94
CA PHE A 21 -7.89 -2.05 -2.19
C PHE A 21 -7.73 -1.14 -3.43
N ARG A 22 -8.20 0.12 -3.41
CA ARG A 22 -8.04 1.00 -4.58
C ARG A 22 -6.62 1.52 -4.77
N ILE A 23 -5.87 1.67 -3.68
CA ILE A 23 -4.44 2.02 -3.74
C ILE A 23 -3.62 0.79 -4.17
N PHE A 24 -3.90 -0.39 -3.59
CA PHE A 24 -3.23 -1.67 -3.85
C PHE A 24 -4.24 -2.83 -3.93
N SER A 25 -4.54 -3.26 -5.15
CA SER A 25 -5.24 -4.51 -5.48
C SER A 25 -5.10 -4.88 -6.96
N PRO A 26 -5.33 -3.98 -7.94
CA PRO A 26 -5.44 -4.36 -9.37
C PRO A 26 -4.09 -4.61 -10.09
N TYR A 27 -3.02 -4.89 -9.35
CA TYR A 27 -1.64 -4.99 -9.87
C TYR A 27 -1.18 -6.44 -10.16
N GLY A 28 -2.11 -7.39 -10.24
CA GLY A 28 -1.87 -8.79 -10.62
C GLY A 28 -1.13 -9.66 -9.59
N HIS A 29 -0.87 -9.13 -8.39
CA HIS A 29 -0.03 -9.74 -7.35
C HIS A 29 -0.65 -9.41 -5.98
N ILE A 30 -0.89 -10.44 -5.15
CA ILE A 30 -1.90 -10.38 -4.08
C ILE A 30 -1.56 -11.29 -2.88
N MET A 31 -2.18 -11.01 -1.72
CA MET A 31 -2.51 -11.96 -0.64
C MET A 31 -3.65 -11.36 0.20
N GLN A 32 -3.35 -10.50 1.18
CA GLN A 32 -4.26 -10.02 2.22
C GLN A 32 -4.20 -8.50 2.48
N ILE A 33 -5.29 -7.94 3.01
CA ILE A 33 -5.41 -6.51 3.42
C ILE A 33 -5.48 -6.39 4.95
N ASN A 34 -4.76 -5.43 5.54
CA ASN A 34 -4.77 -5.16 6.99
C ASN A 34 -5.07 -3.67 7.26
N ILE A 35 -6.32 -3.23 7.04
CA ILE A 35 -6.72 -1.86 7.36
C ILE A 35 -6.80 -1.68 8.89
N LYS A 36 -6.24 -0.57 9.40
CA LYS A 36 -6.29 -0.17 10.80
C LYS A 36 -6.61 1.33 10.88
N ASN A 37 -7.39 1.76 11.88
CA ASN A 37 -8.03 3.08 11.94
C ASN A 37 -7.09 4.25 12.31
N ALA A 38 -5.90 4.33 11.69
CA ALA A 38 -4.97 5.46 11.77
C ALA A 38 -3.98 5.49 10.60
N PHE A 39 -3.45 4.33 10.23
CA PHE A 39 -2.67 4.11 9.01
C PHE A 39 -2.96 2.70 8.46
N GLY A 40 -2.85 2.54 7.15
CA GLY A 40 -3.17 1.28 6.47
C GLY A 40 -1.98 0.35 6.31
N PHE A 41 -2.24 -0.96 6.35
CA PHE A 41 -1.32 -1.99 5.89
C PHE A 41 -1.97 -2.92 4.86
N ILE A 42 -1.13 -3.52 4.04
CA ILE A 42 -1.43 -4.64 3.14
C ILE A 42 -0.27 -5.64 3.25
N GLN A 43 -0.50 -6.91 2.93
CA GLN A 43 0.57 -7.88 2.73
C GLN A 43 0.24 -8.73 1.52
N PHE A 44 0.99 -8.55 0.43
CA PHE A 44 0.82 -9.23 -0.86
C PHE A 44 2.05 -10.11 -1.17
N ASP A 45 1.89 -11.06 -2.08
CA ASP A 45 3.02 -11.82 -2.63
C ASP A 45 3.61 -11.10 -3.86
N ASN A 46 4.92 -11.19 -4.06
CA ASN A 46 5.74 -10.47 -5.06
C ASN A 46 5.87 -8.95 -4.79
N PRO A 47 7.06 -8.46 -4.36
CA PRO A 47 7.25 -7.03 -4.12
C PRO A 47 7.37 -6.20 -5.40
N GLN A 48 7.65 -6.79 -6.57
CA GLN A 48 7.94 -6.03 -7.79
C GLN A 48 6.74 -5.19 -8.27
N SER A 49 5.52 -5.76 -8.20
CA SER A 49 4.28 -5.02 -8.51
C SER A 49 3.77 -4.19 -7.33
N VAL A 50 4.21 -4.45 -6.10
CA VAL A 50 4.00 -3.52 -4.98
C VAL A 50 4.87 -2.26 -5.18
N ARG A 51 6.13 -2.41 -5.62
CA ARG A 51 6.98 -1.28 -6.01
C ARG A 51 6.39 -0.51 -7.20
N ASP A 52 5.92 -1.23 -8.23
CA ASP A 52 5.24 -0.58 -9.37
C ASP A 52 4.00 0.20 -8.93
N ALA A 53 3.19 -0.36 -8.03
CA ALA A 53 2.04 0.34 -7.45
C ALA A 53 2.45 1.55 -6.60
N ILE A 54 3.54 1.49 -5.83
CA ILE A 54 4.09 2.65 -5.11
C ILE A 54 4.44 3.77 -6.09
N GLU A 55 5.22 3.49 -7.13
CA GLU A 55 5.70 4.53 -8.06
C GLU A 55 4.64 4.97 -9.10
N CYS A 56 3.58 4.16 -9.28
CA CYS A 56 2.35 4.50 -9.99
C CYS A 56 1.46 5.45 -9.16
N GLU A 57 1.22 5.14 -7.89
CA GLU A 57 0.11 5.71 -7.11
C GLU A 57 0.55 6.82 -6.15
N SER A 58 1.79 6.82 -5.65
CA SER A 58 2.34 7.92 -4.82
C SER A 58 2.62 9.19 -5.64
N GLN A 59 2.72 9.06 -6.96
CA GLN A 59 3.13 10.09 -7.91
C GLN A 59 2.02 10.31 -8.97
N GLU A 60 1.83 11.54 -9.42
CA GLU A 60 0.73 11.94 -10.30
C GLU A 60 1.17 13.10 -11.22
N MET A 61 1.71 12.76 -12.39
CA MET A 61 2.08 13.69 -13.49
C MET A 61 3.09 14.79 -13.10
N ASN A 62 3.72 14.67 -11.94
CA ASN A 62 4.67 15.62 -11.36
C ASN A 62 5.81 14.86 -10.66
N PHE A 63 6.93 15.52 -10.35
CA PHE A 63 8.08 14.87 -9.68
C PHE A 63 7.83 14.62 -8.19
N GLY A 64 8.57 13.68 -7.59
CA GLY A 64 8.43 13.28 -6.19
C GLY A 64 7.14 12.49 -5.89
N LYS A 65 6.75 12.45 -4.61
CA LYS A 65 5.55 11.76 -4.10
C LYS A 65 4.60 12.68 -3.34
N LYS A 66 3.31 12.65 -3.70
CA LYS A 66 2.23 13.45 -3.09
C LYS A 66 1.71 12.89 -1.77
N LEU A 67 2.02 11.62 -1.49
CA LEU A 67 1.70 10.89 -0.26
C LEU A 67 2.69 9.72 -0.06
N ILE A 68 2.75 9.20 1.16
CA ILE A 68 3.65 8.11 1.54
C ILE A 68 3.00 6.74 1.28
N LEU A 69 3.68 5.92 0.47
CA LEU A 69 3.47 4.48 0.28
C LEU A 69 4.83 3.77 0.39
N GLU A 70 4.94 2.68 1.13
CA GLU A 70 6.23 2.01 1.41
C GLU A 70 6.16 0.48 1.47
N VAL A 71 7.05 -0.23 0.78
CA VAL A 71 7.14 -1.71 0.85
C VAL A 71 8.27 -2.17 1.77
N SER A 72 8.03 -3.23 2.52
CA SER A 72 8.98 -3.98 3.34
C SER A 72 8.78 -5.48 3.09
N SER A 73 9.84 -6.21 2.74
CA SER A 73 9.75 -7.64 2.40
C SER A 73 10.99 -8.43 2.80
N SER A 74 10.84 -9.74 2.98
CA SER A 74 11.97 -10.69 3.12
C SER A 74 12.75 -10.89 1.80
N ASN A 75 12.38 -10.16 0.73
CA ASN A 75 12.97 -10.24 -0.61
C ASN A 75 13.68 -8.94 -1.03
N ALA A 76 13.80 -7.95 -0.12
CA ALA A 76 14.46 -6.67 -0.41
C ALA A 76 15.97 -6.83 -0.66
N ARG A 77 16.55 -5.88 -1.40
CA ARG A 77 17.99 -5.76 -1.71
C ARG A 77 18.48 -4.31 -1.69
N PRO A 1 6.92 -15.18 -2.00
CA PRO A 1 7.66 -14.06 -1.37
C PRO A 1 6.77 -13.26 -0.43
N LYS A 2 7.35 -12.52 0.53
CA LYS A 2 6.63 -11.73 1.53
C LYS A 2 6.88 -10.23 1.32
N SER A 3 5.85 -9.49 0.92
CA SER A 3 5.92 -8.04 0.71
C SER A 3 4.83 -7.31 1.50
N ARG A 4 5.18 -6.73 2.65
CA ARG A 4 4.28 -5.83 3.38
C ARG A 4 4.37 -4.40 2.83
N LEU A 5 3.29 -3.66 3.01
CA LEU A 5 3.11 -2.29 2.55
C LEU A 5 2.52 -1.45 3.68
N PHE A 6 3.17 -0.35 4.01
CA PHE A 6 2.68 0.67 4.93
C PHE A 6 2.17 1.92 4.20
N ILE A 7 1.03 2.44 4.66
CA ILE A 7 0.50 3.75 4.24
C ILE A 7 1.03 4.83 5.22
N GLY A 8 2.08 5.53 4.82
CA GLY A 8 2.51 6.79 5.45
C GLY A 8 1.61 7.96 5.05
N ASN A 9 1.84 9.14 5.62
CA ASN A 9 0.98 10.31 5.46
C ASN A 9 -0.51 9.99 5.75
N LEU A 10 -0.72 9.17 6.79
CA LEU A 10 -1.97 8.43 7.03
C LEU A 10 -3.09 9.39 7.50
N PRO A 11 -4.24 9.45 6.80
CA PRO A 11 -5.44 10.13 7.29
C PRO A 11 -6.21 9.22 8.25
N LEU A 12 -6.19 9.50 9.56
CA LEU A 12 -6.92 8.72 10.57
C LEU A 12 -8.45 8.97 10.52
N LYS A 13 -8.93 9.70 9.51
CA LYS A 13 -10.32 10.03 9.23
C LYS A 13 -10.79 9.39 7.92
N ASN A 14 -11.91 8.67 7.96
CA ASN A 14 -12.54 7.99 6.83
C ASN A 14 -11.60 7.15 5.94
N VAL A 15 -10.59 6.50 6.53
CA VAL A 15 -9.77 5.50 5.84
C VAL A 15 -10.45 4.13 5.95
N SER A 16 -10.53 3.42 4.82
CA SER A 16 -11.28 2.18 4.68
C SER A 16 -10.45 1.10 3.96
N LYS A 17 -10.85 -0.17 4.05
CA LYS A 17 -10.18 -1.23 3.26
C LYS A 17 -10.29 -1.00 1.74
N GLU A 18 -11.31 -0.27 1.31
CA GLU A 18 -11.49 0.12 -0.09
C GLU A 18 -10.42 1.15 -0.54
N ASP A 19 -9.95 2.02 0.36
CA ASP A 19 -8.80 2.89 0.08
C ASP A 19 -7.53 2.05 -0.16
N LEU A 20 -7.27 1.07 0.70
CA LEU A 20 -6.15 0.15 0.52
C LEU A 20 -6.28 -0.65 -0.80
N PHE A 21 -7.49 -1.09 -1.16
CA PHE A 21 -7.77 -1.84 -2.38
C PHE A 21 -7.62 -0.99 -3.66
N ARG A 22 -8.09 0.28 -3.67
CA ARG A 22 -7.95 1.16 -4.86
C ARG A 22 -6.53 1.66 -5.07
N ILE A 23 -5.70 1.68 -4.02
CA ILE A 23 -4.26 1.96 -4.13
C ILE A 23 -3.51 0.67 -4.52
N PHE A 24 -3.87 -0.48 -3.93
CA PHE A 24 -3.22 -1.78 -4.13
C PHE A 24 -4.24 -2.92 -4.33
N SER A 25 -4.61 -3.19 -5.59
CA SER A 25 -5.32 -4.43 -5.96
C SER A 25 -5.18 -4.81 -7.45
N PRO A 26 -5.40 -3.91 -8.44
CA PRO A 26 -5.34 -4.28 -9.87
C PRO A 26 -3.91 -4.40 -10.44
N TYR A 27 -2.93 -4.73 -9.59
CA TYR A 27 -1.49 -4.75 -9.91
C TYR A 27 -0.90 -6.17 -10.04
N GLY A 28 -1.76 -7.19 -10.16
CA GLY A 28 -1.36 -8.59 -10.33
C GLY A 28 -1.16 -9.32 -9.00
N HIS A 29 0.09 -9.49 -8.57
CA HIS A 29 0.45 -10.35 -7.45
C HIS A 29 -0.13 -9.87 -6.11
N ILE A 30 -0.68 -10.80 -5.33
CA ILE A 30 -1.62 -10.50 -4.23
C ILE A 30 -1.36 -11.39 -3.00
N MET A 31 -1.90 -11.03 -1.83
CA MET A 31 -2.27 -11.96 -0.75
C MET A 31 -3.43 -11.38 0.08
N GLN A 32 -3.16 -10.40 0.96
CA GLN A 32 -4.08 -9.95 2.02
C GLN A 32 -4.03 -8.43 2.27
N ILE A 33 -5.13 -7.92 2.83
CA ILE A 33 -5.38 -6.50 3.17
C ILE A 33 -5.61 -6.37 4.67
N ASN A 34 -5.02 -5.35 5.30
CA ASN A 34 -5.06 -5.10 6.74
C ASN A 34 -5.32 -3.62 7.03
N ILE A 35 -6.59 -3.20 7.01
CA ILE A 35 -6.99 -1.90 7.57
C ILE A 35 -7.30 -2.05 9.07
N LYS A 36 -6.80 -1.10 9.85
CA LYS A 36 -7.00 -0.94 11.29
C LYS A 36 -7.34 0.52 11.57
N ASN A 37 -8.16 0.80 12.58
CA ASN A 37 -8.80 2.11 12.78
C ASN A 37 -7.83 3.29 13.03
N ALA A 38 -6.53 3.03 13.24
CA ALA A 38 -5.47 4.06 13.23
C ALA A 38 -4.55 4.04 12.00
N PHE A 39 -4.39 2.90 11.29
CA PHE A 39 -3.35 2.74 10.26
C PHE A 39 -3.72 1.71 9.17
N GLY A 40 -3.29 2.00 7.93
CA GLY A 40 -3.46 1.14 6.77
C GLY A 40 -2.22 0.30 6.46
N PHE A 41 -2.42 -1.01 6.25
CA PHE A 41 -1.40 -1.98 5.85
C PHE A 41 -1.92 -2.95 4.78
N ILE A 42 -0.99 -3.52 4.00
CA ILE A 42 -1.21 -4.65 3.09
C ILE A 42 -0.06 -5.65 3.22
N GLN A 43 -0.29 -6.92 2.92
CA GLN A 43 0.77 -7.92 2.74
C GLN A 43 0.47 -8.76 1.50
N PHE A 44 1.29 -8.65 0.45
CA PHE A 44 1.14 -9.34 -0.84
C PHE A 44 2.30 -10.30 -1.13
N ASP A 45 2.06 -11.27 -2.01
CA ASP A 45 3.12 -12.06 -2.66
C ASP A 45 3.74 -11.25 -3.82
N ASN A 46 5.01 -11.51 -4.12
CA ASN A 46 5.87 -10.80 -5.06
C ASN A 46 5.89 -9.26 -4.90
N PRO A 47 6.91 -8.66 -4.26
CA PRO A 47 7.02 -7.19 -4.10
C PRO A 47 6.96 -6.38 -5.40
N GLN A 48 7.07 -7.00 -6.57
CA GLN A 48 6.95 -6.33 -7.86
C GLN A 48 5.58 -5.67 -8.09
N SER A 49 4.48 -6.27 -7.62
CA SER A 49 3.15 -5.63 -7.70
C SER A 49 3.05 -4.42 -6.77
N VAL A 50 3.61 -4.55 -5.57
CA VAL A 50 3.66 -3.48 -4.56
C VAL A 50 4.53 -2.32 -5.05
N ARG A 51 5.73 -2.59 -5.61
CA ARG A 51 6.59 -1.56 -6.19
C ARG A 51 5.93 -0.90 -7.41
N ASP A 52 5.27 -1.66 -8.28
CA ASP A 52 4.56 -1.13 -9.45
C ASP A 52 3.38 -0.22 -9.07
N ALA A 53 2.69 -0.54 -7.98
CA ALA A 53 1.66 0.29 -7.38
C ALA A 53 2.25 1.52 -6.66
N ILE A 54 3.38 1.40 -5.95
CA ILE A 54 4.06 2.56 -5.33
C ILE A 54 4.46 3.57 -6.40
N GLU A 55 5.10 3.15 -7.50
CA GLU A 55 5.48 4.06 -8.58
C GLU A 55 4.29 4.62 -9.38
N CYS A 56 3.10 4.02 -9.25
CA CYS A 56 1.86 4.50 -9.86
C CYS A 56 1.13 5.49 -8.94
N GLU A 57 0.83 5.08 -7.72
CA GLU A 57 -0.02 5.79 -6.75
C GLU A 57 0.74 6.80 -5.90
N SER A 58 1.98 6.54 -5.48
CA SER A 58 2.72 7.51 -4.63
C SER A 58 3.05 8.80 -5.40
N GLN A 59 3.09 8.75 -6.72
CA GLN A 59 3.18 9.91 -7.60
C GLN A 59 1.94 10.82 -7.49
N GLU A 60 2.16 12.13 -7.50
CA GLU A 60 1.12 13.16 -7.52
C GLU A 60 1.56 14.39 -8.34
N MET A 61 0.61 15.11 -8.93
CA MET A 61 0.86 16.33 -9.73
C MET A 61 -0.04 17.50 -9.29
N ASN A 62 -0.46 17.47 -8.04
CA ASN A 62 -1.37 18.38 -7.32
C ASN A 62 -0.70 18.81 -6.01
N PHE A 63 -0.94 20.02 -5.52
CA PHE A 63 -0.48 20.49 -4.20
C PHE A 63 -1.36 20.00 -3.03
N GLY A 64 -2.04 18.86 -3.20
CA GLY A 64 -3.04 18.26 -2.31
C GLY A 64 -3.44 16.85 -2.73
N LYS A 65 -4.30 16.19 -1.94
CA LYS A 65 -4.74 14.79 -2.09
C LYS A 65 -3.59 13.79 -2.27
N LYS A 66 -2.42 14.08 -1.68
CA LYS A 66 -1.21 13.25 -1.74
C LYS A 66 -1.20 12.18 -0.65
N LEU A 67 -0.35 11.16 -0.82
CA LEU A 67 -0.10 10.08 0.13
C LEU A 67 1.37 9.61 0.07
N ILE A 68 1.77 8.71 0.97
CA ILE A 68 3.14 8.20 1.08
C ILE A 68 3.09 6.67 1.23
N LEU A 69 3.83 5.94 0.40
CA LEU A 69 3.75 4.48 0.32
C LEU A 69 5.13 3.84 0.51
N GLU A 70 5.24 2.85 1.41
CA GLU A 70 6.51 2.16 1.68
C GLU A 70 6.39 0.64 1.72
N VAL A 71 7.22 -0.04 0.94
CA VAL A 71 7.35 -1.51 0.92
C VAL A 71 8.40 -1.98 1.92
N SER A 72 8.16 -3.14 2.53
CA SER A 72 9.12 -3.87 3.36
C SER A 72 8.93 -5.38 3.13
N SER A 73 10.00 -6.16 3.27
CA SER A 73 9.99 -7.59 2.96
C SER A 73 10.74 -8.44 3.98
N SER A 74 10.34 -9.71 4.05
CA SER A 74 11.06 -10.77 4.76
C SER A 74 11.48 -11.88 3.78
N ASN A 75 12.55 -12.60 4.11
CA ASN A 75 13.07 -13.72 3.32
C ASN A 75 13.52 -14.89 4.23
N ALA A 76 12.91 -15.03 5.40
CA ALA A 76 13.26 -15.99 6.47
C ALA A 76 12.04 -16.54 7.24
N ARG A 77 10.83 -16.27 6.74
CA ARG A 77 9.52 -16.61 7.32
C ARG A 77 8.55 -16.97 6.19
N PRO A 1 6.41 -14.95 -2.85
CA PRO A 1 7.29 -13.83 -2.49
C PRO A 1 6.61 -12.85 -1.52
N LYS A 2 6.98 -12.87 -0.23
CA LYS A 2 6.31 -12.11 0.83
C LYS A 2 6.69 -10.64 0.81
N SER A 3 5.68 -9.78 0.64
CA SER A 3 5.79 -8.33 0.73
C SER A 3 4.73 -7.74 1.66
N ARG A 4 5.00 -6.54 2.14
CA ARG A 4 4.07 -5.67 2.85
C ARG A 4 4.21 -4.24 2.37
N LEU A 5 3.11 -3.52 2.42
CA LEU A 5 2.96 -2.16 1.98
C LEU A 5 2.24 -1.37 3.08
N PHE A 6 2.95 -0.38 3.61
CA PHE A 6 2.50 0.52 4.66
C PHE A 6 2.00 1.83 4.06
N ILE A 7 0.81 2.28 4.49
CA ILE A 7 0.21 3.56 4.09
C ILE A 7 0.60 4.67 5.08
N GLY A 8 0.89 5.87 4.58
CA GLY A 8 1.00 7.09 5.39
C GLY A 8 -0.27 7.40 6.23
N ASN A 9 -0.29 8.50 6.97
CA ASN A 9 -1.41 8.83 7.87
C ASN A 9 -2.65 9.39 7.13
N LEU A 10 -2.84 9.03 5.86
CA LEU A 10 -3.98 9.39 5.04
C LEU A 10 -5.32 8.84 5.60
N PRO A 11 -5.41 7.60 6.15
CA PRO A 11 -6.65 7.03 6.72
C PRO A 11 -7.25 7.74 7.95
N LEU A 12 -6.72 8.88 8.40
CA LEU A 12 -7.23 9.68 9.51
C LEU A 12 -8.65 10.27 9.29
N LYS A 13 -9.22 10.19 8.08
CA LYS A 13 -10.57 10.69 7.73
C LYS A 13 -11.56 9.60 7.29
N ASN A 14 -11.06 8.48 6.73
CA ASN A 14 -11.85 7.37 6.18
C ASN A 14 -11.13 6.04 6.40
N VAL A 15 -11.81 5.05 6.99
CA VAL A 15 -11.27 3.72 7.31
C VAL A 15 -12.21 2.58 6.86
N SER A 16 -12.04 2.13 5.63
CA SER A 16 -12.57 0.85 5.12
C SER A 16 -11.53 0.18 4.22
N LYS A 17 -11.46 -1.16 4.17
CA LYS A 17 -10.49 -1.88 3.32
C LYS A 17 -10.64 -1.54 1.83
N GLU A 18 -11.81 -1.04 1.40
CA GLU A 18 -12.05 -0.48 0.07
C GLU A 18 -11.07 0.66 -0.30
N ASP A 19 -10.50 1.35 0.68
CA ASP A 19 -9.47 2.39 0.46
C ASP A 19 -8.11 1.76 0.15
N LEU A 20 -7.61 0.86 0.99
CA LEU A 20 -6.38 0.10 0.68
C LEU A 20 -6.54 -0.67 -0.65
N PHE A 21 -7.74 -1.20 -0.93
CA PHE A 21 -8.10 -1.87 -2.19
C PHE A 21 -8.21 -0.91 -3.39
N ARG A 22 -8.44 0.41 -3.20
CA ARG A 22 -8.32 1.41 -4.29
C ARG A 22 -6.86 1.72 -4.58
N ILE A 23 -5.98 1.68 -3.58
CA ILE A 23 -4.56 2.01 -3.71
C ILE A 23 -3.80 0.81 -4.30
N PHE A 24 -4.06 -0.41 -3.80
CA PHE A 24 -3.51 -1.67 -4.32
C PHE A 24 -4.60 -2.76 -4.39
N SER A 25 -4.90 -3.25 -5.59
CA SER A 25 -5.60 -4.51 -5.80
C SER A 25 -5.33 -5.19 -7.16
N PRO A 26 -5.17 -4.50 -8.32
CA PRO A 26 -4.82 -5.19 -9.56
C PRO A 26 -3.34 -5.59 -9.64
N TYR A 27 -2.55 -5.24 -8.63
CA TYR A 27 -1.10 -5.43 -8.63
C TYR A 27 -0.69 -6.75 -7.98
N GLY A 28 0.34 -7.39 -8.55
CA GLY A 28 1.02 -8.54 -7.98
C GLY A 28 0.18 -9.81 -7.89
N HIS A 29 0.66 -10.75 -7.09
CA HIS A 29 0.04 -12.05 -6.88
C HIS A 29 -1.01 -12.04 -5.75
N ILE A 30 -1.05 -10.97 -4.94
CA ILE A 30 -1.99 -10.75 -3.82
C ILE A 30 -1.83 -11.73 -2.65
N MET A 31 -2.27 -11.34 -1.44
CA MET A 31 -2.37 -12.26 -0.29
C MET A 31 -3.41 -11.76 0.74
N GLN A 32 -3.09 -10.79 1.60
CA GLN A 32 -3.95 -10.31 2.69
C GLN A 32 -3.96 -8.78 2.88
N ILE A 33 -5.06 -8.25 3.41
CA ILE A 33 -5.31 -6.81 3.60
C ILE A 33 -5.92 -6.54 4.98
N ASN A 34 -5.38 -5.56 5.72
CA ASN A 34 -5.90 -5.17 7.04
C ASN A 34 -5.74 -3.65 7.31
N ILE A 35 -6.84 -2.98 7.69
CA ILE A 35 -6.87 -1.52 7.86
C ILE A 35 -7.10 -1.11 9.32
N LYS A 36 -6.47 -0.01 9.75
CA LYS A 36 -6.63 0.59 11.09
C LYS A 36 -6.94 2.09 10.96
N ASN A 37 -7.58 2.65 11.99
CA ASN A 37 -8.19 3.99 11.99
C ASN A 37 -7.24 5.22 12.01
N ALA A 38 -5.92 5.05 11.86
CA ALA A 38 -5.00 6.14 11.52
C ALA A 38 -4.13 5.82 10.29
N PHE A 39 -3.72 4.57 10.11
CA PHE A 39 -2.93 4.08 8.98
C PHE A 39 -3.18 2.58 8.77
N GLY A 40 -3.10 2.10 7.53
CA GLY A 40 -3.40 0.70 7.19
C GLY A 40 -2.21 -0.08 6.62
N PHE A 41 -2.33 -1.41 6.58
CA PHE A 41 -1.33 -2.32 6.04
C PHE A 41 -1.91 -3.27 4.98
N ILE A 42 -1.17 -3.38 3.89
CA ILE A 42 -1.34 -4.39 2.85
C ILE A 42 -0.22 -5.40 3.02
N GLN A 43 -0.51 -6.68 2.86
CA GLN A 43 0.47 -7.77 2.99
C GLN A 43 0.26 -8.71 1.81
N PHE A 44 0.86 -8.41 0.66
CA PHE A 44 0.59 -9.05 -0.63
C PHE A 44 1.80 -9.83 -1.16
N ASP A 45 1.52 -10.85 -1.96
CA ASP A 45 2.55 -11.59 -2.68
C ASP A 45 2.91 -10.90 -4.03
N ASN A 46 4.16 -11.09 -4.48
CA ASN A 46 4.91 -10.33 -5.48
C ASN A 46 5.24 -8.87 -5.07
N PRO A 47 6.41 -8.61 -4.44
CA PRO A 47 6.88 -7.26 -4.13
C PRO A 47 7.21 -6.40 -5.36
N GLN A 48 7.51 -6.99 -6.53
CA GLN A 48 7.91 -6.24 -7.72
C GLN A 48 6.78 -5.35 -8.22
N SER A 49 5.55 -5.89 -8.20
CA SER A 49 4.33 -5.15 -8.53
C SER A 49 3.93 -4.16 -7.42
N VAL A 50 4.22 -4.48 -6.16
CA VAL A 50 4.01 -3.54 -5.04
C VAL A 50 4.93 -2.32 -5.20
N ARG A 51 6.20 -2.53 -5.55
CA ARG A 51 7.15 -1.45 -5.86
C ARG A 51 6.75 -0.68 -7.13
N ASP A 52 6.30 -1.38 -8.17
CA ASP A 52 5.77 -0.77 -9.39
C ASP A 52 4.55 0.12 -9.11
N ALA A 53 3.67 -0.29 -8.20
CA ALA A 53 2.53 0.49 -7.77
C ALA A 53 2.90 1.64 -6.82
N ILE A 54 3.97 1.55 -6.01
CA ILE A 54 4.53 2.73 -5.32
C ILE A 54 4.92 3.79 -6.36
N GLU A 55 5.69 3.44 -7.40
CA GLU A 55 6.04 4.42 -8.44
C GLU A 55 4.88 4.75 -9.41
N CYS A 56 3.68 4.20 -9.20
CA CYS A 56 2.45 4.57 -9.92
C CYS A 56 1.46 5.39 -9.06
N GLU A 57 1.50 5.25 -7.73
CA GLU A 57 0.46 5.73 -6.81
C GLU A 57 1.02 6.62 -5.67
N SER A 58 2.29 6.45 -5.26
CA SER A 58 3.00 7.26 -4.25
C SER A 58 3.44 8.63 -4.80
N GLN A 59 2.56 9.23 -5.59
CA GLN A 59 2.71 10.47 -6.31
C GLN A 59 1.37 11.21 -6.29
N GLU A 60 1.42 12.53 -6.12
CA GLU A 60 0.24 13.40 -6.05
C GLU A 60 0.58 14.76 -6.70
N MET A 61 -0.44 15.51 -7.11
CA MET A 61 -0.28 16.80 -7.77
C MET A 61 0.42 17.81 -6.85
N ASN A 62 1.14 18.79 -7.42
CA ASN A 62 1.95 19.75 -6.67
C ASN A 62 1.11 20.89 -6.05
N PHE A 63 -0.09 20.56 -5.57
CA PHE A 63 -1.03 21.42 -4.85
C PHE A 63 -0.77 21.43 -3.32
N GLY A 64 0.36 20.87 -2.87
CA GLY A 64 0.59 20.52 -1.48
C GLY A 64 0.05 19.11 -1.18
N LYS A 65 0.97 18.21 -0.81
CA LYS A 65 0.70 16.77 -0.66
C LYS A 65 1.68 16.12 0.31
N LYS A 66 1.27 15.04 0.96
CA LYS A 66 2.09 14.26 1.90
C LYS A 66 1.70 12.78 2.01
N LEU A 67 0.86 12.30 1.08
CA LEU A 67 0.59 10.87 0.90
C LEU A 67 1.92 10.13 0.60
N ILE A 68 2.14 9.01 1.27
CA ILE A 68 3.32 8.16 1.10
C ILE A 68 2.92 6.69 1.20
N LEU A 69 3.58 5.84 0.40
CA LEU A 69 3.41 4.40 0.37
C LEU A 69 4.80 3.75 0.54
N GLU A 70 4.95 2.78 1.44
CA GLU A 70 6.24 2.17 1.76
C GLU A 70 6.24 0.65 1.67
N VAL A 71 7.10 0.08 0.82
CA VAL A 71 7.27 -1.38 0.67
C VAL A 71 8.36 -1.92 1.59
N SER A 72 8.10 -3.10 2.14
CA SER A 72 9.08 -3.94 2.83
C SER A 72 8.86 -5.39 2.39
N SER A 73 9.93 -6.18 2.38
CA SER A 73 9.91 -7.55 1.85
C SER A 73 10.65 -8.49 2.80
N SER A 74 10.15 -9.72 2.93
CA SER A 74 10.76 -10.73 3.80
C SER A 74 12.04 -11.30 3.21
N ASN A 75 12.93 -11.80 4.06
CA ASN A 75 14.10 -12.56 3.63
C ASN A 75 13.66 -13.78 2.80
N ALA A 76 14.21 -13.93 1.60
CA ALA A 76 13.90 -14.99 0.65
C ALA A 76 15.18 -15.69 0.18
N ARG A 77 15.04 -16.93 -0.30
CA ARG A 77 16.13 -17.73 -0.86
C ARG A 77 15.66 -18.52 -2.07
N PRO A 1 6.57 -14.98 -3.56
CA PRO A 1 7.38 -14.18 -2.64
C PRO A 1 6.57 -13.12 -1.90
N LYS A 2 6.63 -13.12 -0.56
CA LYS A 2 5.82 -12.27 0.33
C LYS A 2 6.40 -10.86 0.50
N SER A 3 5.52 -9.85 0.48
CA SER A 3 5.84 -8.46 0.74
C SER A 3 4.82 -7.84 1.71
N ARG A 4 5.15 -6.69 2.31
CA ARG A 4 4.16 -5.81 2.97
C ARG A 4 4.34 -4.35 2.57
N LEU A 5 3.31 -3.57 2.80
CA LEU A 5 3.11 -2.23 2.28
C LEU A 5 2.41 -1.38 3.34
N PHE A 6 2.98 -0.20 3.59
CA PHE A 6 2.53 0.77 4.59
C PHE A 6 1.94 2.04 3.94
N ILE A 7 0.87 2.59 4.51
CA ILE A 7 0.27 3.87 4.09
C ILE A 7 0.82 5.04 4.92
N GLY A 8 1.78 5.78 4.37
CA GLY A 8 2.39 7.00 4.94
C GLY A 8 1.54 8.28 4.84
N ASN A 9 0.31 8.19 4.35
CA ASN A 9 -0.60 9.32 4.14
C ASN A 9 -1.38 9.75 5.42
N LEU A 10 -0.78 9.57 6.60
CA LEU A 10 -1.34 9.88 7.92
C LEU A 10 -2.74 9.29 8.17
N PRO A 11 -2.95 7.96 8.19
CA PRO A 11 -4.29 7.35 8.21
C PRO A 11 -5.04 7.42 9.56
N LEU A 12 -4.73 8.41 10.40
CA LEU A 12 -5.43 8.71 11.66
C LEU A 12 -6.74 9.46 11.37
N LYS A 13 -7.54 8.89 10.46
CA LYS A 13 -8.84 9.36 9.98
C LYS A 13 -9.70 8.13 9.63
N ASN A 14 -11.02 8.24 9.83
CA ASN A 14 -11.97 7.17 9.57
C ASN A 14 -11.83 6.62 8.14
N VAL A 15 -11.45 5.35 8.02
CA VAL A 15 -11.08 4.72 6.76
C VAL A 15 -11.58 3.27 6.69
N SER A 16 -11.91 2.81 5.49
CA SER A 16 -12.42 1.46 5.19
C SER A 16 -11.49 0.68 4.25
N LYS A 17 -11.59 -0.66 4.24
CA LYS A 17 -10.76 -1.58 3.44
C LYS A 17 -10.72 -1.23 1.95
N GLU A 18 -11.80 -0.65 1.41
CA GLU A 18 -11.87 -0.17 0.03
C GLU A 18 -10.83 0.91 -0.30
N ASP A 19 -10.40 1.72 0.66
CA ASP A 19 -9.35 2.75 0.48
C ASP A 19 -8.01 2.09 0.09
N LEU A 20 -7.66 0.99 0.76
CA LEU A 20 -6.46 0.21 0.47
C LEU A 20 -6.62 -0.63 -0.80
N PHE A 21 -7.82 -1.16 -1.06
CA PHE A 21 -8.13 -1.90 -2.28
C PHE A 21 -8.07 -1.02 -3.55
N ARG A 22 -8.48 0.25 -3.45
CA ARG A 22 -8.33 1.24 -4.55
C ARG A 22 -6.90 1.75 -4.70
N ILE A 23 -6.07 1.61 -3.65
CA ILE A 23 -4.62 1.78 -3.77
C ILE A 23 -4.09 0.58 -4.54
N PHE A 24 -3.90 -0.57 -3.89
CA PHE A 24 -3.43 -1.80 -4.54
C PHE A 24 -4.50 -2.89 -4.47
N SER A 25 -4.96 -3.29 -5.65
CA SER A 25 -5.61 -4.58 -5.93
C SER A 25 -5.36 -5.13 -7.34
N PRO A 26 -5.08 -4.32 -8.40
CA PRO A 26 -4.88 -4.86 -9.75
C PRO A 26 -3.41 -5.07 -10.13
N TYR A 27 -2.49 -5.16 -9.16
CA TYR A 27 -1.04 -5.30 -9.36
C TYR A 27 -0.49 -6.58 -8.70
N GLY A 28 0.50 -7.24 -9.32
CA GLY A 28 1.21 -8.36 -8.72
C GLY A 28 0.34 -9.56 -8.37
N HIS A 29 0.76 -10.33 -7.37
CA HIS A 29 0.12 -11.61 -7.04
C HIS A 29 -1.05 -11.47 -6.06
N ILE A 30 -1.07 -10.43 -5.21
CA ILE A 30 -2.08 -10.18 -4.14
C ILE A 30 -2.01 -11.26 -3.04
N MET A 31 -2.41 -10.95 -1.79
CA MET A 31 -2.61 -11.97 -0.76
C MET A 31 -3.60 -11.57 0.35
N GLN A 32 -3.36 -10.44 1.04
CA GLN A 32 -4.21 -9.96 2.15
C GLN A 32 -4.10 -8.44 2.41
N ILE A 33 -5.12 -7.82 2.99
CA ILE A 33 -5.10 -6.45 3.54
C ILE A 33 -5.45 -6.40 5.04
N ASN A 34 -4.92 -5.41 5.76
CA ASN A 34 -5.10 -5.22 7.21
C ASN A 34 -5.22 -3.72 7.55
N ILE A 35 -6.45 -3.22 7.70
CA ILE A 35 -6.71 -1.79 7.97
C ILE A 35 -7.14 -1.52 9.42
N LYS A 36 -6.63 -0.43 10.00
CA LYS A 36 -7.05 0.12 11.28
C LYS A 36 -7.31 1.63 11.16
N ASN A 37 -8.18 2.17 12.00
CA ASN A 37 -8.53 3.60 12.04
C ASN A 37 -7.43 4.46 12.73
N ALA A 38 -6.18 4.25 12.30
CA ALA A 38 -4.96 4.88 12.78
C ALA A 38 -3.86 4.80 11.71
N PHE A 39 -3.62 3.60 11.18
CA PHE A 39 -2.64 3.30 10.14
C PHE A 39 -3.14 2.12 9.29
N GLY A 40 -2.86 2.14 7.99
CA GLY A 40 -3.26 1.09 7.04
C GLY A 40 -2.08 0.25 6.57
N PHE A 41 -2.28 -1.06 6.44
CA PHE A 41 -1.29 -2.01 5.95
C PHE A 41 -1.87 -2.98 4.91
N ILE A 42 -1.01 -3.42 3.99
CA ILE A 42 -1.30 -4.39 2.95
C ILE A 42 -0.18 -5.45 2.97
N GLN A 43 -0.51 -6.73 2.83
CA GLN A 43 0.45 -7.82 2.74
C GLN A 43 0.17 -8.61 1.46
N PHE A 44 0.91 -8.33 0.39
CA PHE A 44 0.75 -8.96 -0.92
C PHE A 44 2.00 -9.72 -1.34
N ASP A 45 1.83 -10.74 -2.16
CA ASP A 45 2.91 -11.40 -2.87
C ASP A 45 3.29 -10.64 -4.17
N ASN A 46 4.48 -10.92 -4.71
CA ASN A 46 5.17 -10.21 -5.80
C ASN A 46 5.68 -8.80 -5.40
N PRO A 47 6.76 -8.69 -4.60
CA PRO A 47 7.31 -7.42 -4.12
C PRO A 47 7.70 -6.44 -5.22
N GLN A 48 8.25 -6.88 -6.36
CA GLN A 48 8.61 -6.00 -7.48
C GLN A 48 7.38 -5.30 -8.08
N SER A 49 6.22 -5.98 -8.09
CA SER A 49 4.94 -5.38 -8.51
C SER A 49 4.32 -4.50 -7.42
N VAL A 50 4.48 -4.84 -6.13
CA VAL A 50 4.10 -3.95 -5.02
C VAL A 50 4.89 -2.64 -5.09
N ARG A 51 6.19 -2.70 -5.38
CA ARG A 51 7.05 -1.54 -5.63
C ARG A 51 6.68 -0.79 -6.91
N ASP A 52 6.34 -1.49 -8.00
CA ASP A 52 5.86 -0.86 -9.23
C ASP A 52 4.54 -0.10 -9.03
N ALA A 53 3.69 -0.60 -8.12
CA ALA A 53 2.47 0.08 -7.73
C ALA A 53 2.76 1.30 -6.81
N ILE A 54 3.82 1.27 -5.99
CA ILE A 54 4.26 2.46 -5.22
C ILE A 54 4.63 3.61 -6.17
N GLU A 55 5.54 3.39 -7.12
CA GLU A 55 5.91 4.46 -8.07
C GLU A 55 4.71 4.94 -8.92
N CYS A 56 3.65 4.12 -9.04
CA CYS A 56 2.44 4.44 -9.80
C CYS A 56 1.33 5.12 -8.97
N GLU A 57 1.29 4.96 -7.65
CA GLU A 57 0.19 5.44 -6.79
C GLU A 57 0.65 6.32 -5.62
N SER A 58 1.93 6.26 -5.24
CA SER A 58 2.61 7.15 -4.27
C SER A 58 3.17 8.42 -4.94
N GLN A 59 2.65 8.80 -6.09
CA GLN A 59 3.19 9.85 -6.96
C GLN A 59 2.04 10.59 -7.65
N GLU A 60 1.91 11.90 -7.42
CA GLU A 60 1.01 12.77 -8.17
C GLU A 60 1.57 14.19 -8.27
N MET A 61 1.39 14.84 -9.44
CA MET A 61 1.79 16.25 -9.65
C MET A 61 0.72 17.27 -9.24
N ASN A 62 -0.46 16.82 -8.84
CA ASN A 62 -1.62 17.64 -8.44
C ASN A 62 -1.95 17.42 -6.97
N PHE A 63 -2.60 18.39 -6.34
CA PHE A 63 -3.07 18.29 -4.96
C PHE A 63 -4.37 17.47 -4.84
N GLY A 64 -4.40 16.27 -5.42
CA GLY A 64 -5.54 15.35 -5.34
C GLY A 64 -5.59 14.56 -4.04
N LYS A 65 -6.13 13.35 -4.11
CA LYS A 65 -6.09 12.34 -3.03
C LYS A 65 -4.70 11.66 -3.00
N LYS A 66 -3.63 12.46 -3.19
CA LYS A 66 -2.25 11.98 -3.41
C LYS A 66 -1.69 11.32 -2.16
N LEU A 67 -0.83 10.32 -2.34
CA LEU A 67 -0.47 9.38 -1.30
C LEU A 67 1.03 9.26 -1.09
N ILE A 68 1.40 8.79 0.10
CA ILE A 68 2.74 8.34 0.46
C ILE A 68 2.62 6.87 0.84
N LEU A 69 3.41 6.00 0.21
CA LEU A 69 3.40 4.55 0.39
C LEU A 69 4.85 4.04 0.60
N GLU A 70 5.03 2.95 1.33
CA GLU A 70 6.36 2.34 1.53
C GLU A 70 6.28 0.81 1.54
N VAL A 71 7.23 0.13 0.88
CA VAL A 71 7.35 -1.33 0.86
C VAL A 71 8.31 -1.82 1.96
N SER A 72 8.01 -2.98 2.54
CA SER A 72 8.91 -3.72 3.42
C SER A 72 8.90 -5.21 3.08
N SER A 73 10.04 -5.85 3.26
CA SER A 73 10.21 -7.28 3.08
C SER A 73 9.36 -8.09 4.07
N SER A 74 9.04 -9.34 3.72
CA SER A 74 8.52 -10.34 4.66
C SER A 74 9.40 -11.58 4.60
N ASN A 75 10.65 -11.41 5.03
CA ASN A 75 11.70 -12.43 4.93
C ASN A 75 11.69 -13.34 6.15
N ALA A 76 11.86 -14.65 5.95
CA ALA A 76 11.88 -15.63 7.03
C ALA A 76 13.20 -15.54 7.80
N ARG A 77 13.15 -15.30 9.11
CA ARG A 77 14.33 -15.11 9.98
C ARG A 77 14.37 -16.09 11.13
N PRO A 1 6.51 -15.44 -2.67
CA PRO A 1 7.23 -14.37 -1.95
C PRO A 1 6.37 -13.71 -0.87
N LYS A 2 6.96 -12.81 -0.06
CA LYS A 2 6.25 -12.04 0.97
C LYS A 2 6.69 -10.58 1.00
N SER A 3 5.70 -9.68 1.06
CA SER A 3 5.93 -8.24 1.23
C SER A 3 4.76 -7.58 1.93
N ARG A 4 5.02 -6.46 2.59
CA ARG A 4 4.01 -5.57 3.18
C ARG A 4 4.11 -4.17 2.59
N LEU A 5 2.96 -3.51 2.55
CA LEU A 5 2.78 -2.14 2.09
C LEU A 5 2.20 -1.32 3.24
N PHE A 6 2.84 -0.20 3.54
CA PHE A 6 2.46 0.76 4.57
C PHE A 6 2.08 2.11 3.94
N ILE A 7 1.05 2.76 4.49
CA ILE A 7 0.58 4.08 4.07
C ILE A 7 1.20 5.17 4.96
N GLY A 8 2.03 6.02 4.35
CA GLY A 8 2.65 7.20 4.96
C GLY A 8 1.78 8.46 4.94
N ASN A 9 0.60 8.42 4.29
CA ASN A 9 -0.40 9.50 4.31
C ASN A 9 -1.23 9.55 5.62
N LEU A 10 -0.65 9.17 6.76
CA LEU A 10 -1.22 9.25 8.11
C LEU A 10 -2.68 8.78 8.22
N PRO A 11 -2.96 7.45 8.20
CA PRO A 11 -4.33 6.89 8.27
C PRO A 11 -5.03 7.06 9.63
N LEU A 12 -4.68 8.08 10.40
CA LEU A 12 -5.23 8.46 11.71
C LEU A 12 -6.60 9.17 11.59
N LYS A 13 -7.25 9.03 10.43
CA LYS A 13 -8.55 9.58 10.02
C LYS A 13 -9.46 8.48 9.47
N ASN A 14 -10.78 8.71 9.49
CA ASN A 14 -11.81 7.77 9.05
C ASN A 14 -11.45 7.07 7.72
N VAL A 15 -11.38 5.74 7.73
CA VAL A 15 -10.90 4.94 6.61
C VAL A 15 -11.64 3.60 6.51
N SER A 16 -11.61 2.97 5.34
CA SER A 16 -12.26 1.68 5.03
C SER A 16 -11.31 0.74 4.29
N LYS A 17 -11.61 -0.58 4.28
CA LYS A 17 -10.88 -1.57 3.47
C LYS A 17 -10.78 -1.16 1.99
N GLU A 18 -11.80 -0.49 1.49
CA GLU A 18 -11.86 0.00 0.11
C GLU A 18 -10.85 1.12 -0.19
N ASP A 19 -10.34 1.85 0.81
CA ASP A 19 -9.27 2.84 0.62
C ASP A 19 -7.90 2.19 0.40
N LEU A 20 -7.61 1.08 1.09
CA LEU A 20 -6.38 0.30 0.85
C LEU A 20 -6.50 -0.50 -0.46
N PHE A 21 -7.70 -1.02 -0.76
CA PHE A 21 -7.96 -1.73 -2.03
C PHE A 21 -7.88 -0.80 -3.25
N ARG A 22 -8.43 0.43 -3.19
CA ARG A 22 -8.37 1.38 -4.33
C ARG A 22 -6.95 1.86 -4.60
N ILE A 23 -6.13 1.92 -3.55
CA ILE A 23 -4.68 2.11 -3.64
C ILE A 23 -4.09 0.88 -4.36
N PHE A 24 -3.91 -0.27 -3.69
CA PHE A 24 -3.31 -1.46 -4.32
C PHE A 24 -4.27 -2.67 -4.27
N SER A 25 -4.62 -3.20 -5.44
CA SER A 25 -5.30 -4.50 -5.58
C SER A 25 -5.14 -5.17 -6.96
N PRO A 26 -5.07 -4.46 -8.12
CA PRO A 26 -4.95 -5.11 -9.43
C PRO A 26 -3.47 -5.28 -9.83
N TYR A 27 -2.63 -5.71 -8.89
CA TYR A 27 -1.18 -5.87 -9.02
C TYR A 27 -0.74 -7.23 -8.46
N GLY A 28 0.37 -7.77 -8.95
CA GLY A 28 1.11 -8.85 -8.29
C GLY A 28 0.35 -10.16 -8.14
N HIS A 29 0.81 -10.97 -7.17
CA HIS A 29 0.20 -12.26 -6.84
C HIS A 29 -0.67 -12.23 -5.57
N ILE A 30 -0.69 -11.10 -4.86
CA ILE A 30 -1.59 -10.81 -3.71
C ILE A 30 -1.33 -11.70 -2.47
N MET A 31 -1.95 -11.39 -1.33
CA MET A 31 -2.09 -12.32 -0.19
C MET A 31 -3.28 -11.88 0.68
N GLN A 32 -3.13 -10.82 1.48
CA GLN A 32 -4.17 -10.28 2.36
C GLN A 32 -4.14 -8.75 2.51
N ILE A 33 -5.29 -8.18 2.85
CA ILE A 33 -5.50 -6.76 3.17
C ILE A 33 -5.93 -6.65 4.64
N ASN A 34 -5.34 -5.72 5.40
CA ASN A 34 -5.68 -5.52 6.82
C ASN A 34 -5.55 -4.05 7.22
N ILE A 35 -6.64 -3.48 7.71
CA ILE A 35 -6.75 -2.05 8.03
C ILE A 35 -7.24 -1.84 9.46
N LYS A 36 -6.77 -0.77 10.10
CA LYS A 36 -7.21 -0.33 11.42
C LYS A 36 -7.64 1.14 11.37
N ASN A 37 -8.52 1.54 12.28
CA ASN A 37 -8.93 2.92 12.53
C ASN A 37 -7.80 3.79 13.16
N ALA A 38 -6.57 3.68 12.63
CA ALA A 38 -5.37 4.45 13.00
C ALA A 38 -4.25 4.31 11.94
N PHE A 39 -4.06 3.11 11.41
CA PHE A 39 -3.02 2.78 10.42
C PHE A 39 -3.56 1.73 9.43
N GLY A 40 -3.17 1.84 8.15
CA GLY A 40 -3.62 0.95 7.08
C GLY A 40 -2.46 0.21 6.42
N PHE A 41 -2.65 -1.08 6.17
CA PHE A 41 -1.63 -1.98 5.66
C PHE A 41 -2.19 -2.96 4.61
N ILE A 42 -1.27 -3.49 3.82
CA ILE A 42 -1.48 -4.58 2.85
C ILE A 42 -0.30 -5.54 2.98
N GLN A 43 -0.53 -6.84 2.75
CA GLN A 43 0.54 -7.86 2.74
C GLN A 43 0.35 -8.74 1.52
N PHE A 44 1.18 -8.58 0.49
CA PHE A 44 1.03 -9.17 -0.85
C PHE A 44 2.26 -9.98 -1.29
N ASP A 45 2.04 -10.93 -2.17
CA ASP A 45 3.07 -11.64 -2.91
C ASP A 45 3.39 -10.92 -4.26
N ASN A 46 4.62 -11.12 -4.74
CA ASN A 46 5.37 -10.29 -5.71
C ASN A 46 5.73 -8.88 -5.20
N PRO A 47 6.81 -8.74 -4.37
CA PRO A 47 7.32 -7.44 -3.90
C PRO A 47 7.61 -6.43 -5.01
N GLN A 48 8.05 -6.87 -6.20
CA GLN A 48 8.38 -5.95 -7.30
C GLN A 48 7.13 -5.30 -7.89
N SER A 49 6.01 -6.01 -7.97
CA SER A 49 4.71 -5.41 -8.34
C SER A 49 4.20 -4.41 -7.32
N VAL A 50 4.51 -4.61 -6.02
CA VAL A 50 4.16 -3.68 -4.94
C VAL A 50 5.04 -2.42 -5.05
N ARG A 51 6.32 -2.55 -5.41
CA ARG A 51 7.17 -1.40 -5.79
C ARG A 51 6.67 -0.68 -7.04
N ASP A 52 6.23 -1.41 -8.07
CA ASP A 52 5.67 -0.79 -9.27
C ASP A 52 4.38 -0.02 -8.98
N ALA A 53 3.55 -0.55 -8.09
CA ALA A 53 2.36 0.12 -7.61
C ALA A 53 2.70 1.39 -6.80
N ILE A 54 3.81 1.43 -6.04
CA ILE A 54 4.30 2.67 -5.39
C ILE A 54 4.63 3.72 -6.44
N GLU A 55 5.46 3.41 -7.44
CA GLU A 55 5.83 4.42 -8.45
C GLU A 55 4.63 4.88 -9.29
N CYS A 56 3.63 4.02 -9.51
CA CYS A 56 2.41 4.38 -10.24
C CYS A 56 1.41 5.20 -9.39
N GLU A 57 1.26 4.90 -8.10
CA GLU A 57 0.25 5.52 -7.24
C GLU A 57 0.76 6.73 -6.44
N SER A 58 2.07 6.78 -6.15
CA SER A 58 2.73 7.92 -5.53
C SER A 58 2.88 9.12 -6.48
N GLN A 59 2.81 8.88 -7.79
CA GLN A 59 2.73 9.90 -8.86
C GLN A 59 1.60 10.89 -8.58
N GLU A 60 1.89 12.19 -8.55
CA GLU A 60 0.84 13.21 -8.55
C GLU A 60 0.25 13.38 -9.95
N MET A 61 -1.08 13.44 -10.01
CA MET A 61 -1.87 13.74 -11.20
C MET A 61 -2.90 14.84 -10.87
N ASN A 62 -3.62 15.37 -11.86
CA ASN A 62 -4.40 16.61 -11.74
C ASN A 62 -5.68 16.51 -10.88
N PHE A 63 -5.91 15.39 -10.18
CA PHE A 63 -7.09 15.13 -9.35
C PHE A 63 -6.74 14.79 -7.88
N GLY A 64 -5.58 15.24 -7.40
CA GLY A 64 -5.10 15.01 -6.02
C GLY A 64 -3.66 15.45 -5.80
N LYS A 65 -2.97 14.78 -4.87
CA LYS A 65 -1.55 14.98 -4.50
C LYS A 65 -0.73 13.70 -4.66
N LYS A 66 0.58 13.75 -4.33
CA LYS A 66 1.39 12.53 -4.15
C LYS A 66 0.91 11.75 -2.94
N LEU A 67 0.76 10.44 -3.11
CA LEU A 67 0.58 9.50 -2.00
C LEU A 67 1.95 8.97 -1.54
N ILE A 68 2.11 8.78 -0.24
CA ILE A 68 3.34 8.36 0.41
C ILE A 68 3.14 6.92 0.84
N LEU A 69 3.93 6.02 0.25
CA LEU A 69 3.71 4.58 0.27
C LEU A 69 5.06 3.87 0.47
N GLU A 70 5.10 2.82 1.28
CA GLU A 70 6.35 2.11 1.63
C GLU A 70 6.21 0.60 1.54
N VAL A 71 7.10 -0.05 0.77
CA VAL A 71 7.19 -1.52 0.66
C VAL A 71 8.37 -2.05 1.48
N SER A 72 8.14 -3.19 2.14
CA SER A 72 9.14 -3.95 2.89
C SER A 72 8.89 -5.45 2.76
N SER A 73 9.94 -6.25 2.71
CA SER A 73 9.86 -7.72 2.61
C SER A 73 10.40 -8.37 3.87
N SER A 74 9.60 -9.22 4.52
CA SER A 74 9.98 -9.92 5.75
C SER A 74 10.85 -11.15 5.47
N ASN A 75 11.76 -11.46 6.39
CA ASN A 75 12.74 -12.55 6.32
C ASN A 75 13.60 -12.55 5.02
N ALA A 76 13.70 -11.38 4.37
CA ALA A 76 14.35 -11.22 3.08
C ALA A 76 15.88 -11.38 3.14
N ARG A 77 16.46 -11.61 1.96
CA ARG A 77 17.88 -11.85 1.68
C ARG A 77 18.39 -10.95 0.57
N PRO A 1 6.21 -15.02 -2.15
CA PRO A 1 6.81 -13.98 -1.30
C PRO A 1 5.82 -13.32 -0.33
N LYS A 2 6.32 -12.57 0.67
CA LYS A 2 5.55 -11.88 1.73
C LYS A 2 5.94 -10.40 1.77
N SER A 3 5.15 -9.55 1.15
CA SER A 3 5.54 -8.19 0.76
C SER A 3 4.52 -7.18 1.27
N ARG A 4 4.84 -6.53 2.39
CA ARG A 4 3.95 -5.58 3.04
C ARG A 4 4.06 -4.19 2.45
N LEU A 5 2.97 -3.44 2.57
CA LEU A 5 2.82 -2.07 2.11
C LEU A 5 2.27 -1.22 3.25
N PHE A 6 2.95 -0.10 3.55
CA PHE A 6 2.57 0.86 4.58
C PHE A 6 1.95 2.15 3.99
N ILE A 7 0.90 2.66 4.61
CA ILE A 7 0.27 3.96 4.31
C ILE A 7 0.80 5.05 5.27
N GLY A 8 1.78 5.82 4.81
CA GLY A 8 2.41 6.90 5.58
C GLY A 8 1.61 8.19 5.64
N ASN A 9 0.71 8.43 4.67
CA ASN A 9 -0.03 9.68 4.46
C ASN A 9 -1.16 9.96 5.48
N LEU A 10 -0.81 10.02 6.77
CA LEU A 10 -1.65 10.39 7.91
C LEU A 10 -3.04 9.70 7.91
N PRO A 11 -3.12 8.34 7.86
CA PRO A 11 -4.39 7.58 7.87
C PRO A 11 -5.16 7.61 9.22
N LEU A 12 -4.67 8.38 10.20
CA LEU A 12 -5.13 8.40 11.61
C LEU A 12 -6.54 8.95 11.86
N LYS A 13 -7.30 9.36 10.82
CA LYS A 13 -8.61 10.03 10.97
C LYS A 13 -9.68 9.59 9.96
N ASN A 14 -9.29 9.17 8.77
CA ASN A 14 -10.19 8.69 7.72
C ASN A 14 -9.47 7.66 6.83
N VAL A 15 -9.72 6.37 7.09
CA VAL A 15 -9.19 5.28 6.25
C VAL A 15 -10.09 4.04 6.37
N SER A 16 -10.16 3.24 5.31
CA SER A 16 -10.85 1.94 5.28
C SER A 16 -10.12 0.96 4.36
N LYS A 17 -10.43 -0.34 4.48
CA LYS A 17 -9.87 -1.39 3.60
C LYS A 17 -10.19 -1.14 2.12
N GLU A 18 -11.31 -0.49 1.80
CA GLU A 18 -11.65 -0.07 0.44
C GLU A 18 -10.77 1.07 -0.10
N ASP A 19 -10.08 1.82 0.76
CA ASP A 19 -9.05 2.77 0.32
C ASP A 19 -7.75 2.02 -0.03
N LEU A 20 -7.32 1.10 0.84
CA LEU A 20 -6.17 0.21 0.58
C LEU A 20 -6.38 -0.59 -0.72
N PHE A 21 -7.60 -1.08 -0.94
CA PHE A 21 -8.01 -1.84 -2.13
C PHE A 21 -8.04 -1.00 -3.40
N ARG A 22 -8.58 0.24 -3.36
CA ARG A 22 -8.54 1.15 -4.52
C ARG A 22 -7.11 1.60 -4.83
N ILE A 23 -6.28 1.77 -3.80
CA ILE A 23 -4.86 2.07 -3.92
C ILE A 23 -4.16 0.91 -4.62
N PHE A 24 -4.02 -0.26 -3.98
CA PHE A 24 -3.35 -1.45 -4.52
C PHE A 24 -4.29 -2.67 -4.48
N SER A 25 -4.69 -3.15 -5.65
CA SER A 25 -5.18 -4.51 -5.92
C SER A 25 -5.12 -4.90 -7.42
N PRO A 26 -5.08 -3.97 -8.40
CA PRO A 26 -4.82 -4.30 -9.82
C PRO A 26 -3.37 -4.69 -10.18
N TYR A 27 -2.52 -5.02 -9.21
CA TYR A 27 -1.07 -5.24 -9.38
C TYR A 27 -0.63 -6.52 -8.65
N GLY A 28 0.47 -7.14 -9.09
CA GLY A 28 1.13 -8.25 -8.38
C GLY A 28 0.29 -9.53 -8.24
N HIS A 29 0.72 -10.44 -7.37
CA HIS A 29 0.06 -11.72 -7.15
C HIS A 29 -1.00 -11.67 -6.04
N ILE A 30 -0.97 -10.67 -5.16
CA ILE A 30 -1.91 -10.48 -4.04
C ILE A 30 -1.80 -11.58 -2.97
N MET A 31 -2.18 -11.28 -1.73
CA MET A 31 -2.35 -12.30 -0.67
C MET A 31 -3.36 -11.85 0.41
N GLN A 32 -3.11 -10.72 1.08
CA GLN A 32 -3.88 -10.27 2.25
C GLN A 32 -3.96 -8.72 2.35
N ILE A 33 -5.09 -8.19 2.83
CA ILE A 33 -5.34 -6.77 3.12
C ILE A 33 -5.61 -6.57 4.61
N ASN A 34 -4.91 -5.66 5.28
CA ASN A 34 -4.84 -5.60 6.74
C ASN A 34 -4.96 -4.15 7.25
N ILE A 35 -6.19 -3.68 7.45
CA ILE A 35 -6.49 -2.32 7.87
C ILE A 35 -6.80 -2.26 9.37
N LYS A 36 -6.29 -1.22 10.04
CA LYS A 36 -6.49 -0.90 11.46
C LYS A 36 -6.98 0.54 11.59
N ASN A 37 -7.71 0.87 12.66
CA ASN A 37 -8.36 2.20 12.81
C ASN A 37 -7.38 3.33 13.23
N ALA A 38 -6.11 3.21 12.85
CA ALA A 38 -5.04 4.18 13.04
C ALA A 38 -4.08 4.19 11.84
N PHE A 39 -3.72 3.02 11.31
CA PHE A 39 -2.86 2.88 10.13
C PHE A 39 -3.35 1.80 9.16
N GLY A 40 -3.11 2.03 7.86
CA GLY A 40 -3.43 1.09 6.80
C GLY A 40 -2.21 0.26 6.39
N PHE A 41 -2.39 -1.05 6.26
CA PHE A 41 -1.40 -1.97 5.71
C PHE A 41 -2.00 -2.90 4.63
N ILE A 42 -1.13 -3.36 3.75
CA ILE A 42 -1.35 -4.46 2.80
C ILE A 42 -0.23 -5.48 2.97
N GLN A 43 -0.50 -6.75 2.65
CA GLN A 43 0.36 -7.92 2.89
C GLN A 43 0.26 -8.84 1.65
N PHE A 44 0.98 -8.53 0.57
CA PHE A 44 0.78 -9.16 -0.75
C PHE A 44 1.94 -10.07 -1.19
N ASP A 45 1.68 -10.87 -2.22
CA ASP A 45 2.71 -11.59 -2.97
C ASP A 45 3.10 -10.81 -4.25
N ASN A 46 4.34 -11.01 -4.72
CA ASN A 46 5.08 -10.23 -5.73
C ASN A 46 5.47 -8.79 -5.30
N PRO A 47 6.61 -8.60 -4.60
CA PRO A 47 7.11 -7.29 -4.18
C PRO A 47 7.45 -6.37 -5.36
N GLN A 48 7.88 -6.93 -6.49
CA GLN A 48 8.21 -6.14 -7.69
C GLN A 48 7.04 -5.25 -8.09
N SER A 49 5.82 -5.79 -8.01
CA SER A 49 4.59 -5.07 -8.34
C SER A 49 3.99 -4.27 -7.17
N VAL A 50 4.28 -4.63 -5.92
CA VAL A 50 4.01 -3.72 -4.77
C VAL A 50 4.83 -2.44 -4.97
N ARG A 51 6.12 -2.55 -5.32
CA ARG A 51 6.97 -1.41 -5.69
C ARG A 51 6.51 -0.72 -6.98
N ASP A 52 6.13 -1.46 -8.02
CA ASP A 52 5.62 -0.85 -9.26
C ASP A 52 4.34 -0.03 -9.03
N ALA A 53 3.51 -0.45 -8.08
CA ALA A 53 2.34 0.30 -7.64
C ALA A 53 2.69 1.51 -6.76
N ILE A 54 3.77 1.47 -5.95
CA ILE A 54 4.28 2.66 -5.24
C ILE A 54 4.65 3.74 -6.26
N GLU A 55 5.46 3.42 -7.26
CA GLU A 55 5.83 4.37 -8.31
C GLU A 55 4.67 4.69 -9.29
N CYS A 56 3.57 3.93 -9.25
CA CYS A 56 2.34 4.27 -9.99
C CYS A 56 1.37 5.17 -9.20
N GLU A 57 1.42 5.18 -7.87
CA GLU A 57 0.35 5.76 -7.03
C GLU A 57 0.85 6.76 -5.98
N SER A 58 2.03 6.52 -5.37
CA SER A 58 2.67 7.40 -4.38
C SER A 58 3.34 8.62 -5.03
N GLN A 59 3.52 8.62 -6.35
CA GLN A 59 4.11 9.72 -7.10
C GLN A 59 3.15 10.92 -7.20
N GLU A 60 3.67 12.03 -7.71
CA GLU A 60 2.90 13.21 -8.06
C GLU A 60 2.80 13.32 -9.60
N MET A 61 1.63 13.67 -10.14
CA MET A 61 1.30 13.62 -11.58
C MET A 61 0.96 14.99 -12.18
N ASN A 62 1.38 16.09 -11.53
CA ASN A 62 1.00 17.48 -11.79
C ASN A 62 -0.52 17.75 -11.63
N PHE A 63 -1.19 16.95 -10.79
CA PHE A 63 -2.64 17.05 -10.52
C PHE A 63 -3.02 16.37 -9.20
N GLY A 64 -3.78 17.06 -8.36
CA GLY A 64 -4.26 16.57 -7.06
C GLY A 64 -3.19 16.51 -5.97
N LYS A 65 -3.58 15.96 -4.82
CA LYS A 65 -2.67 15.56 -3.73
C LYS A 65 -2.05 14.18 -3.99
N LYS A 66 -0.91 13.89 -3.37
CA LYS A 66 -0.24 12.57 -3.44
C LYS A 66 -0.51 11.68 -2.22
N LEU A 67 -0.11 10.42 -2.34
CA LEU A 67 -0.02 9.45 -1.24
C LEU A 67 1.45 9.14 -0.92
N ILE A 68 1.72 8.61 0.27
CA ILE A 68 3.06 8.26 0.74
C ILE A 68 3.05 6.79 1.13
N LEU A 69 3.64 5.97 0.25
CA LEU A 69 3.57 4.51 0.27
C LEU A 69 4.98 3.91 0.37
N GLU A 70 5.14 2.85 1.15
CA GLU A 70 6.42 2.14 1.34
C GLU A 70 6.27 0.62 1.36
N VAL A 71 7.21 -0.10 0.74
CA VAL A 71 7.28 -1.57 0.69
C VAL A 71 8.30 -2.11 1.70
N SER A 72 7.96 -3.22 2.35
CA SER A 72 8.74 -3.82 3.43
C SER A 72 8.51 -5.33 3.52
N SER A 73 9.50 -6.06 4.05
CA SER A 73 9.42 -7.51 4.33
C SER A 73 9.50 -7.80 5.84
N SER A 74 9.41 -6.76 6.67
CA SER A 74 9.44 -6.87 8.14
C SER A 74 8.18 -7.60 8.62
N ASN A 75 8.28 -8.48 9.61
CA ASN A 75 7.12 -9.20 10.14
C ASN A 75 6.39 -8.38 11.21
N ALA A 76 5.06 -8.48 11.24
CA ALA A 76 4.22 -7.80 12.22
C ALA A 76 3.91 -8.73 13.41
N ARG A 77 3.86 -8.15 14.62
CA ARG A 77 3.59 -8.86 15.87
C ARG A 77 2.74 -8.01 16.79
#